data_6ZZ8
#
_entry.id   6ZZ8
#
_cell.length_a   257.160
_cell.length_b   257.160
_cell.length_c   125.289
_cell.angle_alpha   90.000
_cell.angle_beta   90.000
_cell.angle_gamma   90.000
#
_symmetry.space_group_name_H-M   'P 42 21 2'
#
loop_
_entity.id
_entity.type
_entity.pdbx_description
1 polymer 'Centriole protein'
2 polymer 'Protein B'
3 water water
#
loop_
_entity_poly.entity_id
_entity_poly.type
_entity_poly.pdbx_seq_one_letter_code
_entity_poly.pdbx_strand_id
1 'polypeptide(L)'
;GSPLLLDDGDPKAQTGFDLSTATTLFWRPVPVHVKQQDREDVLEELTFRILTGVAKQNHNLRILRIHISSDSDLFFLHTL
EVSEEDFQSLKNDQGILVDFASFPGKIISLLEKCILAQPGDSPRFQAVLTIRGGESVFKIVEINDFKQLPHITLAFRPGN
DSVVKQFLAFRLSEVKGTCHDLSDDLSRTRDDRDSMVAQLAQCRQQLAQLREQYDKHLLEVQAQAKT
;
A,B,C,D,E,F
2 'polypeptide(L)'
;GSVSSVPTKLEVVAATPTSLLISWDAPAVTVYLYVITYGETGGNSPVQEFEVPGSKSTATISGLKPGVDYTITVYASSKH
SSRYASPISINYRT
;
G,H,I,J,K,L
#
# COMPACT_ATOMS: atom_id res chain seq x y z
N ASP A 8 -31.70 8.66 -13.06
CA ASP A 8 -30.67 9.63 -12.78
C ASP A 8 -29.60 9.06 -11.86
N GLY A 9 -28.33 9.34 -12.17
CA GLY A 9 -27.23 8.83 -11.39
C GLY A 9 -26.74 7.49 -11.88
N ASP A 10 -25.90 6.87 -11.04
CA ASP A 10 -25.35 5.57 -11.37
C ASP A 10 -26.39 4.48 -11.13
N PRO A 11 -26.67 3.63 -12.13
CA PRO A 11 -27.75 2.64 -12.00
C PRO A 11 -27.27 1.39 -11.27
N LYS A 12 -27.92 1.07 -10.16
CA LYS A 12 -27.65 -0.14 -9.40
C LYS A 12 -28.96 -0.64 -8.80
N ALA A 13 -28.85 -1.56 -7.84
CA ALA A 13 -30.03 -2.10 -7.17
C ALA A 13 -30.75 -1.01 -6.40
N GLN A 14 -31.96 -0.65 -6.83
CA GLN A 14 -32.70 0.43 -6.22
C GLN A 14 -34.05 -0.07 -5.69
N THR A 15 -34.02 -1.09 -4.84
CA THR A 15 -35.23 -1.60 -4.21
C THR A 15 -35.68 -0.64 -3.11
N GLY A 16 -36.94 -0.22 -3.17
CA GLY A 16 -37.47 0.76 -2.25
C GLY A 16 -38.21 1.86 -2.99
N PHE A 17 -37.70 3.09 -2.92
CA PHE A 17 -38.34 4.22 -3.55
C PHE A 17 -37.77 4.39 -4.96
N ASP A 18 -38.66 4.51 -5.94
CA ASP A 18 -38.26 4.66 -7.33
C ASP A 18 -38.07 6.14 -7.62
N LEU A 19 -36.80 6.58 -7.61
CA LEU A 19 -36.50 7.98 -7.87
C LEU A 19 -36.76 8.38 -9.31
N SER A 20 -36.73 7.42 -10.24
CA SER A 20 -37.04 7.73 -11.63
C SER A 20 -38.49 8.19 -11.78
N THR A 21 -39.41 7.53 -11.08
CA THR A 21 -40.82 7.87 -11.11
C THR A 21 -41.19 8.91 -10.06
N ALA A 22 -40.22 9.62 -9.51
CA ALA A 22 -40.48 10.59 -8.46
C ALA A 22 -41.03 11.89 -9.05
N THR A 23 -41.79 12.60 -8.22
CA THR A 23 -42.35 13.90 -8.56
C THR A 23 -41.95 14.88 -7.46
N THR A 24 -41.13 15.87 -7.83
CA THR A 24 -40.65 16.86 -6.87
C THR A 24 -41.70 17.93 -6.65
N LEU A 25 -41.95 18.26 -5.38
CA LEU A 25 -42.95 19.25 -4.98
C LEU A 25 -42.34 20.50 -4.41
N PHE A 26 -41.23 20.39 -3.68
CA PHE A 26 -40.63 21.51 -2.96
C PHE A 26 -39.12 21.28 -2.91
N TRP A 27 -38.35 22.32 -3.25
CA TRP A 27 -36.88 22.19 -3.24
C TRP A 27 -36.28 23.60 -3.20
N ARG A 28 -35.99 24.07 -1.99
CA ARG A 28 -35.39 25.39 -1.80
C ARG A 28 -34.81 25.45 -0.39
N PRO A 29 -33.81 26.30 -0.16
CA PRO A 29 -33.30 26.48 1.21
C PRO A 29 -34.32 27.17 2.10
N VAL A 30 -34.38 26.73 3.36
CA VAL A 30 -35.27 27.37 4.34
C VAL A 30 -34.50 27.51 5.65
N PRO A 31 -34.53 28.69 6.29
CA PRO A 31 -33.78 28.87 7.55
C PRO A 31 -34.36 28.07 8.70
N VAL A 32 -33.48 27.31 9.36
CA VAL A 32 -33.87 26.44 10.47
C VAL A 32 -32.77 26.47 11.53
N HIS A 33 -33.18 26.55 12.79
CA HIS A 33 -32.24 26.41 13.90
C HIS A 33 -31.92 24.94 14.15
N VAL A 34 -30.64 24.62 14.26
CA VAL A 34 -30.18 23.26 14.49
C VAL A 34 -29.69 23.17 15.94
N LYS A 35 -30.07 22.10 16.63
CA LYS A 35 -29.70 21.93 18.02
C LYS A 35 -28.78 20.73 18.15
N GLN A 36 -27.59 20.96 18.70
CA GLN A 36 -26.67 19.92 19.06
C GLN A 36 -26.28 20.16 20.51
N GLN A 37 -25.84 19.08 21.19
CA GLN A 37 -25.46 19.18 22.59
C GLN A 37 -24.18 19.96 22.75
N ASP A 38 -23.27 19.82 21.79
CA ASP A 38 -21.94 20.39 21.82
C ASP A 38 -21.85 21.71 21.07
N ARG A 39 -22.59 21.84 19.98
CA ARG A 39 -22.52 23.00 19.10
C ARG A 39 -23.63 23.97 19.43
N GLU A 40 -23.27 25.26 19.51
CA GLU A 40 -24.27 26.28 19.74
C GLU A 40 -25.26 26.24 18.58
N ASP A 41 -26.52 26.59 18.88
CA ASP A 41 -27.55 26.49 17.85
C ASP A 41 -27.28 27.53 16.76
N VAL A 42 -27.29 27.03 15.52
CA VAL A 42 -26.91 27.80 14.34
C VAL A 42 -28.10 27.85 13.40
N LEU A 43 -28.39 29.05 12.88
CA LEU A 43 -29.48 29.28 11.94
C LEU A 43 -28.93 29.06 10.53
N GLU A 44 -29.11 27.85 9.99
CA GLU A 44 -28.68 27.54 8.64
C GLU A 44 -29.89 27.35 7.73
N GLU A 45 -29.88 28.02 6.58
CA GLU A 45 -30.94 27.80 5.61
C GLU A 45 -30.72 26.44 4.95
N LEU A 46 -30.93 25.37 5.72
CA LEU A 46 -30.80 24.03 5.20
C LEU A 46 -31.72 23.85 4.00
N THR A 47 -31.24 23.14 2.98
CA THR A 47 -32.06 22.93 1.81
C THR A 47 -32.97 21.74 2.03
N PHE A 48 -34.23 21.88 1.64
CA PHE A 48 -35.20 20.83 1.81
C PHE A 48 -35.68 20.37 0.44
N ARG A 49 -36.11 19.13 0.37
CA ARG A 49 -36.66 18.61 -0.88
C ARG A 49 -37.74 17.60 -0.55
N ILE A 50 -38.92 17.80 -1.14
CA ILE A 50 -40.08 16.96 -0.91
C ILE A 50 -40.46 16.28 -2.22
N LEU A 51 -40.68 14.97 -2.16
CA LEU A 51 -40.95 14.16 -3.34
C LEU A 51 -42.10 13.21 -3.04
N THR A 52 -42.96 13.00 -4.03
CA THR A 52 -44.01 12.00 -3.94
C THR A 52 -43.78 10.97 -5.04
N GLY A 53 -44.13 9.72 -4.76
CA GLY A 53 -43.92 8.69 -5.76
C GLY A 53 -44.44 7.35 -5.31
N VAL A 54 -43.92 6.30 -5.94
CA VAL A 54 -44.30 4.93 -5.64
C VAL A 54 -43.06 4.09 -5.41
N ALA A 55 -43.26 2.94 -4.78
CA ALA A 55 -42.18 2.02 -4.49
C ALA A 55 -41.83 1.19 -5.73
N LYS A 56 -40.57 0.77 -5.81
CA LYS A 56 -40.16 -0.10 -6.91
C LYS A 56 -40.87 -1.45 -6.84
N GLN A 57 -41.08 -1.98 -5.64
CA GLN A 57 -41.74 -3.27 -5.50
C GLN A 57 -43.18 -3.22 -6.00
N ASN A 58 -43.94 -2.21 -5.59
CA ASN A 58 -45.34 -2.10 -5.97
C ASN A 58 -45.65 -0.66 -6.35
N HIS A 59 -46.25 -0.48 -7.54
CA HIS A 59 -46.63 0.83 -8.03
C HIS A 59 -47.97 1.33 -7.46
N ASN A 60 -48.74 0.45 -6.84
CA ASN A 60 -50.04 0.85 -6.29
C ASN A 60 -49.91 1.54 -4.94
N LEU A 61 -48.76 1.44 -4.28
CA LEU A 61 -48.53 2.05 -2.98
C LEU A 61 -47.83 3.39 -3.15
N ARG A 62 -48.38 4.43 -2.54
CA ARG A 62 -47.81 5.78 -2.62
C ARG A 62 -46.92 6.04 -1.42
N ILE A 63 -45.85 6.79 -1.66
CA ILE A 63 -44.82 7.07 -0.66
C ILE A 63 -44.41 8.54 -0.78
N LEU A 64 -44.28 9.19 0.38
CA LEU A 64 -43.80 10.56 0.47
C LEU A 64 -42.39 10.55 1.06
N ARG A 65 -41.54 11.45 0.57
CA ARG A 65 -40.14 11.50 0.91
C ARG A 65 -39.70 12.93 1.17
N ILE A 66 -38.95 13.13 2.23
CA ILE A 66 -38.42 14.44 2.60
C ILE A 66 -36.93 14.29 2.86
N HIS A 67 -36.13 15.15 2.23
CA HIS A 67 -34.68 15.16 2.41
C HIS A 67 -34.25 16.52 2.93
N ILE A 68 -33.41 16.52 3.96
CA ILE A 68 -32.77 17.70 4.50
C ILE A 68 -31.29 17.61 4.17
N SER A 69 -30.81 18.55 3.36
CA SER A 69 -29.42 18.64 2.96
C SER A 69 -28.83 19.98 3.41
N SER A 70 -27.51 20.05 3.37
CA SER A 70 -26.75 21.21 3.81
C SER A 70 -25.75 21.57 2.72
N ASP A 71 -26.01 22.67 2.00
CA ASP A 71 -25.09 23.09 0.95
C ASP A 71 -23.70 23.43 1.49
N SER A 72 -23.61 23.84 2.76
CA SER A 72 -22.29 24.11 3.32
C SER A 72 -21.55 22.81 3.65
N ASP A 73 -22.13 22.02 4.56
CA ASP A 73 -21.59 20.74 5.00
C ASP A 73 -22.38 19.63 4.32
N LEU A 74 -21.83 19.06 3.25
CA LEU A 74 -22.61 18.11 2.45
C LEU A 74 -22.56 16.69 3.03
N PHE A 75 -22.13 16.55 4.27
CA PHE A 75 -22.17 15.25 4.91
C PHE A 75 -23.41 15.13 5.78
N PHE A 76 -24.10 16.25 5.99
CA PHE A 76 -25.32 16.33 6.79
C PHE A 76 -26.52 16.04 5.89
N LEU A 77 -26.88 14.76 5.78
CA LEU A 77 -28.08 14.35 5.06
C LEU A 77 -29.04 13.68 6.04
N HIS A 78 -30.32 14.03 5.96
CA HIS A 78 -31.33 13.33 6.74
C HIS A 78 -32.58 13.07 5.89
N THR A 79 -33.18 11.90 6.09
CA THR A 79 -34.27 11.43 5.25
C THR A 79 -35.49 11.10 6.10
N LEU A 80 -36.66 11.21 5.48
CA LEU A 80 -37.92 10.79 6.09
C LEU A 80 -38.82 10.19 5.02
N GLU A 81 -39.30 8.97 5.27
CA GLU A 81 -40.19 8.25 4.36
C GLU A 81 -41.51 7.95 5.05
N VAL A 82 -42.62 8.24 4.37
CA VAL A 82 -43.96 8.04 4.93
C VAL A 82 -44.82 7.31 3.90
N SER A 83 -45.26 6.11 4.25
CA SER A 83 -46.24 5.40 3.44
C SER A 83 -47.66 5.82 3.83
N GLU A 84 -48.64 5.40 3.04
CA GLU A 84 -50.03 5.76 3.31
C GLU A 84 -50.52 5.15 4.62
N GLU A 85 -50.12 3.90 4.91
CA GLU A 85 -50.45 3.30 6.20
C GLU A 85 -49.77 4.03 7.34
N ASP A 86 -48.46 4.31 7.17
CA ASP A 86 -47.78 5.12 8.16
C ASP A 86 -48.39 6.52 8.23
N PHE A 87 -48.98 7.00 7.12
CA PHE A 87 -49.67 8.27 7.19
C PHE A 87 -50.91 8.19 8.07
N GLN A 88 -51.64 7.07 8.00
CA GLN A 88 -52.77 6.87 8.89
C GLN A 88 -52.31 6.86 10.35
N SER A 89 -51.20 6.16 10.61
CA SER A 89 -50.67 6.10 11.98
C SER A 89 -50.28 7.48 12.47
N LEU A 90 -49.56 8.25 11.64
CA LEU A 90 -49.15 9.60 12.03
C LEU A 90 -50.35 10.52 12.21
N LYS A 91 -51.37 10.36 11.36
CA LYS A 91 -52.57 11.18 11.46
C LYS A 91 -53.30 10.91 12.77
N ASN A 92 -53.37 9.65 13.19
CA ASN A 92 -53.97 9.34 14.49
C ASN A 92 -53.09 9.82 15.64
N ASP A 93 -51.76 9.77 15.48
CA ASP A 93 -50.88 10.12 16.58
C ASP A 93 -50.86 11.62 16.83
N GLN A 94 -50.71 12.43 15.77
CA GLN A 94 -50.61 13.87 15.91
C GLN A 94 -51.95 14.57 15.66
N GLY A 95 -53.03 13.83 15.47
CA GLY A 95 -54.34 14.43 15.32
C GLY A 95 -54.51 15.24 14.05
N ILE A 96 -53.91 14.79 12.95
CA ILE A 96 -54.09 15.44 11.66
C ILE A 96 -55.49 15.14 11.14
N LEU A 97 -56.03 16.05 10.32
CA LEU A 97 -57.36 15.89 9.76
C LEU A 97 -57.38 15.74 8.25
N VAL A 98 -56.30 16.09 7.55
CA VAL A 98 -56.28 16.04 6.10
C VAL A 98 -55.92 14.64 5.62
N ASP A 99 -56.10 14.39 4.31
CA ASP A 99 -55.76 13.12 3.70
C ASP A 99 -54.29 13.10 3.28
N PHE A 100 -53.86 11.96 2.73
CA PHE A 100 -52.48 11.81 2.28
C PHE A 100 -52.13 12.83 1.21
N ALA A 101 -53.09 13.14 0.32
CA ALA A 101 -52.79 14.02 -0.81
C ALA A 101 -52.50 15.43 -0.34
N SER A 102 -53.24 15.93 0.66
CA SER A 102 -53.08 17.29 1.13
C SER A 102 -52.00 17.45 2.19
N PHE A 103 -51.42 16.36 2.67
CA PHE A 103 -50.34 16.45 3.65
C PHE A 103 -49.15 17.27 3.16
N PRO A 104 -48.55 16.99 1.99
CA PRO A 104 -47.41 17.82 1.56
C PRO A 104 -47.76 19.27 1.35
N GLY A 105 -48.98 19.57 0.92
CA GLY A 105 -49.38 20.97 0.77
C GLY A 105 -49.35 21.73 2.08
N LYS A 106 -49.89 21.12 3.15
CA LYS A 106 -49.86 21.77 4.45
C LYS A 106 -48.44 21.87 4.99
N ILE A 107 -47.62 20.83 4.76
CA ILE A 107 -46.22 20.91 5.19
C ILE A 107 -45.52 22.07 4.50
N ILE A 108 -45.75 22.23 3.19
CA ILE A 108 -45.10 23.31 2.45
C ILE A 108 -45.63 24.66 2.89
N SER A 109 -46.93 24.74 3.22
CA SER A 109 -47.47 26.00 3.73
C SER A 109 -46.81 26.39 5.05
N LEU A 110 -46.63 25.43 5.95
CA LEU A 110 -45.94 25.72 7.20
C LEU A 110 -44.49 26.12 6.97
N LEU A 111 -43.82 25.46 6.02
CA LEU A 111 -42.45 25.84 5.70
C LEU A 111 -42.39 27.26 5.13
N GLU A 112 -43.39 27.64 4.33
CA GLU A 112 -43.44 29.01 3.81
C GLU A 112 -43.66 30.01 4.93
N LYS A 113 -44.54 29.69 5.88
CA LYS A 113 -44.67 30.53 7.07
C LYS A 113 -43.34 30.66 7.80
N CYS A 114 -42.56 29.57 7.83
CA CYS A 114 -41.25 29.61 8.49
C CYS A 114 -40.28 30.53 7.76
N ILE A 115 -40.25 30.46 6.42
CA ILE A 115 -39.25 31.24 5.69
C ILE A 115 -39.57 32.74 5.73
N LEU A 116 -40.84 33.11 5.56
CA LEU A 116 -41.22 34.52 5.55
C LEU A 116 -41.31 35.12 6.94
N ALA A 117 -40.85 34.43 7.97
CA ALA A 117 -40.94 34.95 9.32
C ALA A 117 -40.00 36.15 9.48
N GLN A 118 -40.55 37.27 9.85
CA GLN A 118 -39.77 38.46 10.18
C GLN A 118 -39.43 38.45 11.67
N PRO A 119 -38.32 39.06 12.07
CA PRO A 119 -37.96 39.07 13.50
C PRO A 119 -39.07 39.59 14.40
N GLY A 120 -39.83 40.58 13.94
CA GLY A 120 -40.96 41.07 14.70
C GLY A 120 -42.28 40.61 14.12
N ASP A 121 -42.82 39.52 14.67
CA ASP A 121 -44.07 38.94 14.19
C ASP A 121 -44.73 38.19 15.34
N SER A 122 -46.06 38.30 15.41
CA SER A 122 -46.82 37.61 16.44
C SER A 122 -48.10 37.01 15.87
N PRO A 123 -48.25 35.67 15.91
CA PRO A 123 -47.25 34.73 16.40
C PRO A 123 -46.18 34.48 15.35
N ARG A 124 -44.95 34.18 15.75
CA ARG A 124 -43.88 33.97 14.78
C ARG A 124 -43.59 32.48 14.63
N PHE A 125 -43.64 32.01 13.39
CA PHE A 125 -43.39 30.60 13.07
C PHE A 125 -41.91 30.37 12.81
N GLN A 126 -41.37 29.31 13.37
CA GLN A 126 -39.95 28.99 13.22
C GLN A 126 -39.80 27.48 13.06
N ALA A 127 -38.67 27.06 12.51
CA ALA A 127 -38.35 25.65 12.35
C ALA A 127 -37.08 25.33 13.13
N VAL A 128 -37.07 24.18 13.81
CA VAL A 128 -35.93 23.78 14.63
C VAL A 128 -35.69 22.30 14.46
N LEU A 129 -34.41 21.92 14.37
CA LEU A 129 -33.99 20.54 14.22
C LEU A 129 -33.04 20.18 15.35
N THR A 130 -33.35 19.12 16.08
CA THR A 130 -32.52 18.63 17.18
C THR A 130 -31.80 17.37 16.71
N ILE A 131 -30.48 17.42 16.73
CA ILE A 131 -29.65 16.34 16.21
C ILE A 131 -29.07 15.54 17.36
N ARG A 132 -29.41 14.25 17.41
CA ARG A 132 -28.88 13.30 18.40
C ARG A 132 -28.12 12.27 17.58
N GLY A 133 -26.81 12.49 17.39
CA GLY A 133 -26.13 11.51 16.59
C GLY A 133 -26.75 11.47 15.20
N GLY A 134 -26.47 10.38 14.50
CA GLY A 134 -27.08 10.09 13.22
C GLY A 134 -28.56 10.40 13.13
N GLU A 135 -29.27 10.47 14.27
CA GLU A 135 -30.70 10.69 14.26
C GLU A 135 -31.04 12.16 14.49
N SER A 136 -32.28 12.52 14.15
CA SER A 136 -32.72 13.91 14.21
C SER A 136 -34.22 13.97 14.44
N VAL A 137 -34.67 15.07 15.03
CA VAL A 137 -36.08 15.36 15.24
C VAL A 137 -36.35 16.79 14.79
N PHE A 138 -37.18 16.96 13.77
CA PHE A 138 -37.50 18.27 13.22
C PHE A 138 -38.90 18.69 13.64
N LYS A 139 -39.04 19.91 14.12
CA LYS A 139 -40.33 20.42 14.57
C LYS A 139 -40.48 21.90 14.21
N ILE A 140 -41.67 22.25 13.74
CA ILE A 140 -42.05 23.64 13.52
C ILE A 140 -42.75 24.17 14.76
N VAL A 141 -42.37 25.36 15.20
CA VAL A 141 -42.79 25.91 16.48
C VAL A 141 -43.47 27.26 16.24
N GLU A 142 -44.37 27.62 17.16
CA GLU A 142 -44.99 28.94 17.21
C GLU A 142 -44.47 29.65 18.44
N ILE A 143 -43.93 30.84 18.25
CA ILE A 143 -43.45 31.68 19.33
C ILE A 143 -44.53 32.75 19.46
N ASN A 144 -45.39 32.57 20.46
CA ASN A 144 -46.43 33.52 20.82
C ASN A 144 -45.91 34.38 21.98
N ASP A 145 -46.78 35.25 22.50
CA ASP A 145 -46.43 36.02 23.68
C ASP A 145 -46.30 35.13 24.91
N PHE A 146 -46.83 33.90 24.84
CA PHE A 146 -46.92 33.02 25.99
C PHE A 146 -45.82 31.95 25.97
N LYS A 147 -45.90 31.02 25.01
CA LYS A 147 -45.08 29.83 25.03
C LYS A 147 -44.59 29.51 23.61
N GLN A 148 -43.64 28.58 23.54
CA GLN A 148 -43.15 28.03 22.28
C GLN A 148 -43.89 26.72 22.04
N LEU A 149 -45.01 26.82 21.33
CA LEU A 149 -45.78 25.59 21.19
C LEU A 149 -45.47 24.88 19.88
N PRO A 150 -45.30 23.55 19.89
CA PRO A 150 -44.97 22.84 18.65
C PRO A 150 -46.21 22.59 17.81
N HIS A 151 -46.15 22.97 16.53
CA HIS A 151 -47.23 22.66 15.59
C HIS A 151 -47.18 21.21 15.15
N ILE A 152 -46.06 20.82 14.56
CA ILE A 152 -45.86 19.47 14.04
C ILE A 152 -44.45 19.03 14.42
N THR A 153 -44.31 17.75 14.75
CA THR A 153 -43.03 17.17 15.14
C THR A 153 -42.73 16.01 14.20
N LEU A 154 -41.54 16.02 13.61
CA LEU A 154 -41.16 14.99 12.65
C LEU A 154 -39.81 14.41 13.02
N ALA A 155 -39.66 13.11 12.77
CA ALA A 155 -38.44 12.37 13.06
C ALA A 155 -37.70 12.10 11.77
N PHE A 156 -36.37 12.22 11.83
CA PHE A 156 -35.51 12.00 10.67
C PHE A 156 -34.45 10.97 11.02
N ARG A 157 -34.03 10.23 10.01
CA ARG A 157 -33.10 9.12 10.14
C ARG A 157 -32.02 9.21 9.08
N PRO A 158 -30.90 8.51 9.26
CA PRO A 158 -29.91 8.43 8.19
C PRO A 158 -30.47 7.70 6.99
N GLY A 159 -30.05 8.13 5.80
CA GLY A 159 -30.58 7.56 4.58
C GLY A 159 -30.04 6.17 4.30
N ASN A 160 -30.75 5.45 3.46
CA ASN A 160 -30.28 4.16 2.99
C ASN A 160 -29.00 4.35 2.19
N ASP A 161 -28.20 3.27 2.10
CA ASP A 161 -26.93 3.38 1.38
C ASP A 161 -27.15 3.73 -0.09
N SER A 162 -28.25 3.27 -0.68
CA SER A 162 -28.52 3.55 -2.09
C SER A 162 -28.84 5.03 -2.32
N VAL A 163 -29.74 5.58 -1.50
CA VAL A 163 -30.14 6.97 -1.69
C VAL A 163 -28.97 7.90 -1.41
N VAL A 164 -28.15 7.55 -0.41
CA VAL A 164 -26.94 8.32 -0.13
C VAL A 164 -25.97 8.24 -1.30
N LYS A 165 -25.82 7.05 -1.90
CA LYS A 165 -24.97 6.90 -3.07
C LYS A 165 -25.41 7.83 -4.20
N GLN A 166 -26.71 7.82 -4.51
CA GLN A 166 -27.19 8.64 -5.62
C GLN A 166 -27.15 10.13 -5.31
N PHE A 167 -27.35 10.51 -4.05
CA PHE A 167 -27.24 11.92 -3.68
C PHE A 167 -25.80 12.41 -3.79
N LEU A 168 -24.85 11.59 -3.33
CA LEU A 168 -23.43 11.95 -3.50
C LEU A 168 -23.06 12.04 -4.96
N ALA A 169 -23.63 11.15 -5.80
CA ALA A 169 -23.34 11.21 -7.23
C ALA A 169 -23.87 12.50 -7.85
N PHE A 170 -25.08 12.91 -7.46
CA PHE A 170 -25.64 14.16 -7.99
C PHE A 170 -24.78 15.36 -7.61
N ARG A 171 -24.40 15.46 -6.33
CA ARG A 171 -23.57 16.58 -5.92
C ARG A 171 -22.21 16.55 -6.61
N LEU A 172 -21.61 15.36 -6.75
CA LEU A 172 -20.33 15.25 -7.41
C LEU A 172 -20.41 15.73 -8.85
N SER A 173 -21.48 15.35 -9.55
CA SER A 173 -21.65 15.80 -10.93
C SER A 173 -21.77 17.32 -11.01
N GLU A 174 -22.57 17.91 -10.12
CA GLU A 174 -22.70 19.37 -10.14
C GLU A 174 -21.37 20.07 -9.87
N VAL A 175 -20.62 19.59 -8.88
CA VAL A 175 -19.37 20.26 -8.53
C VAL A 175 -18.33 20.08 -9.64
N LYS A 176 -18.30 18.91 -10.27
CA LYS A 176 -17.39 18.70 -11.39
C LYS A 176 -17.73 19.61 -12.56
N GLY A 177 -19.01 19.78 -12.86
CA GLY A 177 -19.40 20.70 -13.92
C GLY A 177 -18.98 22.13 -13.62
N THR A 178 -19.19 22.57 -12.36
CA THR A 178 -18.80 23.92 -12.01
C THR A 178 -17.30 24.13 -12.17
N CYS A 179 -16.50 23.15 -11.72
CA CYS A 179 -15.05 23.29 -11.81
C CYS A 179 -14.58 23.26 -13.27
N HIS A 180 -15.25 22.47 -14.11
CA HIS A 180 -14.89 22.40 -15.52
C HIS A 180 -15.17 23.73 -16.22
N ASP A 181 -16.35 24.32 -15.95
CA ASP A 181 -16.66 25.63 -16.53
C ASP A 181 -15.66 26.69 -16.07
N LEU A 182 -15.31 26.67 -14.79
CA LEU A 182 -14.34 27.65 -14.28
C LEU A 182 -12.98 27.47 -14.94
N SER A 183 -12.56 26.22 -15.18
CA SER A 183 -11.29 25.99 -15.84
C SER A 183 -11.31 26.49 -17.29
N ASP A 184 -12.44 26.31 -17.98
CA ASP A 184 -12.56 26.85 -19.33
C ASP A 184 -12.44 28.39 -19.32
N ASP A 185 -13.16 29.04 -18.40
CA ASP A 185 -13.02 30.49 -18.31
C ASP A 185 -11.60 30.87 -17.94
N LEU A 186 -10.90 30.07 -17.14
CA LEU A 186 -9.52 30.44 -16.84
C LEU A 186 -8.62 30.29 -18.06
N SER A 187 -8.89 29.32 -18.94
CA SER A 187 -8.17 29.27 -20.21
C SER A 187 -8.39 30.55 -21.00
N ARG A 188 -9.64 31.03 -21.03
CA ARG A 188 -9.90 32.30 -21.70
C ARG A 188 -9.14 33.45 -21.03
N THR A 189 -9.05 33.45 -19.71
CA THR A 189 -8.32 34.50 -19.01
C THR A 189 -6.84 34.44 -19.31
N ARG A 190 -6.30 33.24 -19.51
CA ARG A 190 -4.89 33.11 -19.88
C ARG A 190 -4.65 33.66 -21.27
N ASP A 191 -5.61 33.43 -22.19
CA ASP A 191 -5.50 34.02 -23.52
C ASP A 191 -5.58 35.55 -23.44
N ASP A 192 -6.45 36.07 -22.59
CA ASP A 192 -6.55 37.52 -22.42
C ASP A 192 -5.26 38.08 -21.81
N ARG A 193 -4.65 37.33 -20.88
CA ARG A 193 -3.38 37.77 -20.32
C ARG A 193 -2.30 37.82 -21.38
N ASP A 194 -2.24 36.81 -22.26
CA ASP A 194 -1.25 36.83 -23.32
C ASP A 194 -1.44 38.04 -24.24
N SER A 195 -2.70 38.33 -24.59
CA SER A 195 -2.96 39.47 -25.47
C SER A 195 -2.59 40.79 -24.81
N MET A 196 -2.99 40.96 -23.54
CA MET A 196 -2.68 42.20 -22.82
C MET A 196 -1.18 42.37 -22.61
N VAL A 197 -0.45 41.26 -22.39
CA VAL A 197 1.00 41.29 -22.30
C VAL A 197 1.52 41.86 -23.61
N ALA A 198 1.45 41.08 -24.69
CA ALA A 198 1.85 41.57 -26.01
C ALA A 198 1.47 43.03 -26.29
N GLN A 199 0.34 43.49 -25.73
CA GLN A 199 -0.08 44.86 -26.02
C GLN A 199 0.71 45.89 -25.21
N LEU A 200 0.94 45.63 -23.92
CA LEU A 200 1.77 46.53 -23.15
C LEU A 200 3.20 46.53 -23.67
N ALA A 201 3.69 45.39 -24.11
CA ALA A 201 5.04 45.32 -24.65
C ALA A 201 5.16 46.21 -25.89
N GLN A 202 4.21 46.10 -26.81
CA GLN A 202 4.25 46.95 -28.00
C GLN A 202 4.08 48.42 -27.64
N CYS A 203 3.22 48.72 -26.66
CA CYS A 203 3.02 50.12 -26.27
C CYS A 203 4.27 50.73 -25.65
N ARG A 204 4.95 50.00 -24.75
CA ARG A 204 6.20 50.50 -24.20
C ARG A 204 7.27 50.64 -25.28
N GLN A 205 7.28 49.73 -26.24
CA GLN A 205 8.24 49.86 -27.35
C GLN A 205 7.98 51.15 -28.12
N GLN A 206 6.72 51.45 -28.41
CA GLN A 206 6.38 52.68 -29.12
C GLN A 206 6.74 53.92 -28.30
N LEU A 207 6.47 53.87 -26.99
CA LEU A 207 6.79 55.00 -26.13
C LEU A 207 8.30 55.25 -26.06
N ALA A 208 9.09 54.18 -25.95
CA ALA A 208 10.54 54.32 -25.96
C ALA A 208 11.02 54.91 -27.28
N GLN A 209 10.42 54.47 -28.39
CA GLN A 209 10.78 55.04 -29.69
C GLN A 209 10.48 56.53 -29.74
N LEU A 210 9.30 56.93 -29.24
CA LEU A 210 8.96 58.34 -29.25
C LEU A 210 9.90 59.16 -28.35
N ARG A 211 10.30 58.60 -27.21
CA ARG A 211 11.28 59.29 -26.38
C ARG A 211 12.60 59.45 -27.11
N GLU A 212 13.02 58.42 -27.86
CA GLU A 212 14.24 58.53 -28.65
C GLU A 212 14.11 59.63 -29.69
N GLN A 213 12.96 59.71 -30.37
CA GLN A 213 12.74 60.76 -31.35
C GLN A 213 12.77 62.14 -30.70
N TYR A 214 12.18 62.27 -29.51
CA TYR A 214 12.20 63.55 -28.80
C TYR A 214 13.62 63.95 -28.42
N ASP A 215 14.42 62.97 -27.99
CA ASP A 215 15.83 63.24 -27.69
C ASP A 215 16.59 63.66 -28.94
N LYS A 216 16.31 63.03 -30.08
CA LYS A 216 16.95 63.43 -31.33
C LYS A 216 16.58 64.87 -31.69
N HIS A 217 15.31 65.24 -31.52
CA HIS A 217 14.90 66.61 -31.79
C HIS A 217 15.60 67.59 -30.85
N LEU A 218 15.75 67.21 -29.57
CA LEU A 218 16.46 68.07 -28.62
C LEU A 218 17.92 68.23 -29.01
N LEU A 219 18.55 67.16 -29.51
CA LEU A 219 19.91 67.28 -30.01
C LEU A 219 19.97 68.20 -31.23
N GLU A 220 18.95 68.14 -32.09
CA GLU A 220 18.89 69.03 -33.23
C GLU A 220 18.78 70.49 -32.80
N VAL A 221 18.00 70.75 -31.75
CA VAL A 221 17.86 72.12 -31.25
C VAL A 221 19.19 72.64 -30.70
N GLN A 222 19.91 71.81 -29.97
CA GLN A 222 21.20 72.19 -29.42
C GLN A 222 22.25 72.32 -30.52
N ASP B 8 -12.58 8.20 7.70
CA ASP B 8 -13.74 7.56 7.12
C ASP B 8 -14.93 8.50 7.08
N GLY B 9 -15.27 9.01 5.91
CA GLY B 9 -16.39 9.91 5.76
C GLY B 9 -17.70 9.16 5.58
N ASP B 10 -18.73 9.64 6.27
CA ASP B 10 -20.07 9.03 6.26
C ASP B 10 -19.99 7.56 6.64
N PRO B 11 -19.62 7.23 7.88
CA PRO B 11 -19.45 5.82 8.25
C PRO B 11 -20.75 5.18 8.71
N LYS B 12 -20.84 3.88 8.46
CA LYS B 12 -21.97 3.08 8.91
C LYS B 12 -21.54 1.61 8.89
N ALA B 13 -22.16 0.83 9.79
CA ALA B 13 -21.72 -0.54 10.04
C ALA B 13 -22.68 -1.53 9.38
N GLN B 14 -22.15 -2.30 8.43
CA GLN B 14 -22.81 -3.50 7.92
C GLN B 14 -21.85 -4.67 8.07
N THR B 15 -22.38 -5.82 8.45
CA THR B 15 -21.55 -6.98 8.74
C THR B 15 -20.76 -7.40 7.51
N GLY B 16 -19.43 -7.35 7.62
CA GLY B 16 -18.55 -7.74 6.53
C GLY B 16 -17.10 -7.37 6.81
N PHE B 17 -16.52 -6.54 5.96
CA PHE B 17 -15.12 -6.14 6.10
C PHE B 17 -15.07 -4.87 6.93
N ASP B 18 -14.21 -4.86 7.95
CA ASP B 18 -14.10 -3.74 8.86
C ASP B 18 -13.09 -2.76 8.27
N LEU B 19 -13.60 -1.71 7.62
CA LEU B 19 -12.73 -0.71 7.00
C LEU B 19 -11.99 0.13 8.03
N SER B 20 -12.53 0.24 9.25
CA SER B 20 -11.83 0.96 10.30
C SER B 20 -10.51 0.27 10.66
N THR B 21 -10.52 -1.07 10.72
CA THR B 21 -9.35 -1.86 11.02
C THR B 21 -8.53 -2.21 9.78
N ALA B 22 -8.73 -1.49 8.68
CA ALA B 22 -8.03 -1.81 7.45
C ALA B 22 -6.60 -1.29 7.48
N THR B 23 -5.74 -1.95 6.71
CA THR B 23 -4.34 -1.55 6.57
C THR B 23 -4.06 -1.42 5.07
N THR B 24 -3.78 -0.19 4.64
CA THR B 24 -3.53 0.06 3.22
C THR B 24 -2.08 -0.27 2.89
N LEU B 25 -1.89 -1.00 1.79
CA LEU B 25 -0.56 -1.41 1.35
C LEU B 25 -0.12 -0.72 0.07
N PHE B 26 -1.05 -0.44 -0.84
CA PHE B 26 -0.73 0.14 -2.14
C PHE B 26 -1.89 1.02 -2.57
N TRP B 27 -1.59 2.24 -2.99
CA TRP B 27 -2.63 3.18 -3.42
C TRP B 27 -1.92 4.23 -4.28
N ARG B 28 -1.92 3.99 -5.59
CA ARG B 28 -1.23 4.85 -6.54
C ARG B 28 -1.84 4.63 -7.91
N PRO B 29 -1.80 5.62 -8.81
CA PRO B 29 -2.24 5.38 -10.18
C PRO B 29 -1.30 4.41 -10.88
N VAL B 30 -1.87 3.56 -11.73
CA VAL B 30 -1.10 2.58 -12.48
C VAL B 30 -1.54 2.61 -13.93
N PRO B 31 -0.62 2.72 -14.89
CA PRO B 31 -1.01 2.69 -16.30
C PRO B 31 -1.49 1.29 -16.68
N VAL B 32 -2.70 1.21 -17.22
CA VAL B 32 -3.33 -0.06 -17.54
C VAL B 32 -4.08 0.10 -18.85
N HIS B 33 -3.96 -0.90 -19.73
CA HIS B 33 -4.76 -0.94 -20.95
C HIS B 33 -6.15 -1.47 -20.62
N VAL B 34 -7.17 -0.76 -21.07
CA VAL B 34 -8.55 -1.17 -20.84
C VAL B 34 -9.14 -1.66 -22.15
N LYS B 35 -9.75 -2.85 -22.12
CA LYS B 35 -10.30 -3.49 -23.30
C LYS B 35 -11.78 -3.77 -23.08
N GLN B 36 -12.62 -3.32 -24.02
CA GLN B 36 -14.04 -3.59 -23.99
C GLN B 36 -14.42 -4.26 -25.30
N GLN B 37 -15.55 -4.96 -25.29
CA GLN B 37 -15.94 -5.70 -26.49
C GLN B 37 -16.35 -4.78 -27.63
N ASP B 38 -17.05 -3.69 -27.35
CA ASP B 38 -17.54 -2.81 -28.38
C ASP B 38 -16.70 -1.55 -28.56
N ARG B 39 -15.65 -1.36 -27.76
CA ARG B 39 -14.88 -0.13 -27.76
C ARG B 39 -13.41 -0.40 -28.08
N GLU B 40 -12.76 0.64 -28.60
CA GLU B 40 -11.33 0.60 -28.88
C GLU B 40 -10.53 0.54 -27.59
N ASP B 41 -9.33 -0.04 -27.69
CA ASP B 41 -8.45 -0.23 -26.55
C ASP B 41 -7.68 1.07 -26.28
N VAL B 42 -7.82 1.61 -25.08
CA VAL B 42 -7.24 2.89 -24.71
C VAL B 42 -6.38 2.72 -23.45
N LEU B 43 -5.22 3.36 -23.43
CA LEU B 43 -4.31 3.32 -22.27
C LEU B 43 -4.69 4.44 -21.31
N GLU B 44 -5.50 4.10 -20.31
CA GLU B 44 -5.95 5.04 -19.30
C GLU B 44 -5.34 4.68 -17.95
N GLU B 45 -4.73 5.65 -17.28
CA GLU B 45 -4.07 5.47 -15.98
C GLU B 45 -5.08 5.31 -14.85
N LEU B 46 -5.40 4.06 -14.52
CA LEU B 46 -6.34 3.74 -13.45
C LEU B 46 -5.63 3.67 -12.09
N THR B 47 -6.33 4.12 -11.05
CA THR B 47 -5.81 4.09 -9.68
C THR B 47 -6.14 2.76 -9.02
N PHE B 48 -5.19 2.23 -8.26
CA PHE B 48 -5.36 0.97 -7.56
C PHE B 48 -5.33 1.16 -6.04
N ARG B 49 -5.91 0.21 -5.33
CA ARG B 49 -5.94 0.20 -3.87
C ARG B 49 -5.84 -1.22 -3.36
N ILE B 50 -4.89 -1.46 -2.46
CA ILE B 50 -4.67 -2.77 -1.85
C ILE B 50 -4.90 -2.63 -0.35
N LEU B 51 -5.72 -3.51 0.21
CA LEU B 51 -6.10 -3.42 1.61
C LEU B 51 -6.07 -4.79 2.25
N THR B 52 -5.52 -4.86 3.46
CA THR B 52 -5.57 -6.07 4.29
C THR B 52 -6.27 -5.76 5.60
N GLY B 53 -6.98 -6.75 6.13
CA GLY B 53 -7.69 -6.55 7.37
C GLY B 53 -8.41 -7.81 7.80
N VAL B 54 -9.37 -7.62 8.69
CA VAL B 54 -10.18 -8.72 9.22
C VAL B 54 -11.66 -8.36 9.09
N ALA B 55 -12.49 -9.38 9.17
CA ALA B 55 -13.93 -9.23 9.07
C ALA B 55 -14.52 -8.73 10.38
N LYS B 56 -15.67 -8.04 10.27
CA LYS B 56 -16.38 -7.61 11.47
C LYS B 56 -16.84 -8.79 12.29
N GLN B 57 -17.27 -9.87 11.64
CA GLN B 57 -17.77 -11.03 12.35
C GLN B 57 -16.66 -11.69 13.18
N ASN B 58 -15.51 -11.93 12.56
CA ASN B 58 -14.41 -12.59 13.24
C ASN B 58 -13.09 -11.91 12.90
N HIS B 59 -12.33 -11.56 13.93
CA HIS B 59 -11.01 -10.97 13.74
C HIS B 59 -9.95 -12.02 13.47
N ASN B 60 -10.26 -13.29 13.69
CA ASN B 60 -9.31 -14.37 13.42
C ASN B 60 -9.24 -14.70 11.94
N LEU B 61 -10.22 -14.25 11.15
CA LEU B 61 -10.24 -14.47 9.72
C LEU B 61 -9.68 -13.24 9.02
N ARG B 62 -8.66 -13.44 8.20
CA ARG B 62 -8.02 -12.35 7.47
C ARG B 62 -8.56 -12.28 6.04
N ILE B 63 -8.64 -11.06 5.52
CA ILE B 63 -9.24 -10.81 4.22
C ILE B 63 -8.38 -9.80 3.47
N LEU B 64 -8.16 -10.05 2.18
CA LEU B 64 -7.46 -9.15 1.30
C LEU B 64 -8.47 -8.49 0.36
N ARG B 65 -8.27 -7.21 0.09
CA ARG B 65 -9.24 -6.44 -0.68
C ARG B 65 -8.50 -5.59 -1.70
N ILE B 66 -8.99 -5.58 -2.93
CA ILE B 66 -8.37 -4.83 -4.02
C ILE B 66 -9.46 -3.99 -4.70
N HIS B 67 -9.20 -2.71 -4.88
CA HIS B 67 -10.12 -1.79 -5.54
C HIS B 67 -9.45 -1.18 -6.76
N ILE B 68 -10.14 -1.21 -7.89
CA ILE B 68 -9.69 -0.53 -9.10
C ILE B 68 -10.64 0.64 -9.34
N SER B 69 -10.12 1.85 -9.23
CA SER B 69 -10.88 3.07 -9.46
C SER B 69 -10.26 3.87 -10.60
N SER B 70 -11.02 4.83 -11.11
CA SER B 70 -10.57 5.68 -12.22
C SER B 70 -10.84 7.14 -11.86
N ASP B 71 -9.80 7.84 -11.40
CA ASP B 71 -9.91 9.28 -11.19
C ASP B 71 -10.11 10.03 -12.51
N SER B 72 -9.74 9.41 -13.63
CA SER B 72 -9.88 10.05 -14.93
C SER B 72 -11.35 10.17 -15.34
N ASP B 73 -12.08 9.06 -15.33
CA ASP B 73 -13.48 9.12 -15.70
C ASP B 73 -14.31 9.67 -14.54
N LEU B 74 -15.63 9.61 -14.69
CA LEU B 74 -16.54 10.27 -13.76
C LEU B 74 -16.94 9.34 -12.63
N PHE B 75 -17.29 8.09 -12.95
CA PHE B 75 -17.60 7.09 -11.93
C PHE B 75 -17.06 5.75 -12.40
N PHE B 76 -16.34 5.08 -11.51
CA PHE B 76 -15.75 3.78 -11.82
C PHE B 76 -15.23 3.13 -10.55
N LEU B 77 -15.67 1.89 -10.29
CA LEU B 77 -15.17 1.15 -9.14
C LEU B 77 -15.40 -0.34 -9.39
N HIS B 78 -14.38 -1.15 -9.12
CA HIS B 78 -14.50 -2.60 -9.14
C HIS B 78 -13.73 -3.17 -7.97
N THR B 79 -14.28 -4.22 -7.36
CA THR B 79 -13.78 -4.74 -6.10
C THR B 79 -13.39 -6.21 -6.25
N LEU B 80 -12.45 -6.64 -5.40
CA LEU B 80 -12.03 -8.03 -5.31
C LEU B 80 -11.76 -8.39 -3.86
N GLU B 81 -12.38 -9.46 -3.38
CA GLU B 81 -12.20 -9.94 -2.02
C GLU B 81 -11.60 -11.33 -2.05
N VAL B 82 -10.58 -11.54 -1.22
CA VAL B 82 -9.87 -12.81 -1.14
C VAL B 82 -9.82 -13.18 0.34
N SER B 83 -10.49 -14.27 0.71
CA SER B 83 -10.36 -14.78 2.06
C SER B 83 -9.13 -15.68 2.17
N GLU B 84 -8.77 -15.99 3.42
CA GLU B 84 -7.63 -16.89 3.62
C GLU B 84 -7.95 -18.28 3.09
N GLU B 85 -9.20 -18.72 3.25
CA GLU B 85 -9.62 -20.01 2.69
C GLU B 85 -9.60 -19.98 1.17
N ASP B 86 -10.17 -18.92 0.57
CA ASP B 86 -10.17 -18.76 -0.88
C ASP B 86 -8.76 -18.64 -1.46
N PHE B 87 -7.79 -18.19 -0.65
CA PHE B 87 -6.43 -18.05 -1.14
C PHE B 87 -5.83 -19.40 -1.53
N GLN B 88 -6.17 -20.46 -0.78
CA GLN B 88 -5.69 -21.79 -1.16
C GLN B 88 -6.22 -22.19 -2.53
N SER B 89 -7.51 -21.94 -2.79
CA SER B 89 -8.08 -22.26 -4.09
C SER B 89 -7.39 -21.48 -5.20
N LEU B 90 -7.21 -20.17 -4.98
CA LEU B 90 -6.56 -19.34 -6.01
C LEU B 90 -5.11 -19.77 -6.23
N LYS B 91 -4.41 -20.13 -5.15
CA LYS B 91 -3.02 -20.56 -5.25
C LYS B 91 -2.90 -21.88 -6.01
N ASN B 92 -3.82 -22.82 -5.76
CA ASN B 92 -3.81 -24.08 -6.50
C ASN B 92 -4.20 -23.86 -7.96
N ASP B 93 -5.09 -22.92 -8.23
CA ASP B 93 -5.55 -22.70 -9.61
C ASP B 93 -4.48 -22.04 -10.45
N GLN B 94 -3.86 -20.98 -9.93
CA GLN B 94 -2.87 -20.22 -10.68
C GLN B 94 -1.44 -20.62 -10.36
N GLY B 95 -1.24 -21.65 -9.53
CA GLY B 95 0.11 -22.13 -9.26
C GLY B 95 0.98 -21.18 -8.48
N ILE B 96 0.40 -20.45 -7.52
CA ILE B 96 1.18 -19.55 -6.68
C ILE B 96 2.04 -20.36 -5.71
N LEU B 97 3.18 -19.79 -5.32
CA LEU B 97 4.11 -20.44 -4.41
C LEU B 97 4.27 -19.70 -3.08
N VAL B 98 3.85 -18.45 -2.98
CA VAL B 98 4.03 -17.67 -1.76
C VAL B 98 2.86 -17.90 -0.82
N ASP B 99 2.98 -17.43 0.42
CA ASP B 99 1.92 -17.54 1.41
C ASP B 99 0.94 -16.37 1.27
N PHE B 100 -0.09 -16.40 2.11
CA PHE B 100 -1.10 -15.34 2.09
C PHE B 100 -0.49 -13.97 2.39
N ALA B 101 0.50 -13.93 3.30
CA ALA B 101 1.06 -12.65 3.72
C ALA B 101 1.84 -11.97 2.58
N SER B 102 2.57 -12.75 1.80
CA SER B 102 3.40 -12.20 0.74
C SER B 102 2.65 -12.03 -0.58
N PHE B 103 1.40 -12.50 -0.66
CA PHE B 103 0.61 -12.32 -1.87
C PHE B 103 0.47 -10.85 -2.26
N PRO B 104 0.03 -9.94 -1.38
CA PRO B 104 -0.05 -8.53 -1.79
C PRO B 104 1.30 -7.95 -2.15
N GLY B 105 2.37 -8.39 -1.49
CA GLY B 105 3.70 -7.91 -1.84
C GLY B 105 4.10 -8.26 -3.25
N LYS B 106 3.84 -9.52 -3.66
CA LYS B 106 4.15 -9.91 -5.03
C LYS B 106 3.26 -9.21 -6.03
N ILE B 107 1.98 -9.00 -5.68
CA ILE B 107 1.09 -8.23 -6.56
C ILE B 107 1.65 -6.82 -6.76
N ILE B 108 2.11 -6.19 -5.68
CA ILE B 108 2.64 -4.83 -5.77
C ILE B 108 3.94 -4.82 -6.57
N SER B 109 4.76 -5.87 -6.43
CA SER B 109 5.99 -5.94 -7.21
C SER B 109 5.68 -6.04 -8.70
N LEU B 110 4.70 -6.88 -9.06
CA LEU B 110 4.32 -6.98 -10.47
C LEU B 110 3.73 -5.68 -10.99
N LEU B 111 2.92 -5.00 -10.17
CA LEU B 111 2.35 -3.73 -10.58
C LEU B 111 3.45 -2.68 -10.78
N GLU B 112 4.46 -2.67 -9.91
CA GLU B 112 5.56 -1.73 -10.06
C GLU B 112 6.38 -2.03 -11.31
N LYS B 113 6.65 -3.31 -11.57
CA LYS B 113 7.30 -3.67 -12.83
C LYS B 113 6.47 -3.20 -14.03
N CYS B 114 5.15 -3.26 -13.92
CA CYS B 114 4.29 -2.81 -15.00
C CYS B 114 4.35 -1.29 -15.19
N ILE B 115 4.34 -0.53 -14.09
CA ILE B 115 4.28 0.93 -14.22
C ILE B 115 5.60 1.48 -14.77
N LEU B 116 6.73 0.96 -14.30
CA LEU B 116 8.04 1.44 -14.71
C LEU B 116 8.47 0.91 -16.07
N ALA B 117 7.56 0.27 -16.80
CA ALA B 117 7.89 -0.31 -18.11
C ALA B 117 8.19 0.80 -19.11
N GLN B 118 9.37 0.73 -19.72
CA GLN B 118 9.78 1.63 -20.80
C GLN B 118 9.33 1.07 -22.15
N PRO B 119 9.07 1.94 -23.12
CA PRO B 119 8.59 1.45 -24.43
C PRO B 119 9.48 0.40 -25.09
N GLY B 120 10.80 0.53 -24.99
CA GLY B 120 11.67 -0.48 -25.57
C GLY B 120 12.34 -1.36 -24.53
N ASP B 121 11.73 -2.51 -24.25
CA ASP B 121 12.26 -3.43 -23.26
C ASP B 121 11.76 -4.83 -23.56
N SER B 122 12.63 -5.82 -23.36
CA SER B 122 12.28 -7.22 -23.55
C SER B 122 12.87 -8.05 -22.41
N PRO B 123 12.02 -8.70 -21.59
CA PRO B 123 10.56 -8.65 -21.70
C PRO B 123 9.96 -7.39 -21.06
N ARG B 124 8.84 -6.92 -21.61
CA ARG B 124 8.15 -5.74 -21.10
C ARG B 124 6.90 -6.18 -20.37
N PHE B 125 6.73 -5.71 -19.15
CA PHE B 125 5.54 -6.02 -18.36
C PHE B 125 4.45 -5.00 -18.61
N GLN B 126 3.22 -5.49 -18.79
CA GLN B 126 2.08 -4.64 -19.06
C GLN B 126 0.88 -5.19 -18.30
N ALA B 127 -0.09 -4.31 -18.04
CA ALA B 127 -1.33 -4.68 -17.38
C ALA B 127 -2.51 -4.35 -18.29
N VAL B 128 -3.48 -5.24 -18.34
CA VAL B 128 -4.65 -5.08 -19.17
C VAL B 128 -5.88 -5.54 -18.41
N LEU B 129 -6.96 -4.78 -18.53
CA LEU B 129 -8.23 -5.09 -17.86
C LEU B 129 -9.31 -5.20 -18.93
N THR B 130 -10.00 -6.33 -18.96
CA THR B 130 -11.08 -6.59 -19.90
C THR B 130 -12.41 -6.50 -19.15
N ILE B 131 -13.29 -5.62 -19.61
CA ILE B 131 -14.56 -5.36 -18.95
C ILE B 131 -15.65 -6.12 -19.70
N ARG B 132 -16.31 -7.03 -19.00
CA ARG B 132 -17.40 -7.83 -19.56
C ARG B 132 -18.67 -7.46 -18.80
N GLY B 133 -19.40 -6.48 -19.33
CA GLY B 133 -20.61 -6.00 -18.68
C GLY B 133 -20.35 -5.42 -17.31
N GLY B 134 -20.81 -6.10 -16.27
CA GLY B 134 -20.60 -5.64 -14.91
C GLY B 134 -19.32 -6.18 -14.28
N GLU B 135 -18.84 -7.31 -14.79
CA GLU B 135 -17.66 -7.95 -14.25
C GLU B 135 -16.44 -7.61 -15.10
N SER B 136 -15.26 -7.96 -14.58
CA SER B 136 -14.01 -7.58 -15.19
C SER B 136 -12.98 -8.66 -14.91
N VAL B 137 -11.97 -8.75 -15.78
CA VAL B 137 -10.86 -9.67 -15.63
C VAL B 137 -9.56 -8.89 -15.81
N PHE B 138 -8.75 -8.82 -14.76
CA PHE B 138 -7.48 -8.10 -14.79
C PHE B 138 -6.33 -9.09 -14.83
N LYS B 139 -5.39 -8.86 -15.75
CA LYS B 139 -4.23 -9.72 -15.89
C LYS B 139 -3.00 -8.87 -16.21
N ILE B 140 -1.90 -9.17 -15.54
CA ILE B 140 -0.61 -8.60 -15.88
C ILE B 140 0.09 -9.56 -16.84
N VAL B 141 0.63 -9.03 -17.94
CA VAL B 141 1.15 -9.85 -19.01
C VAL B 141 2.62 -9.51 -19.23
N GLU B 142 3.37 -10.49 -19.72
CA GLU B 142 4.74 -10.30 -20.13
C GLU B 142 4.81 -10.44 -21.64
N ILE B 143 5.29 -9.40 -22.32
CA ILE B 143 5.50 -9.42 -23.76
C ILE B 143 6.99 -9.53 -23.99
N ASN B 144 7.46 -10.73 -24.28
CA ASN B 144 8.85 -10.98 -24.63
C ASN B 144 8.99 -11.03 -26.15
N ASP B 145 10.18 -11.44 -26.61
CA ASP B 145 10.40 -11.59 -28.05
C ASP B 145 9.52 -12.66 -28.66
N PHE B 146 8.91 -13.53 -27.84
CA PHE B 146 8.14 -14.65 -28.37
C PHE B 146 6.63 -14.41 -28.33
N LYS B 147 6.04 -14.38 -27.14
CA LYS B 147 4.60 -14.38 -26.99
C LYS B 147 4.18 -13.46 -25.85
N GLN B 148 2.87 -13.24 -25.76
CA GLN B 148 2.28 -12.47 -24.66
C GLN B 148 1.80 -13.46 -23.61
N LEU B 149 2.66 -13.75 -22.65
CA LEU B 149 2.29 -14.75 -21.65
C LEU B 149 1.72 -14.07 -20.42
N PRO B 150 0.62 -14.59 -19.86
CA PRO B 150 0.03 -13.98 -18.67
C PRO B 150 0.75 -14.45 -17.41
N HIS B 151 1.16 -13.48 -16.57
CA HIS B 151 1.73 -13.85 -15.28
C HIS B 151 0.64 -14.26 -14.30
N ILE B 152 -0.29 -13.36 -13.99
CA ILE B 152 -1.36 -13.65 -13.05
C ILE B 152 -2.67 -13.07 -13.58
N THR B 153 -3.77 -13.79 -13.34
CA THR B 153 -5.09 -13.39 -13.78
C THR B 153 -6.02 -13.34 -12.57
N LEU B 154 -6.71 -12.21 -12.41
CA LEU B 154 -7.60 -11.98 -11.28
C LEU B 154 -8.96 -11.51 -11.80
N ALA B 155 -10.01 -11.91 -11.10
CA ALA B 155 -11.37 -11.58 -11.49
C ALA B 155 -11.94 -10.48 -10.61
N PHE B 156 -12.66 -9.54 -11.22
CA PHE B 156 -13.25 -8.41 -10.52
C PHE B 156 -14.73 -8.31 -10.82
N ARG B 157 -15.48 -7.81 -9.84
CA ARG B 157 -16.93 -7.61 -9.92
C ARG B 157 -17.21 -6.23 -9.34
N PRO B 158 -18.41 -5.65 -9.53
CA PRO B 158 -18.71 -4.37 -8.88
C PRO B 158 -18.71 -4.48 -7.36
N GLY B 159 -18.96 -3.37 -6.67
CA GLY B 159 -18.87 -3.34 -5.23
C GLY B 159 -20.17 -3.08 -4.50
N ASN B 160 -20.19 -3.40 -3.21
CA ASN B 160 -21.33 -3.08 -2.36
C ASN B 160 -21.51 -1.57 -2.26
N ASP B 161 -22.72 -1.17 -1.88
CA ASP B 161 -23.07 0.25 -1.83
C ASP B 161 -22.18 1.03 -0.86
N SER B 162 -21.69 0.38 0.20
CA SER B 162 -20.89 1.09 1.20
C SER B 162 -19.55 1.57 0.64
N VAL B 163 -18.81 0.67 -0.03
CA VAL B 163 -17.51 1.07 -0.55
C VAL B 163 -17.69 2.12 -1.63
N VAL B 164 -18.76 2.02 -2.42
CA VAL B 164 -19.06 3.02 -3.43
C VAL B 164 -19.32 4.37 -2.78
N LYS B 165 -20.07 4.37 -1.68
CA LYS B 165 -20.33 5.61 -0.94
C LYS B 165 -19.02 6.26 -0.51
N GLN B 166 -18.12 5.48 0.09
CA GLN B 166 -16.88 6.07 0.58
C GLN B 166 -15.98 6.53 -0.56
N PHE B 167 -16.01 5.82 -1.69
CA PHE B 167 -15.25 6.26 -2.86
C PHE B 167 -15.79 7.57 -3.41
N LEU B 168 -17.11 7.70 -3.46
CA LEU B 168 -17.72 8.96 -3.90
C LEU B 168 -17.33 10.10 -2.97
N ALA B 169 -17.27 9.83 -1.67
CA ALA B 169 -16.88 10.87 -0.72
C ALA B 169 -15.43 11.31 -0.94
N PHE B 170 -14.53 10.35 -1.15
CA PHE B 170 -13.13 10.69 -1.42
C PHE B 170 -12.99 11.52 -2.69
N ARG B 171 -13.68 11.11 -3.76
CA ARG B 171 -13.62 11.85 -5.01
C ARG B 171 -14.15 13.28 -4.82
N LEU B 172 -15.22 13.42 -4.04
CA LEU B 172 -15.80 14.73 -3.78
C LEU B 172 -14.81 15.63 -3.04
N SER B 173 -14.12 15.07 -2.03
CA SER B 173 -13.12 15.85 -1.32
C SER B 173 -11.99 16.30 -2.25
N GLU B 174 -11.54 15.40 -3.12
CA GLU B 174 -10.48 15.77 -4.06
C GLU B 174 -10.94 16.91 -4.97
N VAL B 175 -12.18 16.85 -5.45
CA VAL B 175 -12.67 17.89 -6.34
C VAL B 175 -12.82 19.22 -5.60
N LYS B 176 -13.21 19.17 -4.32
CA LYS B 176 -13.29 20.39 -3.52
C LYS B 176 -11.91 21.05 -3.38
N GLY B 177 -10.88 20.24 -3.10
CA GLY B 177 -9.53 20.79 -3.04
C GLY B 177 -9.11 21.41 -4.35
N THR B 178 -9.42 20.74 -5.46
CA THR B 178 -9.10 21.29 -6.78
C THR B 178 -9.82 22.62 -6.99
N CYS B 179 -11.07 22.74 -6.53
CA CYS B 179 -11.82 23.98 -6.71
C CYS B 179 -11.22 25.12 -5.92
N HIS B 180 -10.69 24.83 -4.72
CA HIS B 180 -10.01 25.91 -3.98
C HIS B 180 -8.74 26.34 -4.70
N ASP B 181 -7.97 25.38 -5.21
CA ASP B 181 -6.78 25.72 -6.01
C ASP B 181 -7.18 26.56 -7.22
N LEU B 182 -8.32 26.23 -7.84
CA LEU B 182 -8.82 26.94 -9.01
C LEU B 182 -9.21 28.37 -8.66
N SER B 183 -9.80 28.58 -7.48
CA SER B 183 -10.14 29.95 -7.09
C SER B 183 -8.88 30.78 -6.87
N ASP B 184 -7.86 30.19 -6.26
CA ASP B 184 -6.58 30.88 -6.13
C ASP B 184 -5.99 31.24 -7.50
N ASP B 185 -6.00 30.27 -8.41
CA ASP B 185 -5.44 30.50 -9.75
C ASP B 185 -6.23 31.56 -10.51
N LEU B 186 -7.55 31.62 -10.32
CA LEU B 186 -8.32 32.63 -11.04
C LEU B 186 -8.06 34.02 -10.48
N SER B 187 -7.91 34.12 -9.15
CA SER B 187 -7.55 35.41 -8.58
C SER B 187 -6.22 35.90 -9.14
N ARG B 188 -5.23 35.00 -9.19
CA ARG B 188 -3.91 35.36 -9.69
C ARG B 188 -3.97 35.79 -11.16
N THR B 189 -4.65 35.00 -12.00
CA THR B 189 -4.64 35.28 -13.44
C THR B 189 -5.44 36.54 -13.78
N ARG B 190 -6.58 36.77 -13.13
CA ARG B 190 -7.34 37.98 -13.44
C ARG B 190 -6.65 39.22 -12.91
N ASP B 191 -6.02 39.13 -11.74
CA ASP B 191 -5.25 40.29 -11.26
C ASP B 191 -4.09 40.59 -12.20
N ASP B 192 -3.41 39.56 -12.69
CA ASP B 192 -2.31 39.80 -13.63
C ASP B 192 -2.80 40.38 -14.96
N ARG B 193 -3.95 39.91 -15.45
CA ARG B 193 -4.48 40.47 -16.69
C ARG B 193 -4.86 41.94 -16.51
N ASP B 194 -5.51 42.26 -15.38
CA ASP B 194 -5.84 43.64 -15.09
C ASP B 194 -4.60 44.50 -14.97
N SER B 195 -3.53 43.94 -14.39
CA SER B 195 -2.27 44.69 -14.32
C SER B 195 -1.73 44.97 -15.71
N MET B 196 -1.81 44.00 -16.61
CA MET B 196 -1.33 44.22 -17.96
C MET B 196 -2.13 45.30 -18.67
N VAL B 197 -3.45 45.29 -18.47
CA VAL B 197 -4.33 46.29 -19.06
C VAL B 197 -3.99 47.69 -18.54
N ALA B 198 -3.95 47.85 -17.21
CA ALA B 198 -3.67 49.15 -16.62
C ALA B 198 -2.27 49.66 -16.98
N GLN B 199 -1.32 48.77 -17.20
CA GLN B 199 0.01 49.26 -17.52
C GLN B 199 0.08 49.70 -18.97
N LEU B 200 -0.53 48.94 -19.88
CA LEU B 200 -0.58 49.40 -21.27
C LEU B 200 -1.38 50.69 -21.38
N ALA B 201 -2.44 50.85 -20.59
CA ALA B 201 -3.21 52.09 -20.61
C ALA B 201 -2.37 53.28 -20.18
N GLN B 202 -1.61 53.11 -19.08
CA GLN B 202 -0.75 54.20 -18.63
C GLN B 202 0.33 54.50 -19.66
N CYS B 203 0.86 53.47 -20.32
CA CYS B 203 1.87 53.67 -21.34
C CYS B 203 1.33 54.41 -22.55
N ARG B 204 0.13 54.05 -23.02
CA ARG B 204 -0.46 54.78 -24.14
C ARG B 204 -0.74 56.22 -23.76
N GLN B 205 -1.16 56.46 -22.51
CA GLN B 205 -1.38 57.84 -22.07
C GLN B 205 -0.09 58.63 -22.13
N GLN B 206 1.01 58.05 -21.63
CA GLN B 206 2.30 58.73 -21.70
C GLN B 206 2.76 58.95 -23.14
N LEU B 207 2.52 57.96 -24.01
CA LEU B 207 2.90 58.09 -25.41
C LEU B 207 2.14 59.22 -26.09
N ALA B 208 0.83 59.30 -25.84
CA ALA B 208 0.04 60.39 -26.41
C ALA B 208 0.49 61.73 -25.86
N GLN B 209 0.78 61.80 -24.55
CA GLN B 209 1.24 63.06 -23.97
C GLN B 209 2.55 63.52 -24.59
N LEU B 210 3.51 62.60 -24.76
CA LEU B 210 4.79 62.97 -25.35
C LEU B 210 4.62 63.38 -26.82
N ARG B 211 3.76 62.69 -27.56
CA ARG B 211 3.50 63.10 -28.94
C ARG B 211 2.86 64.49 -29.00
N GLU B 212 1.94 64.78 -28.08
CA GLU B 212 1.35 66.12 -28.01
C GLU B 212 2.42 67.16 -27.71
N GLN B 213 3.33 66.86 -26.78
CA GLN B 213 4.42 67.78 -26.48
C GLN B 213 5.31 67.99 -27.69
N TYR B 214 5.58 66.92 -28.44
CA TYR B 214 6.41 67.05 -29.64
C TYR B 214 5.73 67.93 -30.67
N ASP B 215 4.40 67.79 -30.82
CA ASP B 215 3.67 68.67 -31.72
C ASP B 215 3.72 70.12 -31.24
N LYS B 216 3.60 70.33 -29.92
CA LYS B 216 3.67 71.68 -29.37
C LYS B 216 5.03 72.32 -29.62
N HIS B 217 6.12 71.57 -29.41
CA HIS B 217 7.45 72.14 -29.63
C HIS B 217 7.69 72.44 -31.11
N LEU B 218 7.36 71.50 -31.99
CA LEU B 218 7.45 71.74 -33.43
C LEU B 218 6.36 72.70 -33.87
N LYS C 12 -52.65 22.80 63.64
CA LYS C 12 -53.31 21.49 63.65
C LYS C 12 -54.47 21.46 62.67
N ALA C 13 -54.95 22.65 62.28
CA ALA C 13 -56.03 22.74 61.32
C ALA C 13 -55.79 23.83 60.27
N GLN C 14 -54.61 24.44 60.24
CA GLN C 14 -54.33 25.50 59.28
C GLN C 14 -54.00 24.89 57.93
N THR C 15 -54.79 25.26 56.91
CA THR C 15 -54.53 24.78 55.57
C THR C 15 -53.39 25.57 54.93
N GLY C 16 -52.81 24.99 53.88
CA GLY C 16 -51.69 25.63 53.22
C GLY C 16 -52.11 26.90 52.47
N PHE C 17 -53.27 26.86 51.84
CA PHE C 17 -53.74 27.99 51.03
C PHE C 17 -54.59 28.93 51.87
N ASP C 18 -54.24 30.22 51.84
CA ASP C 18 -54.96 31.24 52.60
C ASP C 18 -56.08 31.79 51.74
N LEU C 19 -57.30 31.29 51.96
CA LEU C 19 -58.44 31.77 51.18
C LEU C 19 -58.87 33.18 51.60
N SER C 20 -58.60 33.57 52.85
CA SER C 20 -58.98 34.90 53.29
C SER C 20 -58.23 35.99 52.53
N THR C 21 -56.94 35.80 52.31
CA THR C 21 -56.10 36.75 51.58
C THR C 21 -56.09 36.50 50.08
N ALA C 22 -57.06 35.75 49.56
CA ALA C 22 -57.08 35.42 48.14
C ALA C 22 -57.60 36.59 47.32
N THR C 23 -57.17 36.64 46.07
CA THR C 23 -57.61 37.66 45.11
C THR C 23 -58.15 36.94 43.88
N THR C 24 -59.45 37.09 43.62
CA THR C 24 -60.08 36.42 42.50
C THR C 24 -59.82 37.18 41.21
N LEU C 25 -59.42 36.44 40.17
CA LEU C 25 -59.11 37.02 38.86
C LEU C 25 -60.10 36.65 37.78
N PHE C 26 -60.67 35.45 37.84
CA PHE C 26 -61.53 34.95 36.77
C PHE C 26 -62.61 34.07 37.39
N TRP C 27 -63.86 34.33 37.01
CA TRP C 27 -65.01 33.61 37.58
C TRP C 27 -66.20 33.79 36.64
N ARG C 28 -66.33 32.86 35.69
CA ARG C 28 -67.42 32.91 34.72
C ARG C 28 -67.55 31.54 34.07
N PRO C 29 -68.72 31.19 33.56
CA PRO C 29 -68.86 29.93 32.83
C PRO C 29 -68.11 29.96 31.51
N VAL C 30 -67.56 28.81 31.13
CA VAL C 30 -66.81 28.66 29.89
C VAL C 30 -67.26 27.39 29.16
N PRO C 31 -67.62 27.47 27.88
CA PRO C 31 -67.99 26.27 27.14
C PRO C 31 -66.78 25.39 26.87
N VAL C 32 -66.87 24.12 27.27
CA VAL C 32 -65.76 23.18 27.17
C VAL C 32 -66.29 21.81 26.78
N HIS C 33 -65.55 21.12 25.91
CA HIS C 33 -65.86 19.73 25.56
C HIS C 33 -65.35 18.79 26.64
N VAL C 34 -66.20 17.87 27.07
CA VAL C 34 -65.85 16.88 28.08
C VAL C 34 -65.72 15.53 27.38
N LYS C 35 -64.58 14.86 27.59
CA LYS C 35 -64.28 13.59 26.95
C LYS C 35 -63.99 12.53 28.02
N GLN C 36 -64.70 11.41 27.92
CA GLN C 36 -64.48 10.28 28.82
C GLN C 36 -64.21 9.03 27.99
N GLN C 37 -63.59 8.03 28.63
CA GLN C 37 -63.25 6.82 27.90
C GLN C 37 -64.49 6.01 27.57
N ASP C 38 -65.47 5.96 28.47
CA ASP C 38 -66.65 5.14 28.31
C ASP C 38 -67.89 5.90 27.86
N ARG C 39 -67.82 7.23 27.70
CA ARG C 39 -69.01 7.99 27.39
C ARG C 39 -68.77 8.94 26.24
N GLU C 40 -69.89 9.38 25.65
CA GLU C 40 -69.89 10.31 24.54
C GLU C 40 -69.40 11.69 24.94
N ASP C 41 -68.84 12.40 23.97
CA ASP C 41 -68.28 13.74 24.19
C ASP C 41 -69.39 14.77 24.11
N VAL C 42 -69.55 15.55 25.18
CA VAL C 42 -70.63 16.53 25.29
C VAL C 42 -70.05 17.89 25.61
N LEU C 43 -70.61 18.93 24.98
CA LEU C 43 -70.21 20.33 25.20
C LEU C 43 -70.99 20.85 26.39
N GLU C 44 -70.37 20.82 27.56
CA GLU C 44 -71.00 21.25 28.81
C GLU C 44 -70.40 22.56 29.30
N GLU C 45 -71.26 23.52 29.63
CA GLU C 45 -70.83 24.83 30.14
C GLU C 45 -70.33 24.73 31.57
N LEU C 46 -69.04 24.50 31.74
CA LEU C 46 -68.42 24.44 33.06
C LEU C 46 -67.95 25.83 33.51
N THR C 47 -68.13 26.12 34.80
CA THR C 47 -67.69 27.39 35.37
C THR C 47 -66.25 27.27 35.82
N PHE C 48 -65.46 28.32 35.60
CA PHE C 48 -64.06 28.32 36.00
C PHE C 48 -63.81 29.36 37.09
N ARG C 49 -62.74 29.13 37.85
CA ARG C 49 -62.37 30.03 38.94
C ARG C 49 -60.86 30.10 39.07
N ILE C 50 -60.32 31.31 39.02
CA ILE C 50 -58.88 31.55 39.14
C ILE C 50 -58.62 32.47 40.33
N LEU C 51 -57.68 32.09 41.19
CA LEU C 51 -57.33 32.85 42.39
C LEU C 51 -55.82 32.88 42.57
N THR C 52 -55.31 34.04 43.00
CA THR C 52 -53.92 34.21 43.37
C THR C 52 -53.85 34.61 44.84
N GLY C 53 -52.77 34.20 45.48
CA GLY C 53 -52.59 34.52 46.88
C GLY C 53 -51.27 34.02 47.39
N VAL C 54 -51.18 33.89 48.71
CA VAL C 54 -49.99 33.41 49.39
C VAL C 54 -50.41 32.28 50.32
N ALA C 55 -49.43 31.48 50.73
CA ALA C 55 -49.73 30.38 51.63
C ALA C 55 -49.86 30.91 53.05
N LYS C 56 -50.74 30.27 53.83
CA LYS C 56 -50.85 30.65 55.23
C LYS C 56 -49.59 30.26 55.98
N GLN C 57 -48.94 29.17 55.56
CA GLN C 57 -47.71 28.72 56.20
C GLN C 57 -46.63 29.78 56.09
N ASN C 58 -46.42 30.30 54.88
CA ASN C 58 -45.41 31.33 54.62
C ASN C 58 -46.02 32.36 53.68
N HIS C 59 -45.95 33.63 54.07
CA HIS C 59 -46.51 34.70 53.25
C HIS C 59 -45.58 35.14 52.13
N ASN C 60 -44.30 34.78 52.16
CA ASN C 60 -43.39 35.16 51.10
C ASN C 60 -43.53 34.28 49.87
N LEU C 61 -44.18 33.13 50.01
CA LEU C 61 -44.40 32.21 48.89
C LEU C 61 -45.78 32.44 48.30
N ARG C 62 -45.82 32.69 47.00
CA ARG C 62 -47.06 32.96 46.27
C ARG C 62 -47.55 31.70 45.57
N ILE C 63 -48.88 31.57 45.50
CA ILE C 63 -49.51 30.35 44.98
C ILE C 63 -50.68 30.74 44.08
N LEU C 64 -50.78 30.08 42.94
CA LEU C 64 -51.90 30.23 42.01
C LEU C 64 -52.76 28.97 42.02
N ARG C 65 -54.08 29.15 41.97
CA ARG C 65 -55.01 28.04 42.07
C ARG C 65 -56.16 28.22 41.08
N ILE C 66 -56.54 27.13 40.43
CA ILE C 66 -57.61 27.14 39.43
C ILE C 66 -58.62 26.06 39.80
N HIS C 67 -59.90 26.41 39.77
CA HIS C 67 -60.99 25.50 40.11
C HIS C 67 -61.93 25.34 38.92
N ILE C 68 -62.30 24.10 38.63
CA ILE C 68 -63.29 23.78 37.60
C ILE C 68 -64.56 23.31 38.30
N SER C 69 -65.65 24.05 38.13
CA SER C 69 -66.95 23.72 38.71
C SER C 69 -67.97 23.49 37.59
N SER C 70 -69.10 22.90 37.98
CA SER C 70 -70.15 22.51 37.05
C SER C 70 -71.50 23.00 37.58
N ASP C 71 -72.08 24.02 36.95
CA ASP C 71 -73.41 24.45 37.35
C ASP C 71 -74.45 23.35 37.12
N SER C 72 -74.17 22.42 36.20
CA SER C 72 -75.12 21.31 35.96
C SER C 72 -75.10 20.30 37.10
N ASP C 73 -73.93 19.72 37.36
CA ASP C 73 -73.75 18.74 38.43
C ASP C 73 -73.17 19.45 39.64
N LEU C 74 -73.75 19.22 40.80
CA LEU C 74 -73.33 19.99 41.97
C LEU C 74 -72.16 19.34 42.68
N PHE C 75 -71.92 18.05 42.46
CA PHE C 75 -70.77 17.36 43.02
C PHE C 75 -69.69 17.19 41.95
N PHE C 76 -69.24 18.28 41.34
CA PHE C 76 -68.22 18.19 40.30
C PHE C 76 -67.21 19.32 40.50
N LEU C 77 -66.19 19.08 41.32
CA LEU C 77 -65.11 20.04 41.54
C LEU C 77 -63.78 19.41 41.13
N HIS C 78 -62.94 20.20 40.45
CA HIS C 78 -61.57 19.80 40.14
C HIS C 78 -60.63 20.96 40.45
N THR C 79 -59.46 20.64 41.01
CA THR C 79 -58.56 21.64 41.55
C THR C 79 -57.18 21.55 40.89
N LEU C 80 -56.50 22.68 40.83
CA LEU C 80 -55.11 22.77 40.38
C LEU C 80 -54.40 23.84 41.20
N GLU C 81 -53.27 23.47 41.80
CA GLU C 81 -52.44 24.40 42.56
C GLU C 81 -51.04 24.43 41.97
N VAL C 82 -50.51 25.65 41.79
CA VAL C 82 -49.19 25.85 41.19
C VAL C 82 -48.41 26.79 42.09
N SER C 83 -47.32 26.29 42.67
CA SER C 83 -46.42 27.15 43.42
C SER C 83 -45.42 27.83 42.49
N GLU C 84 -44.70 28.80 43.03
CA GLU C 84 -43.70 29.51 42.23
C GLU C 84 -42.58 28.58 41.80
N GLU C 85 -42.17 27.65 42.67
CA GLU C 85 -41.14 26.69 42.31
C GLU C 85 -41.60 25.76 41.20
N ASP C 86 -42.79 25.19 41.33
CA ASP C 86 -43.35 24.32 40.29
C ASP C 86 -43.60 25.06 38.98
N PHE C 87 -43.77 26.38 39.04
CA PHE C 87 -43.97 27.16 37.82
C PHE C 87 -42.74 27.09 36.92
N GLN C 88 -41.54 27.05 37.51
CA GLN C 88 -40.34 26.87 36.70
C GLN C 88 -40.36 25.53 35.96
N SER C 89 -40.76 24.46 36.64
CA SER C 89 -40.85 23.15 36.00
C SER C 89 -41.86 23.18 34.86
N LEU C 90 -43.03 23.79 35.10
CA LEU C 90 -44.04 23.87 34.04
C LEU C 90 -43.53 24.70 32.87
N LYS C 91 -42.77 25.77 33.16
CA LYS C 91 -42.22 26.62 32.11
C LYS C 91 -41.20 25.86 31.26
N ASN C 92 -40.36 25.04 31.90
CA ASN C 92 -39.41 24.23 31.14
C ASN C 92 -40.13 23.14 30.35
N ASP C 93 -41.21 22.58 30.89
CA ASP C 93 -41.88 21.48 30.21
C ASP C 93 -42.66 21.97 28.99
N GLN C 94 -43.44 23.04 29.15
CA GLN C 94 -44.27 23.54 28.06
C GLN C 94 -43.66 24.73 27.33
N GLY C 95 -42.43 25.11 27.68
CA GLY C 95 -41.78 26.19 26.95
C GLY C 95 -42.41 27.55 27.14
N ILE C 96 -42.91 27.84 28.34
CA ILE C 96 -43.49 29.14 28.62
C ILE C 96 -42.41 30.20 28.69
N LEU C 97 -42.77 31.44 28.34
CA LEU C 97 -41.83 32.55 28.36
C LEU C 97 -42.20 33.66 29.33
N VAL C 98 -43.43 33.69 29.83
CA VAL C 98 -43.90 34.77 30.70
C VAL C 98 -43.49 34.46 32.14
N ASP C 99 -43.63 35.45 33.02
CA ASP C 99 -43.32 35.26 34.43
C ASP C 99 -44.51 34.66 35.17
N PHE C 100 -44.32 34.41 36.47
CA PHE C 100 -45.39 33.84 37.29
C PHE C 100 -46.59 34.76 37.33
N ALA C 101 -46.35 36.07 37.37
CA ALA C 101 -47.45 37.03 37.50
C ALA C 101 -48.30 37.07 36.25
N SER C 102 -47.68 36.97 35.08
CA SER C 102 -48.40 37.07 33.81
C SER C 102 -48.98 35.73 33.36
N PHE C 103 -48.69 34.64 34.06
CA PHE C 103 -49.29 33.35 33.72
C PHE C 103 -50.81 33.39 33.71
N PRO C 104 -51.50 33.85 34.78
CA PRO C 104 -52.97 33.87 34.74
C PRO C 104 -53.52 34.77 33.65
N GLY C 105 -52.83 35.86 33.30
CA GLY C 105 -53.32 36.71 32.23
C GLY C 105 -53.38 35.97 30.90
N LYS C 106 -52.33 35.22 30.58
CA LYS C 106 -52.33 34.44 29.35
C LYS C 106 -53.35 33.30 29.41
N ILE C 107 -53.50 32.68 30.59
CA ILE C 107 -54.52 31.64 30.74
C ILE C 107 -55.91 32.21 30.44
N ILE C 108 -56.19 33.40 30.99
CA ILE C 108 -57.49 34.02 30.78
C ILE C 108 -57.66 34.45 29.33
N SER C 109 -56.58 34.90 28.69
CA SER C 109 -56.66 35.27 27.28
C SER C 109 -57.00 34.05 26.42
N LEU C 110 -56.38 32.91 26.70
CA LEU C 110 -56.71 31.70 25.95
C LEU C 110 -58.14 31.26 26.24
N LEU C 111 -58.59 31.37 27.49
CA LEU C 111 -59.98 31.02 27.81
C LEU C 111 -60.96 31.92 27.08
N GLU C 112 -60.62 33.21 26.96
CA GLU C 112 -61.48 34.14 26.23
C GLU C 112 -61.51 33.80 24.74
N LYS C 113 -60.35 33.44 24.18
CA LYS C 113 -60.34 32.93 22.81
C LYS C 113 -61.24 31.71 22.68
N CYS C 114 -61.29 30.87 23.71
CA CYS C 114 -62.16 29.70 23.68
C CYS C 114 -63.64 30.08 23.71
N ILE C 115 -64.02 31.04 24.56
CA ILE C 115 -65.44 31.35 24.69
C ILE C 115 -65.99 32.05 23.45
N LEU C 116 -65.24 33.00 22.92
CA LEU C 116 -65.70 33.77 21.75
C LEU C 116 -65.50 33.03 20.44
N ALA C 117 -65.15 31.74 20.47
CA ALA C 117 -64.92 30.99 19.25
C ALA C 117 -66.23 30.82 18.49
N GLN C 118 -66.25 31.26 17.25
CA GLN C 118 -67.40 31.03 16.41
C GLN C 118 -67.28 29.70 15.68
N PRO C 119 -68.42 29.07 15.36
CA PRO C 119 -68.36 27.77 14.67
C PRO C 119 -67.57 27.80 13.37
N GLY C 120 -67.66 28.89 12.62
CA GLY C 120 -66.87 29.02 11.41
C GLY C 120 -65.73 30.00 11.58
N ASP C 121 -64.56 29.48 11.92
CA ASP C 121 -63.38 30.30 12.14
C ASP C 121 -62.14 29.44 11.90
N SER C 122 -61.13 30.03 11.27
CA SER C 122 -59.88 29.32 11.03
C SER C 122 -58.69 30.23 11.29
N PRO C 123 -57.83 29.91 12.28
CA PRO C 123 -57.96 28.75 13.15
C PRO C 123 -58.95 29.00 14.29
N ARG C 124 -59.61 27.94 14.77
CA ARG C 124 -60.58 28.06 15.84
C ARG C 124 -59.97 27.55 17.14
N PHE C 125 -60.02 28.39 18.18
CA PHE C 125 -59.53 28.01 19.50
C PHE C 125 -60.64 27.35 20.29
N GLN C 126 -60.32 26.24 20.94
CA GLN C 126 -61.30 25.49 21.72
C GLN C 126 -60.64 24.97 22.99
N ALA C 127 -61.47 24.69 23.98
CA ALA C 127 -61.03 24.10 25.24
C ALA C 127 -61.72 22.75 25.41
N VAL C 128 -60.96 21.76 25.84
CA VAL C 128 -61.47 20.41 26.04
C VAL C 128 -60.84 19.83 27.30
N LEU C 129 -61.66 19.14 28.09
CA LEU C 129 -61.21 18.52 29.32
C LEU C 129 -61.51 17.04 29.26
N THR C 130 -60.47 16.23 29.43
CA THR C 130 -60.60 14.78 29.47
C THR C 130 -60.42 14.34 30.91
N ILE C 131 -61.46 13.72 31.47
CA ILE C 131 -61.48 13.33 32.87
C ILE C 131 -61.25 11.83 32.94
N ARG C 132 -60.23 11.43 33.69
CA ARG C 132 -59.88 10.02 33.86
C ARG C 132 -60.23 9.67 35.31
N GLY C 133 -61.45 9.18 35.50
CA GLY C 133 -61.95 8.87 36.82
C GLY C 133 -62.02 10.09 37.72
N GLY C 134 -61.10 10.19 38.66
CA GLY C 134 -61.04 11.32 39.58
C GLY C 134 -60.08 12.39 39.10
N GLU C 135 -59.16 12.01 38.23
CA GLU C 135 -58.13 12.91 37.73
C GLU C 135 -58.57 13.50 36.40
N SER C 136 -57.86 14.54 35.96
CA SER C 136 -58.29 15.27 34.77
C SER C 136 -57.09 15.84 34.04
N VAL C 137 -57.26 16.04 32.74
CA VAL C 137 -56.28 16.70 31.89
C VAL C 137 -57.03 17.73 31.05
N PHE C 138 -56.70 19.01 31.27
CA PHE C 138 -57.35 20.10 30.55
C PHE C 138 -56.37 20.65 29.52
N LYS C 139 -56.85 20.83 28.29
CA LYS C 139 -56.00 21.35 27.23
C LYS C 139 -56.79 22.32 26.37
N ILE C 140 -56.17 23.46 26.07
CA ILE C 140 -56.69 24.40 25.10
C ILE C 140 -56.05 24.08 23.75
N VAL C 141 -56.87 23.98 22.71
CA VAL C 141 -56.39 23.49 21.42
C VAL C 141 -56.67 24.52 20.33
N GLU C 142 -55.83 24.49 19.30
CA GLU C 142 -56.02 25.27 18.08
C GLU C 142 -56.35 24.33 16.94
N ILE C 143 -57.48 24.58 16.27
CA ILE C 143 -57.91 23.77 15.13
C ILE C 143 -57.65 24.59 13.87
N ASN C 144 -56.55 24.29 13.18
CA ASN C 144 -56.26 24.90 11.89
C ASN C 144 -56.71 23.96 10.78
N ASP C 145 -56.39 24.33 9.54
CA ASP C 145 -56.70 23.46 8.40
C ASP C 145 -55.92 22.15 8.43
N PHE C 146 -54.85 22.07 9.23
CA PHE C 146 -53.97 20.91 9.20
C PHE C 146 -54.19 19.95 10.37
N LYS C 147 -53.93 20.40 11.59
CA LYS C 147 -53.83 19.51 12.74
C LYS C 147 -54.58 20.09 13.93
N GLN C 148 -54.86 19.22 14.90
CA GLN C 148 -55.44 19.60 16.18
C GLN C 148 -54.28 19.69 17.17
N LEU C 149 -53.65 20.86 17.22
CA LEU C 149 -52.48 20.97 18.08
C LEU C 149 -52.81 21.65 19.40
N PRO C 150 -52.29 21.14 20.51
CA PRO C 150 -52.60 21.73 21.82
C PRO C 150 -51.73 22.95 22.10
N HIS C 151 -52.37 24.03 22.53
CA HIS C 151 -51.62 25.21 22.98
C HIS C 151 -51.02 24.97 24.35
N ILE C 152 -51.85 24.67 25.35
CA ILE C 152 -51.38 24.48 26.72
C ILE C 152 -52.09 23.27 27.31
N THR C 153 -51.36 22.52 28.14
CA THR C 153 -51.87 21.31 28.78
C THR C 153 -51.75 21.47 30.29
N LEU C 154 -52.84 21.26 31.00
CA LEU C 154 -52.84 21.40 32.45
C LEU C 154 -53.45 20.15 33.09
N ALA C 155 -52.91 19.76 34.24
CA ALA C 155 -53.34 18.58 34.96
C ALA C 155 -54.17 19.00 36.18
N PHE C 156 -55.25 18.27 36.42
CA PHE C 156 -56.14 18.56 37.54
C PHE C 156 -56.34 17.33 38.40
N ARG C 157 -56.56 17.58 39.68
CA ARG C 157 -56.79 16.57 40.71
C ARG C 157 -57.96 17.03 41.54
N PRO C 158 -58.55 16.15 42.35
CA PRO C 158 -59.59 16.62 43.29
C PRO C 158 -59.04 17.62 44.30
N GLY C 159 -59.89 18.10 45.20
CA GLY C 159 -59.48 19.14 46.12
C GLY C 159 -59.43 18.69 47.57
N ASN C 160 -58.75 19.47 48.40
CA ASN C 160 -58.73 19.19 49.83
C ASN C 160 -60.15 19.31 50.39
N ASP C 161 -60.37 18.62 51.52
CA ASP C 161 -61.68 18.62 52.15
C ASP C 161 -62.12 20.02 52.56
N SER C 162 -61.17 20.89 52.89
CA SER C 162 -61.50 22.26 53.26
C SER C 162 -62.05 23.02 52.07
N VAL C 163 -61.37 22.93 50.92
CA VAL C 163 -61.83 23.64 49.74
C VAL C 163 -63.20 23.11 49.31
N VAL C 164 -63.40 21.81 49.47
CA VAL C 164 -64.71 21.21 49.23
C VAL C 164 -65.73 21.78 50.21
N LYS C 165 -65.34 21.94 51.47
CA LYS C 165 -66.24 22.51 52.48
C LYS C 165 -66.74 23.87 52.05
N GLN C 166 -65.84 24.79 51.74
CA GLN C 166 -66.36 26.12 51.41
C GLN C 166 -66.97 26.17 50.01
N PHE C 167 -66.58 25.30 49.09
CA PHE C 167 -67.27 25.26 47.80
C PHE C 167 -68.73 24.85 48.01
N LEU C 168 -68.95 23.85 48.85
CA LEU C 168 -70.31 23.46 49.23
C LEU C 168 -71.01 24.60 49.94
N ALA C 169 -70.28 25.36 50.76
CA ALA C 169 -70.86 26.51 51.45
C ALA C 169 -71.27 27.61 50.47
N PHE C 170 -70.43 27.91 49.48
CA PHE C 170 -70.78 28.89 48.46
C PHE C 170 -72.01 28.44 47.69
N ARG C 171 -72.05 27.18 47.30
CA ARG C 171 -73.21 26.65 46.60
C ARG C 171 -74.45 26.73 47.50
N LEU C 172 -74.29 26.44 48.79
CA LEU C 172 -75.40 26.51 49.73
C LEU C 172 -75.93 27.94 49.85
N SER C 173 -75.03 28.91 49.95
CA SER C 173 -75.45 30.31 50.02
C SER C 173 -76.15 30.73 48.74
N GLU C 174 -75.60 30.35 47.58
CA GLU C 174 -76.23 30.69 46.31
C GLU C 174 -77.62 30.08 46.20
N VAL C 175 -77.76 28.82 46.58
CA VAL C 175 -79.04 28.14 46.44
C VAL C 175 -80.05 28.68 47.46
N LYS C 176 -79.60 29.02 48.67
CA LYS C 176 -80.49 29.67 49.62
C LYS C 176 -80.94 31.04 49.12
N GLY C 177 -80.04 31.81 48.52
CA GLY C 177 -80.43 33.06 47.92
C GLY C 177 -81.43 32.86 46.79
N THR C 178 -81.22 31.81 46.00
CA THR C 178 -82.17 31.47 44.94
C THR C 178 -83.54 31.16 45.53
N CYS C 179 -83.57 30.42 46.65
CA CYS C 179 -84.85 30.09 47.27
C CYS C 179 -85.50 31.33 47.88
N HIS C 180 -84.71 32.25 48.42
CA HIS C 180 -85.28 33.49 48.96
C HIS C 180 -85.87 34.34 47.84
N ASP C 181 -85.14 34.50 46.74
CA ASP C 181 -85.67 35.21 45.58
C ASP C 181 -86.92 34.51 45.04
N LEU C 182 -86.91 33.18 45.04
CA LEU C 182 -88.04 32.41 44.55
C LEU C 182 -89.27 32.61 45.42
N SER C 183 -89.07 32.66 46.75
CA SER C 183 -90.17 32.91 47.66
C SER C 183 -90.69 34.34 47.51
N ASP C 184 -89.77 35.30 47.30
CA ASP C 184 -90.19 36.67 47.03
C ASP C 184 -91.03 36.74 45.76
N ASP C 185 -90.59 36.07 44.69
CA ASP C 185 -91.34 36.07 43.45
C ASP C 185 -92.68 35.39 43.60
N LEU C 186 -92.76 34.35 44.44
CA LEU C 186 -94.04 33.68 44.67
C LEU C 186 -94.99 34.56 45.48
N SER C 187 -94.45 35.29 46.47
CA SER C 187 -95.27 36.25 47.20
C SER C 187 -95.77 37.36 46.29
N ARG C 188 -94.90 37.89 45.42
CA ARG C 188 -95.31 38.93 44.48
C ARG C 188 -96.37 38.43 43.51
N THR C 189 -96.21 37.20 43.01
CA THR C 189 -97.19 36.65 42.08
C THR C 189 -98.52 36.40 42.76
N ARG C 190 -98.48 35.96 44.02
CA ARG C 190 -99.73 35.76 44.77
C ARG C 190 -100.41 37.09 45.09
N ASP C 191 -99.62 38.13 45.39
CA ASP C 191 -100.20 39.44 45.60
C ASP C 191 -100.82 39.99 44.33
N ASP C 192 -100.18 39.78 43.18
CA ASP C 192 -100.76 40.22 41.92
C ASP C 192 -102.04 39.44 41.61
N ARG C 193 -102.05 38.14 41.93
CA ARG C 193 -103.25 37.34 41.75
C ARG C 193 -104.39 37.83 42.65
N ASP C 194 -104.07 38.11 43.92
CA ASP C 194 -105.09 38.62 44.84
C ASP C 194 -105.63 39.96 44.39
N SER C 195 -104.75 40.83 43.87
CA SER C 195 -105.22 42.12 43.36
C SER C 195 -106.14 41.91 42.16
N MET C 196 -105.78 41.02 41.24
CA MET C 196 -106.66 40.70 40.12
C MET C 196 -107.93 40.00 40.61
N VAL C 197 -107.79 39.12 41.59
CA VAL C 197 -108.94 38.48 42.22
C VAL C 197 -109.82 39.54 42.89
N ALA C 198 -111.12 39.23 43.03
CA ALA C 198 -112.18 40.04 43.62
C ALA C 198 -112.72 41.03 42.59
N GLN C 199 -112.15 41.07 41.38
CA GLN C 199 -112.58 41.94 40.30
C GLN C 199 -113.50 41.25 39.30
N LEU C 200 -113.17 40.01 38.90
CA LEU C 200 -114.00 39.26 37.96
C LEU C 200 -115.35 38.92 38.56
N ALA C 201 -115.39 38.61 39.86
CA ALA C 201 -116.67 38.31 40.52
C ALA C 201 -117.60 39.51 40.44
N GLN C 202 -117.07 40.71 40.69
CA GLN C 202 -117.88 41.92 40.60
C GLN C 202 -118.38 42.15 39.17
N CYS C 203 -117.56 41.82 38.17
CA CYS C 203 -118.00 41.96 36.79
C CYS C 203 -119.13 40.99 36.47
N ARG C 204 -119.02 39.74 36.95
CA ARG C 204 -120.10 38.77 36.75
C ARG C 204 -121.36 39.24 37.46
N GLN C 205 -121.21 39.84 38.64
CA GLN C 205 -122.36 40.37 39.38
C GLN C 205 -123.03 41.50 38.60
N GLN C 206 -122.24 42.40 38.03
CA GLN C 206 -122.80 43.48 37.21
C GLN C 206 -123.52 42.93 35.99
N LEU C 207 -122.95 41.88 35.37
CA LEU C 207 -123.60 41.24 34.23
C LEU C 207 -124.95 40.66 34.62
N ALA C 208 -124.99 39.97 35.77
CA ALA C 208 -126.26 39.43 36.26
C ALA C 208 -127.25 40.54 36.56
N GLN C 209 -126.79 41.66 37.12
CA GLN C 209 -127.68 42.78 37.40
C GLN C 209 -128.28 43.34 36.11
N LEU C 210 -127.47 43.51 35.06
CA LEU C 210 -128.03 44.01 33.81
C LEU C 210 -129.01 43.01 33.21
N ARG C 211 -128.72 41.72 33.32
CA ARG C 211 -129.68 40.72 32.84
C ARG C 211 -131.00 40.79 33.62
N GLU C 212 -130.92 41.01 34.94
CA GLU C 212 -132.14 41.18 35.73
C GLU C 212 -132.91 42.42 35.29
N GLN C 213 -132.19 43.52 35.01
CA GLN C 213 -132.86 44.72 34.50
C GLN C 213 -133.53 44.45 33.16
N TYR C 214 -132.89 43.66 32.31
CA TYR C 214 -133.48 43.25 31.04
C TYR C 214 -134.76 42.44 31.25
N ASP C 215 -134.75 41.53 32.23
CA ASP C 215 -135.94 40.76 32.53
C ASP C 215 -137.05 41.67 33.05
N LYS C 216 -136.70 42.65 33.87
CA LYS C 216 -137.69 43.62 34.34
C LYS C 216 -138.29 44.40 33.17
N HIS C 217 -137.44 44.80 32.22
CA HIS C 217 -137.93 45.50 31.03
C HIS C 217 -138.88 44.62 30.22
N LEU C 218 -138.54 43.33 30.09
CA LEU C 218 -139.42 42.41 29.37
C LEU C 218 -140.76 42.25 30.08
N LEU C 219 -140.73 42.22 31.41
CA LEU C 219 -141.98 42.16 32.17
C LEU C 219 -142.80 43.44 31.98
N GLU C 220 -142.13 44.59 31.91
CA GLU C 220 -142.82 45.85 31.68
C GLU C 220 -143.47 45.88 30.31
N VAL C 221 -142.78 45.37 29.29
CA VAL C 221 -143.36 45.31 27.95
C VAL C 221 -144.58 44.38 27.94
N GLN C 222 -144.51 43.29 28.70
CA GLN C 222 -145.61 42.34 28.80
C GLN C 222 -146.86 43.00 29.37
N GLN D 14 2.65 -38.90 -51.78
CA GLN D 14 1.55 -39.73 -51.32
C GLN D 14 1.45 -39.72 -49.80
N THR D 15 2.58 -39.47 -49.13
CA THR D 15 2.64 -39.36 -47.68
C THR D 15 2.95 -37.93 -47.29
N GLY D 16 3.12 -37.70 -45.99
CA GLY D 16 3.13 -36.35 -45.47
C GLY D 16 4.46 -35.63 -45.46
N PHE D 17 5.36 -35.98 -44.53
CA PHE D 17 6.62 -35.27 -44.39
C PHE D 17 7.72 -35.94 -45.20
N ASP D 18 8.39 -35.17 -46.04
CA ASP D 18 9.47 -35.68 -46.89
C ASP D 18 10.79 -35.48 -46.15
N LEU D 19 11.31 -36.58 -45.57
CA LEU D 19 12.55 -36.49 -44.82
C LEU D 19 13.76 -36.21 -45.72
N SER D 20 13.67 -36.56 -47.01
CA SER D 20 14.77 -36.27 -47.92
C SER D 20 14.99 -34.77 -48.05
N THR D 21 13.91 -34.00 -48.17
CA THR D 21 13.98 -32.55 -48.25
C THR D 21 13.93 -31.88 -46.87
N ALA D 22 14.15 -32.63 -45.81
CA ALA D 22 14.06 -32.10 -44.46
C ALA D 22 15.35 -31.36 -44.07
N THR D 23 15.20 -30.41 -43.15
CA THR D 23 16.33 -29.66 -42.59
C THR D 23 16.26 -29.74 -41.08
N THR D 24 17.25 -30.39 -40.47
CA THR D 24 17.27 -30.56 -39.02
C THR D 24 17.80 -29.31 -38.35
N LEU D 25 17.10 -28.87 -37.29
CA LEU D 25 17.48 -27.67 -36.55
C LEU D 25 17.99 -27.93 -35.15
N PHE D 26 17.46 -28.93 -34.45
CA PHE D 26 17.80 -29.16 -33.05
C PHE D 26 17.73 -30.64 -32.74
N TRP D 27 18.77 -31.17 -32.10
CA TRP D 27 18.80 -32.60 -31.76
C TRP D 27 19.86 -32.79 -30.66
N ARG D 28 19.42 -32.74 -29.41
CA ARG D 28 20.31 -32.91 -28.26
C ARG D 28 19.46 -33.23 -27.04
N PRO D 29 20.04 -33.87 -26.03
CA PRO D 29 19.30 -34.13 -24.78
C PRO D 29 18.99 -32.86 -24.01
N VAL D 30 17.83 -32.84 -23.37
CA VAL D 30 17.39 -31.72 -22.53
C VAL D 30 16.80 -32.29 -21.24
N PRO D 31 17.18 -31.77 -20.08
CA PRO D 31 16.58 -32.24 -18.83
C PRO D 31 15.12 -31.85 -18.74
N VAL D 32 14.25 -32.83 -18.49
CA VAL D 32 12.80 -32.63 -18.48
C VAL D 32 12.20 -33.41 -17.32
N HIS D 33 11.27 -32.78 -16.61
CA HIS D 33 10.49 -33.46 -15.57
C HIS D 33 9.35 -34.23 -16.22
N VAL D 34 9.22 -35.50 -15.86
CA VAL D 34 8.17 -36.37 -16.40
C VAL D 34 7.15 -36.66 -15.31
N LYS D 35 5.88 -36.43 -15.62
CA LYS D 35 4.78 -36.61 -14.67
C LYS D 35 3.75 -37.58 -15.23
N GLN D 36 3.38 -38.57 -14.44
CA GLN D 36 2.38 -39.55 -14.81
C GLN D 36 1.26 -39.53 -13.77
N GLN D 37 0.12 -40.14 -14.12
CA GLN D 37 -1.07 -40.03 -13.28
C GLN D 37 -0.90 -40.71 -11.93
N ASP D 38 -0.21 -41.84 -11.85
CA ASP D 38 -0.07 -42.60 -10.61
C ASP D 38 1.38 -42.92 -10.35
N ARG D 39 2.28 -41.97 -10.63
CA ARG D 39 3.71 -42.19 -10.62
C ARG D 39 4.43 -40.91 -10.22
N GLU D 40 5.39 -41.03 -9.32
CA GLU D 40 6.18 -39.88 -8.90
C GLU D 40 6.94 -39.29 -10.09
N ASP D 41 7.20 -37.98 -10.00
CA ASP D 41 7.86 -37.26 -11.07
C ASP D 41 9.37 -37.47 -11.01
N VAL D 42 9.95 -37.91 -12.13
CA VAL D 42 11.35 -38.28 -12.21
C VAL D 42 12.01 -37.43 -13.29
N LEU D 43 13.23 -36.97 -13.00
CA LEU D 43 14.01 -36.13 -13.91
C LEU D 43 14.80 -37.03 -14.87
N GLU D 44 14.25 -37.26 -16.05
CA GLU D 44 14.91 -38.05 -17.08
C GLU D 44 15.35 -37.14 -18.21
N GLU D 45 16.62 -37.22 -18.60
CA GLU D 45 17.16 -36.41 -19.70
C GLU D 45 16.65 -36.93 -21.03
N LEU D 46 15.54 -36.39 -21.50
CA LEU D 46 14.96 -36.80 -22.77
C LEU D 46 15.57 -36.01 -23.93
N THR D 47 15.82 -36.72 -25.02
CA THR D 47 16.38 -36.10 -26.23
C THR D 47 15.26 -35.62 -27.13
N PHE D 48 15.45 -34.44 -27.73
CA PHE D 48 14.51 -33.82 -28.65
C PHE D 48 15.10 -33.73 -30.04
N ARG D 49 14.21 -33.64 -31.03
CA ARG D 49 14.59 -33.47 -32.42
C ARG D 49 13.57 -32.59 -33.11
N ILE D 50 14.04 -31.54 -33.77
CA ILE D 50 13.21 -30.57 -34.46
C ILE D 50 13.55 -30.62 -35.94
N LEU D 51 12.52 -30.74 -36.78
CA LEU D 51 12.70 -30.93 -38.22
C LEU D 51 11.75 -30.01 -38.98
N THR D 52 12.25 -29.41 -40.04
CA THR D 52 11.44 -28.59 -40.94
C THR D 52 11.49 -29.16 -42.36
N GLY D 53 10.40 -28.98 -43.09
CA GLY D 53 10.35 -29.47 -44.45
C GLY D 53 9.04 -29.11 -45.12
N VAL D 54 8.75 -29.81 -46.21
CA VAL D 54 7.52 -29.59 -46.99
C VAL D 54 6.83 -30.92 -47.21
N ALA D 55 5.55 -30.84 -47.57
CA ALA D 55 4.76 -32.03 -47.82
C ALA D 55 5.03 -32.58 -49.22
N LYS D 56 4.91 -33.91 -49.36
CA LYS D 56 5.05 -34.53 -50.66
C LYS D 56 3.91 -34.13 -51.59
N GLN D 57 2.69 -33.99 -51.05
CA GLN D 57 1.55 -33.62 -51.88
C GLN D 57 1.74 -32.22 -52.45
N ASN D 58 2.11 -31.26 -51.61
CA ASN D 58 2.32 -29.88 -52.03
C ASN D 58 3.61 -29.37 -51.41
N HIS D 59 4.50 -28.86 -52.23
CA HIS D 59 5.77 -28.32 -51.75
C HIS D 59 5.65 -26.88 -51.28
N ASN D 60 4.56 -26.19 -51.59
CA ASN D 60 4.41 -24.82 -51.15
C ASN D 60 3.94 -24.73 -49.70
N LEU D 61 3.43 -25.82 -49.13
CA LEU D 61 3.01 -25.85 -47.73
C LEU D 61 4.12 -26.48 -46.92
N ARG D 62 4.60 -25.75 -45.93
CA ARG D 62 5.71 -26.18 -45.07
C ARG D 62 5.19 -26.71 -43.73
N ILE D 63 5.91 -27.68 -43.18
CA ILE D 63 5.48 -28.40 -41.98
C ILE D 63 6.67 -28.53 -41.03
N LEU D 64 6.41 -28.31 -39.74
CA LEU D 64 7.39 -28.48 -38.67
C LEU D 64 7.06 -29.74 -37.86
N ARG D 65 8.10 -30.46 -37.45
CA ARG D 65 7.93 -31.73 -36.78
C ARG D 65 8.90 -31.82 -35.60
N ILE D 66 8.38 -32.29 -34.46
CA ILE D 66 9.17 -32.40 -33.23
C ILE D 66 8.99 -33.81 -32.67
N HIS D 67 10.12 -34.44 -32.31
CA HIS D 67 10.13 -35.80 -31.77
C HIS D 67 10.79 -35.82 -30.39
N ILE D 68 10.16 -36.53 -29.45
CA ILE D 68 10.73 -36.80 -28.13
C ILE D 68 11.11 -38.27 -28.05
N SER D 69 12.39 -38.54 -27.81
CA SER D 69 12.86 -39.91 -27.61
C SER D 69 13.41 -40.01 -26.18
N SER D 70 13.51 -41.26 -25.72
CA SER D 70 13.95 -41.56 -24.35
C SER D 70 15.01 -42.64 -24.41
N ASP D 71 16.27 -42.27 -24.19
CA ASP D 71 17.34 -43.28 -24.18
C ASP D 71 17.14 -44.32 -23.09
N SER D 72 16.45 -43.96 -22.00
CA SER D 72 16.16 -44.94 -20.96
C SER D 72 15.05 -45.88 -21.41
N ASP D 73 13.89 -45.33 -21.74
CA ASP D 73 12.74 -46.06 -22.24
C ASP D 73 12.77 -45.95 -23.76
N LEU D 74 13.33 -46.95 -24.43
CA LEU D 74 13.61 -46.75 -25.84
C LEU D 74 12.40 -46.96 -26.74
N PHE D 75 11.29 -47.45 -26.21
CA PHE D 75 10.05 -47.57 -26.98
C PHE D 75 9.10 -46.43 -26.65
N PHE D 76 9.67 -45.23 -26.47
CA PHE D 76 8.93 -44.04 -26.05
C PHE D 76 9.23 -42.91 -27.01
N LEU D 77 8.43 -42.82 -28.08
CA LEU D 77 8.49 -41.74 -29.05
C LEU D 77 7.17 -40.99 -29.02
N HIS D 78 7.24 -39.66 -29.04
CA HIS D 78 6.06 -38.81 -29.18
C HIS D 78 6.36 -37.71 -30.20
N THR D 79 5.36 -37.41 -31.01
CA THR D 79 5.50 -36.58 -32.20
C THR D 79 4.60 -35.36 -32.14
N LEU D 80 5.00 -34.34 -32.90
CA LEU D 80 4.22 -33.12 -33.07
C LEU D 80 4.30 -32.69 -34.52
N GLU D 81 3.14 -32.43 -35.13
CA GLU D 81 3.07 -31.96 -36.50
C GLU D 81 2.40 -30.60 -36.49
N VAL D 82 3.02 -29.64 -37.20
CA VAL D 82 2.51 -28.28 -37.25
C VAL D 82 2.51 -27.83 -38.71
N SER D 83 1.32 -27.63 -39.27
CA SER D 83 1.21 -27.01 -40.57
C SER D 83 1.16 -25.50 -40.41
N GLU D 84 1.29 -24.79 -41.53
CA GLU D 84 1.19 -23.34 -41.49
C GLU D 84 -0.22 -22.90 -41.12
N GLU D 85 -1.23 -23.63 -41.63
CA GLU D 85 -2.61 -23.35 -41.29
C GLU D 85 -2.86 -23.58 -39.80
N ASP D 86 -2.42 -24.72 -39.29
CA ASP D 86 -2.55 -24.99 -37.86
C ASP D 86 -1.71 -24.02 -37.04
N PHE D 87 -0.61 -23.52 -37.61
CA PHE D 87 0.21 -22.56 -36.89
C PHE D 87 -0.51 -21.23 -36.71
N GLN D 88 -1.32 -20.82 -37.69
CA GLN D 88 -2.09 -19.60 -37.52
C GLN D 88 -3.03 -19.71 -36.32
N SER D 89 -3.73 -20.84 -36.20
CA SER D 89 -4.61 -21.06 -35.06
C SER D 89 -3.83 -21.08 -33.76
N LEU D 90 -2.69 -21.78 -33.72
CA LEU D 90 -1.89 -21.85 -32.50
C LEU D 90 -1.39 -20.47 -32.09
N LYS D 91 -0.99 -19.66 -33.07
CA LYS D 91 -0.52 -18.31 -32.79
C LYS D 91 -1.64 -17.44 -32.25
N ASN D 92 -2.85 -17.58 -32.81
CA ASN D 92 -3.97 -16.79 -32.31
C ASN D 92 -4.40 -17.23 -30.91
N ASP D 93 -4.37 -18.54 -30.63
CA ASP D 93 -4.85 -18.99 -29.32
C ASP D 93 -3.84 -18.71 -28.21
N GLN D 94 -2.56 -18.99 -28.44
CA GLN D 94 -1.56 -18.83 -27.39
C GLN D 94 -0.86 -17.47 -27.46
N GLY D 95 -1.31 -16.57 -28.32
CA GLY D 95 -0.78 -15.22 -28.34
C GLY D 95 0.65 -15.09 -28.81
N ILE D 96 1.07 -15.93 -29.77
CA ILE D 96 2.41 -15.81 -30.32
C ILE D 96 2.48 -14.56 -31.21
N LEU D 97 3.67 -13.97 -31.30
CA LEU D 97 3.86 -12.78 -32.10
C LEU D 97 4.81 -12.95 -33.28
N VAL D 98 5.61 -14.03 -33.30
CA VAL D 98 6.58 -14.26 -34.36
C VAL D 98 5.91 -14.97 -35.53
N ASP D 99 6.61 -15.06 -36.65
CA ASP D 99 6.11 -15.76 -37.82
C ASP D 99 6.44 -17.26 -37.72
N PHE D 100 6.00 -18.02 -38.73
CA PHE D 100 6.23 -19.46 -38.73
C PHE D 100 7.72 -19.79 -38.70
N ALA D 101 8.54 -18.98 -39.39
CA ALA D 101 9.96 -19.29 -39.50
C ALA D 101 10.68 -19.18 -38.16
N SER D 102 10.32 -18.17 -37.35
CA SER D 102 11.01 -17.93 -36.09
C SER D 102 10.46 -18.74 -34.92
N PHE D 103 9.36 -19.46 -35.12
CA PHE D 103 8.81 -20.30 -34.06
C PHE D 103 9.82 -21.32 -33.54
N PRO D 104 10.45 -22.15 -34.38
CA PRO D 104 11.44 -23.10 -33.85
C PRO D 104 12.62 -22.43 -33.18
N GLY D 105 13.04 -21.25 -33.64
CA GLY D 105 14.14 -20.56 -33.00
C GLY D 105 13.83 -20.20 -31.56
N LYS D 106 12.63 -19.65 -31.32
CA LYS D 106 12.25 -19.32 -29.95
C LYS D 106 12.05 -20.58 -29.11
N ILE D 107 11.51 -21.64 -29.71
CA ILE D 107 11.40 -22.90 -28.98
C ILE D 107 12.78 -23.39 -28.55
N ILE D 108 13.76 -23.31 -29.44
CA ILE D 108 15.11 -23.78 -29.12
C ILE D 108 15.74 -22.88 -28.06
N SER D 109 15.45 -21.57 -28.12
CA SER D 109 15.98 -20.67 -27.09
C SER D 109 15.42 -21.01 -25.72
N LEU D 110 14.11 -21.30 -25.64
CA LEU D 110 13.52 -21.69 -24.37
C LEU D 110 14.09 -23.03 -23.89
N LEU D 111 14.28 -23.98 -24.81
CA LEU D 111 14.86 -25.26 -24.42
C LEU D 111 16.29 -25.08 -23.92
N GLU D 112 17.05 -24.16 -24.51
CA GLU D 112 18.40 -23.89 -24.02
C GLU D 112 18.35 -23.26 -22.63
N LYS D 113 17.39 -22.34 -22.40
CA LYS D 113 17.17 -21.84 -21.06
C LYS D 113 16.88 -22.98 -20.08
N CYS D 114 16.17 -24.00 -20.56
CA CYS D 114 15.91 -25.18 -19.71
C CYS D 114 17.20 -25.93 -19.43
N ILE D 115 18.08 -26.07 -20.43
CA ILE D 115 19.29 -26.86 -20.26
C ILE D 115 20.26 -26.15 -19.31
N LEU D 116 20.46 -24.86 -19.52
CA LEU D 116 21.39 -24.07 -18.71
C LEU D 116 20.77 -23.61 -17.40
N ALA D 117 19.62 -24.16 -17.01
CA ALA D 117 18.95 -23.74 -15.79
C ALA D 117 19.77 -24.11 -14.57
N GLN D 118 20.05 -23.10 -13.72
CA GLN D 118 20.75 -23.41 -12.49
C GLN D 118 19.75 -23.79 -11.40
N PRO D 119 20.13 -24.70 -10.50
CA PRO D 119 19.19 -25.08 -9.43
C PRO D 119 18.73 -23.91 -8.58
N GLY D 120 19.63 -22.99 -8.26
CA GLY D 120 19.26 -21.80 -7.52
C GLY D 120 19.32 -20.58 -8.43
N ASP D 121 18.17 -20.23 -9.02
CA ASP D 121 18.11 -19.12 -9.95
C ASP D 121 16.69 -18.58 -9.96
N SER D 122 16.57 -17.26 -10.08
CA SER D 122 15.26 -16.62 -10.16
C SER D 122 15.25 -15.57 -11.25
N PRO D 123 14.41 -15.73 -12.28
CA PRO D 123 13.53 -16.89 -12.45
C PRO D 123 14.24 -18.11 -13.03
N ARG D 124 13.79 -19.30 -12.67
CA ARG D 124 14.36 -20.55 -13.16
C ARG D 124 13.43 -21.17 -14.18
N PHE D 125 13.95 -21.44 -15.37
CA PHE D 125 13.19 -22.07 -16.43
C PHE D 125 13.32 -23.59 -16.34
N GLN D 126 12.20 -24.28 -16.45
CA GLN D 126 12.17 -25.73 -16.35
C GLN D 126 11.20 -26.28 -17.38
N ALA D 127 11.37 -27.56 -17.71
CA ALA D 127 10.51 -28.25 -18.67
C ALA D 127 9.79 -29.40 -17.98
N VAL D 128 8.52 -29.58 -18.33
CA VAL D 128 7.68 -30.62 -17.72
C VAL D 128 6.85 -31.30 -18.80
N LEU D 129 6.78 -32.63 -18.73
CA LEU D 129 6.01 -33.44 -19.66
C LEU D 129 5.05 -34.30 -18.86
N THR D 130 3.76 -34.19 -19.15
CA THR D 130 2.73 -34.98 -18.47
C THR D 130 2.19 -36.05 -19.41
N ILE D 131 2.31 -37.31 -19.02
CA ILE D 131 1.89 -38.43 -19.84
C ILE D 131 0.56 -38.95 -19.30
N ARG D 132 -0.51 -38.75 -20.07
CA ARG D 132 -1.86 -39.21 -19.74
C ARG D 132 -2.33 -40.12 -20.87
N GLY D 133 -2.19 -41.43 -20.70
CA GLY D 133 -2.53 -42.34 -21.76
C GLY D 133 -1.57 -42.16 -22.94
N GLY D 134 -1.95 -42.76 -24.06
CA GLY D 134 -1.14 -42.70 -25.27
C GLY D 134 -0.49 -41.38 -25.65
N GLU D 135 -1.10 -40.25 -25.29
CA GLU D 135 -0.56 -38.94 -25.62
C GLU D 135 0.03 -38.25 -24.40
N SER D 136 0.67 -37.11 -24.66
CA SER D 136 1.42 -36.38 -23.65
C SER D 136 1.31 -34.89 -23.92
N VAL D 137 1.55 -34.10 -22.88
CA VAL D 137 1.50 -32.63 -22.97
C VAL D 137 2.79 -32.06 -22.38
N PHE D 138 3.55 -31.36 -23.20
CA PHE D 138 4.83 -30.77 -22.83
C PHE D 138 4.68 -29.27 -22.69
N LYS D 139 5.20 -28.73 -21.58
CA LYS D 139 5.15 -27.29 -21.31
C LYS D 139 6.45 -26.82 -20.67
N ILE D 140 6.96 -25.68 -21.14
CA ILE D 140 8.07 -25.01 -20.50
C ILE D 140 7.50 -23.94 -19.57
N VAL D 141 7.96 -23.93 -18.33
CA VAL D 141 7.41 -23.06 -17.30
C VAL D 141 8.54 -22.23 -16.68
N GLU D 142 8.16 -21.07 -16.15
CA GLU D 142 9.07 -20.22 -15.39
C GLU D 142 8.66 -20.23 -13.92
N ILE D 143 9.61 -20.58 -13.06
CA ILE D 143 9.40 -20.58 -11.62
C ILE D 143 10.14 -19.38 -11.05
N ASN D 144 9.40 -18.31 -10.76
CA ASN D 144 9.94 -17.12 -10.13
C ASN D 144 9.66 -17.17 -8.62
N ASP D 145 9.93 -16.06 -7.93
CA ASP D 145 9.62 -15.98 -6.51
C ASP D 145 8.13 -16.06 -6.22
N PHE D 146 7.29 -15.89 -7.25
CA PHE D 146 5.85 -15.82 -7.04
C PHE D 146 5.16 -17.14 -7.39
N LYS D 147 5.12 -17.47 -8.69
CA LYS D 147 4.28 -18.56 -9.17
C LYS D 147 5.02 -19.35 -10.25
N GLN D 148 4.43 -20.49 -10.63
CA GLN D 148 4.93 -21.31 -11.73
C GLN D 148 4.14 -20.92 -12.98
N LEU D 149 4.66 -19.96 -13.72
CA LEU D 149 3.88 -19.53 -14.89
C LEU D 149 4.35 -20.24 -16.14
N PRO D 150 3.41 -20.72 -16.97
CA PRO D 150 3.80 -21.43 -18.19
C PRO D 150 4.12 -20.45 -19.32
N HIS D 151 5.29 -20.64 -19.95
CA HIS D 151 5.59 -19.86 -21.15
C HIS D 151 4.83 -20.40 -22.36
N ILE D 152 5.06 -21.66 -22.72
CA ILE D 152 4.41 -22.28 -23.86
C ILE D 152 4.03 -23.71 -23.51
N THR D 153 2.87 -24.15 -24.00
CA THR D 153 2.36 -25.50 -23.78
C THR D 153 2.09 -26.13 -25.14
N LEU D 154 2.64 -27.32 -25.37
CA LEU D 154 2.51 -28.00 -26.64
C LEU D 154 2.02 -29.44 -26.42
N ALA D 155 1.23 -29.92 -27.36
CA ALA D 155 0.65 -31.26 -27.30
C ALA D 155 1.38 -32.19 -28.25
N PHE D 156 1.61 -33.43 -27.81
CA PHE D 156 2.35 -34.42 -28.57
C PHE D 156 1.49 -35.66 -28.76
N ARG D 157 1.73 -36.39 -29.84
CA ARG D 157 0.90 -37.51 -30.25
C ARG D 157 1.77 -38.72 -30.57
N PRO D 158 1.17 -39.92 -30.61
CA PRO D 158 1.91 -41.08 -31.10
C PRO D 158 2.22 -40.91 -32.58
N GLY D 159 3.36 -41.45 -33.00
CA GLY D 159 3.80 -41.27 -34.36
C GLY D 159 3.13 -42.21 -35.33
N ASN D 160 3.19 -41.83 -36.61
CA ASN D 160 2.72 -42.69 -37.68
C ASN D 160 3.56 -43.96 -37.73
N ASP D 161 2.99 -45.02 -38.31
CA ASP D 161 3.72 -46.28 -38.39
C ASP D 161 5.01 -46.12 -39.18
N SER D 162 5.04 -45.23 -40.15
CA SER D 162 6.27 -45.00 -40.92
C SER D 162 7.35 -44.37 -40.05
N VAL D 163 6.99 -43.31 -39.31
CA VAL D 163 7.96 -42.64 -38.46
C VAL D 163 8.39 -43.55 -37.31
N VAL D 164 7.46 -44.34 -36.78
CA VAL D 164 7.82 -45.31 -35.74
C VAL D 164 8.78 -46.34 -36.31
N LYS D 165 8.52 -46.82 -37.53
CA LYS D 165 9.43 -47.76 -38.19
C LYS D 165 10.83 -47.16 -38.32
N GLN D 166 10.91 -45.91 -38.78
CA GLN D 166 12.23 -45.30 -38.99
C GLN D 166 12.96 -45.03 -37.68
N PHE D 167 12.22 -44.68 -36.62
CA PHE D 167 12.85 -44.51 -35.31
C PHE D 167 13.36 -45.85 -34.79
N LEU D 168 12.57 -46.91 -34.95
CA LEU D 168 13.03 -48.24 -34.56
C LEU D 168 14.24 -48.66 -35.38
N ALA D 169 14.30 -48.28 -36.66
CA ALA D 169 15.47 -48.61 -37.47
C ALA D 169 16.70 -47.90 -36.95
N PHE D 170 16.55 -46.62 -36.58
CA PHE D 170 17.67 -45.90 -35.97
C PHE D 170 18.10 -46.59 -34.67
N ARG D 171 17.13 -47.01 -33.86
CA ARG D 171 17.45 -47.72 -32.63
C ARG D 171 18.20 -49.01 -32.92
N LEU D 172 17.79 -49.74 -33.96
CA LEU D 172 18.50 -50.97 -34.31
C LEU D 172 19.93 -50.70 -34.72
N SER D 173 20.15 -49.66 -35.53
CA SER D 173 21.51 -49.33 -35.94
C SER D 173 22.36 -48.93 -34.74
N GLU D 174 21.82 -48.07 -33.86
CA GLU D 174 22.55 -47.61 -32.69
C GLU D 174 22.88 -48.77 -31.75
N VAL D 175 21.91 -49.64 -31.49
CA VAL D 175 22.12 -50.74 -30.56
C VAL D 175 23.05 -51.77 -31.16
N LYS D 176 22.96 -52.00 -32.48
CA LYS D 176 23.89 -52.90 -33.15
C LYS D 176 25.32 -52.39 -33.04
N GLY D 177 25.53 -51.09 -33.27
CA GLY D 177 26.87 -50.54 -33.12
C GLY D 177 27.39 -50.62 -31.70
N THR D 178 26.54 -50.26 -30.72
CA THR D 178 26.97 -50.28 -29.33
C THR D 178 27.33 -51.70 -28.89
N CYS D 179 26.47 -52.66 -29.25
CA CYS D 179 26.71 -54.04 -28.87
C CYS D 179 27.89 -54.66 -29.60
N HIS D 180 28.14 -54.24 -30.84
CA HIS D 180 29.34 -54.73 -31.53
C HIS D 180 30.59 -54.22 -30.83
N ASP D 181 30.59 -52.95 -30.45
CA ASP D 181 31.72 -52.40 -29.68
C ASP D 181 31.89 -53.15 -28.36
N LEU D 182 30.77 -53.43 -27.68
CA LEU D 182 30.84 -54.14 -26.40
C LEU D 182 31.29 -55.58 -26.57
N SER D 183 30.87 -56.25 -27.64
CA SER D 183 31.31 -57.62 -27.89
C SER D 183 32.80 -57.66 -28.19
N ASP D 184 33.30 -56.68 -28.95
CA ASP D 184 34.74 -56.56 -29.14
C ASP D 184 35.44 -56.35 -27.80
N ASP D 185 34.88 -55.48 -26.96
CA ASP D 185 35.48 -55.23 -25.66
C ASP D 185 35.47 -56.48 -24.79
N LEU D 186 34.43 -57.31 -24.88
CA LEU D 186 34.47 -58.54 -24.09
C LEU D 186 35.44 -59.56 -24.68
N SER D 187 35.58 -59.62 -26.01
CA SER D 187 36.63 -60.46 -26.57
C SER D 187 37.98 -60.04 -26.01
N ARG D 188 38.20 -58.72 -25.93
CA ARG D 188 39.42 -58.20 -25.30
C ARG D 188 39.48 -58.57 -23.83
N THR D 189 38.34 -58.54 -23.14
CA THR D 189 38.29 -58.88 -21.71
C THR D 189 38.58 -60.35 -21.47
N ARG D 190 38.12 -61.23 -22.37
CA ARG D 190 38.44 -62.64 -22.26
C ARG D 190 39.90 -62.88 -22.57
N ASP D 191 40.47 -62.10 -23.50
CA ASP D 191 41.92 -62.14 -23.70
C ASP D 191 42.63 -61.66 -22.44
N ASP D 192 42.06 -60.67 -21.75
CA ASP D 192 42.62 -60.20 -20.49
C ASP D 192 42.54 -61.29 -19.43
N ARG D 193 41.44 -62.06 -19.43
CA ARG D 193 41.31 -63.22 -18.56
C ARG D 193 42.37 -64.27 -18.86
N ASP D 194 42.61 -64.52 -20.15
CA ASP D 194 43.69 -65.42 -20.54
C ASP D 194 45.04 -64.89 -20.06
N SER D 195 45.23 -63.58 -20.15
CA SER D 195 46.46 -62.96 -19.67
C SER D 195 46.61 -63.16 -18.17
N MET D 196 45.52 -62.98 -17.42
CA MET D 196 45.54 -63.22 -15.98
C MET D 196 45.82 -64.68 -15.66
N VAL D 197 45.29 -65.59 -16.47
CA VAL D 197 45.64 -67.00 -16.32
C VAL D 197 47.14 -67.20 -16.52
N ALA D 198 47.70 -66.56 -17.55
CA ALA D 198 49.15 -66.62 -17.75
C ALA D 198 49.90 -65.95 -16.61
N GLN D 199 49.24 -65.03 -15.90
CA GLN D 199 49.87 -64.36 -14.77
C GLN D 199 49.90 -65.30 -13.58
N LEU D 200 48.81 -66.05 -13.38
CA LEU D 200 48.80 -67.06 -12.32
C LEU D 200 49.81 -68.15 -12.62
N ALA D 201 49.94 -68.54 -13.90
CA ALA D 201 50.92 -69.55 -14.28
C ALA D 201 52.34 -69.08 -14.02
N GLN D 202 52.67 -67.85 -14.45
CA GLN D 202 54.00 -67.32 -14.20
C GLN D 202 54.23 -67.10 -12.71
N CYS D 203 53.18 -66.77 -11.95
CA CYS D 203 53.31 -66.64 -10.51
C CYS D 203 53.68 -67.98 -9.88
N ARG D 204 53.03 -69.05 -10.32
CA ARG D 204 53.37 -70.38 -9.83
C ARG D 204 54.79 -70.75 -10.21
N GLN D 205 55.21 -70.40 -11.43
CA GLN D 205 56.58 -70.70 -11.85
C GLN D 205 57.61 -69.94 -11.02
N GLN D 206 57.36 -68.64 -10.76
CA GLN D 206 58.27 -67.89 -9.91
C GLN D 206 58.29 -68.44 -8.49
N LEU D 207 57.14 -68.90 -7.99
CA LEU D 207 57.11 -69.53 -6.67
C LEU D 207 57.96 -70.80 -6.67
N ALA D 208 57.88 -71.58 -7.75
CA ALA D 208 58.73 -72.76 -7.88
C ALA D 208 60.20 -72.37 -7.90
N GLN D 209 60.53 -71.28 -8.59
CA GLN D 209 61.90 -70.78 -8.57
C GLN D 209 62.32 -70.41 -7.16
N LEU D 210 61.41 -69.81 -6.40
CA LEU D 210 61.68 -69.46 -5.01
C LEU D 210 61.92 -70.70 -4.17
N ARG D 211 61.16 -71.77 -4.44
CA ARG D 211 61.35 -73.04 -3.76
C ARG D 211 62.73 -73.61 -4.07
N GLU D 212 63.14 -73.54 -5.33
CA GLU D 212 64.46 -74.02 -5.73
C GLU D 212 65.57 -73.21 -5.06
N GLN D 213 65.42 -71.89 -4.99
CA GLN D 213 66.41 -71.08 -4.29
C GLN D 213 66.47 -71.44 -2.81
N TYR D 214 65.33 -71.72 -2.20
CA TYR D 214 65.32 -72.18 -0.82
C TYR D 214 66.07 -73.50 -0.66
N ASP D 215 65.87 -74.42 -1.61
CA ASP D 215 66.60 -75.69 -1.57
C ASP D 215 68.09 -75.47 -1.73
N LYS D 216 68.48 -74.56 -2.63
CA LYS D 216 69.90 -74.25 -2.82
C LYS D 216 70.50 -73.67 -1.55
N HIS D 217 69.79 -72.75 -0.90
CA HIS D 217 70.28 -72.18 0.35
C HIS D 217 70.42 -73.24 1.43
N LEU D 218 69.46 -74.18 1.48
CA LEU D 218 69.56 -75.28 2.44
C LEU D 218 70.77 -76.16 2.15
N LEU D 219 71.04 -76.42 0.86
CA LEU D 219 72.25 -77.15 0.49
C LEU D 219 73.49 -76.40 0.93
N GLU D 220 73.47 -75.07 0.83
CA GLU D 220 74.58 -74.26 1.35
C GLU D 220 74.72 -74.44 2.86
N VAL D 221 73.59 -74.47 3.59
CA VAL D 221 73.63 -74.72 5.02
C VAL D 221 74.10 -76.14 5.30
N GLN D 222 73.74 -77.09 4.45
CA GLN D 222 74.15 -78.48 4.58
C GLN D 222 75.67 -78.61 4.60
N GLY E 16 56.93 -30.52 16.22
CA GLY E 16 57.92 -31.55 16.44
C GLY E 16 58.26 -32.35 15.19
N PHE E 17 57.39 -32.26 14.19
CA PHE E 17 57.55 -32.98 12.94
C PHE E 17 58.22 -32.09 11.90
N ASP E 18 59.26 -32.61 11.25
CA ASP E 18 60.01 -31.86 10.24
C ASP E 18 59.36 -32.12 8.88
N LEU E 19 58.57 -31.16 8.41
CA LEU E 19 57.89 -31.30 7.12
C LEU E 19 58.86 -31.25 5.95
N SER E 20 60.03 -30.63 6.12
CA SER E 20 61.01 -30.59 5.04
C SER E 20 61.50 -32.00 4.69
N THR E 21 61.75 -32.83 5.69
CA THR E 21 62.18 -34.20 5.46
C THR E 21 61.01 -35.17 5.30
N ALA E 22 59.81 -34.64 5.07
CA ALA E 22 58.61 -35.46 4.91
C ALA E 22 58.52 -35.99 3.47
N THR E 23 57.80 -37.10 3.33
CA THR E 23 57.54 -37.72 2.03
C THR E 23 56.04 -37.88 1.86
N THR E 24 55.49 -37.21 0.85
CA THR E 24 54.06 -37.22 0.62
C THR E 24 53.64 -38.54 -0.03
N LEU E 25 52.58 -39.15 0.50
CA LEU E 25 52.11 -40.45 0.00
C LEU E 25 50.77 -40.38 -0.71
N PHE E 26 49.81 -39.64 -0.17
CA PHE E 26 48.46 -39.61 -0.74
C PHE E 26 47.77 -38.31 -0.36
N TRP E 27 47.22 -37.61 -1.36
CA TRP E 27 46.51 -36.36 -1.07
C TRP E 27 45.63 -35.99 -2.27
N ARG E 28 44.34 -36.30 -2.16
CA ARG E 28 43.34 -36.07 -3.20
C ARG E 28 41.97 -36.01 -2.54
N PRO E 29 40.99 -35.39 -3.19
CA PRO E 29 39.64 -35.36 -2.60
C PRO E 29 39.04 -36.75 -2.48
N VAL E 30 38.30 -36.95 -1.39
CA VAL E 30 37.63 -38.22 -1.11
C VAL E 30 36.19 -37.94 -0.68
N PRO E 31 35.19 -38.58 -1.29
CA PRO E 31 33.80 -38.37 -0.85
C PRO E 31 33.58 -39.01 0.51
N VAL E 32 33.10 -38.21 1.46
CA VAL E 32 32.90 -38.65 2.83
C VAL E 32 31.61 -38.04 3.36
N HIS E 33 30.82 -38.85 4.07
CA HIS E 33 29.64 -38.35 4.76
C HIS E 33 30.04 -37.72 6.08
N VAL E 34 29.56 -36.50 6.34
CA VAL E 34 29.85 -35.80 7.58
C VAL E 34 28.57 -35.76 8.41
N LYS E 35 28.67 -36.17 9.66
CA LYS E 35 27.53 -36.22 10.56
C LYS E 35 27.82 -35.37 11.80
N GLN E 36 26.92 -34.43 12.08
CA GLN E 36 27.04 -33.61 13.28
C GLN E 36 25.73 -33.67 14.07
N GLN E 37 25.83 -33.33 15.36
CA GLN E 37 24.68 -33.42 16.25
C GLN E 37 23.65 -32.34 15.96
N ASP E 38 24.10 -31.16 15.53
CA ASP E 38 23.23 -30.01 15.36
C ASP E 38 22.71 -29.82 13.92
N ARG E 39 23.08 -30.69 12.98
CA ARG E 39 22.74 -30.46 11.59
C ARG E 39 22.61 -31.78 10.83
N GLU E 40 21.89 -31.71 9.72
CA GLU E 40 21.72 -32.85 8.83
C GLU E 40 23.03 -33.21 8.14
N ASP E 41 23.16 -34.50 7.79
CA ASP E 41 24.37 -35.02 7.15
C ASP E 41 24.36 -34.75 5.65
N VAL E 42 25.43 -34.14 5.15
CA VAL E 42 25.54 -33.78 3.75
C VAL E 42 26.80 -34.44 3.20
N LEU E 43 26.72 -34.95 1.99
CA LEU E 43 27.86 -35.64 1.37
C LEU E 43 28.77 -34.57 0.76
N GLU E 44 29.79 -34.18 1.51
CA GLU E 44 30.77 -33.19 1.07
C GLU E 44 32.09 -33.87 0.79
N GLU E 45 32.64 -33.65 -0.40
CA GLU E 45 33.92 -34.25 -0.81
C GLU E 45 35.09 -33.53 -0.12
N LEU E 46 35.52 -34.06 1.00
CA LEU E 46 36.65 -33.52 1.75
C LEU E 46 37.97 -34.06 1.21
N THR E 47 38.98 -33.20 1.19
CA THR E 47 40.30 -33.57 0.72
C THR E 47 41.11 -34.19 1.85
N PHE E 48 41.86 -35.23 1.54
CA PHE E 48 42.70 -35.91 2.51
C PHE E 48 44.16 -35.74 2.13
N ARG E 49 45.04 -35.85 3.12
CA ARG E 49 46.48 -35.76 2.87
C ARG E 49 47.21 -36.68 3.84
N ILE E 50 48.06 -37.55 3.29
CA ILE E 50 48.83 -38.51 4.07
C ILE E 50 50.31 -38.24 3.87
N LEU E 51 51.05 -38.17 4.98
CA LEU E 51 52.46 -37.83 4.96
C LEU E 51 53.19 -38.76 5.92
N THR E 52 54.32 -39.30 5.49
CA THR E 52 55.20 -40.08 6.36
C THR E 52 56.57 -39.43 6.42
N GLY E 53 57.22 -39.56 7.57
CA GLY E 53 58.52 -38.95 7.75
C GLY E 53 59.05 -39.23 9.14
N VAL E 54 59.96 -38.36 9.57
CA VAL E 54 60.56 -38.45 10.89
C VAL E 54 60.35 -37.11 11.58
N ALA E 55 60.50 -37.11 12.90
CA ALA E 55 60.25 -35.92 13.68
C ALA E 55 61.42 -34.94 13.62
N LYS E 56 61.08 -33.65 13.76
CA LYS E 56 62.11 -32.62 13.85
C LYS E 56 62.95 -32.80 15.10
N GLN E 57 62.31 -33.20 16.21
CA GLN E 57 63.03 -33.38 17.45
C GLN E 57 64.05 -34.52 17.33
N ASN E 58 63.61 -35.67 16.82
CA ASN E 58 64.47 -36.84 16.65
C ASN E 58 64.19 -37.46 15.30
N HIS E 59 65.26 -37.67 14.51
CA HIS E 59 65.15 -38.26 13.19
C HIS E 59 65.11 -39.79 13.19
N ASN E 60 65.44 -40.43 14.31
CA ASN E 60 65.45 -41.89 14.32
C ASN E 60 64.08 -42.51 14.49
N LEU E 61 63.09 -41.75 14.95
CA LEU E 61 61.72 -42.24 15.11
C LEU E 61 60.87 -41.80 13.93
N ARG E 62 60.16 -42.73 13.32
CA ARG E 62 59.34 -42.44 12.16
C ARG E 62 57.89 -42.20 12.60
N ILE E 63 57.22 -41.28 11.90
CA ILE E 63 55.88 -40.84 12.27
C ILE E 63 55.03 -40.70 11.01
N LEU E 64 53.79 -41.15 11.08
CA LEU E 64 52.82 -40.98 10.01
C LEU E 64 51.80 -39.92 10.42
N ARG E 65 51.41 -39.10 9.46
CA ARG E 65 50.53 -37.97 9.72
C ARG E 65 49.44 -37.89 8.67
N ILE E 66 48.22 -37.62 9.11
CA ILE E 66 47.06 -37.52 8.23
C ILE E 66 46.37 -36.19 8.50
N HIS E 67 46.09 -35.45 7.43
CA HIS E 67 45.41 -34.16 7.51
C HIS E 67 44.13 -34.25 6.71
N ILE E 68 43.03 -33.78 7.28
CA ILE E 68 41.75 -33.72 6.59
C ILE E 68 41.47 -32.25 6.30
N SER E 69 41.44 -31.90 5.02
CA SER E 69 41.20 -30.53 4.57
C SER E 69 39.94 -30.49 3.72
N SER E 70 39.45 -29.27 3.50
CA SER E 70 38.22 -29.01 2.75
C SER E 70 38.49 -27.92 1.72
N ASP E 71 38.57 -28.30 0.45
CA ASP E 71 38.69 -27.28 -0.60
C ASP E 71 37.45 -26.39 -0.64
N SER E 72 36.31 -26.90 -0.17
CA SER E 72 35.09 -26.10 -0.12
C SER E 72 35.16 -25.07 1.01
N ASP E 73 35.33 -25.54 2.25
CA ASP E 73 35.43 -24.68 3.42
C ASP E 73 36.90 -24.49 3.77
N LEU E 74 37.34 -23.23 3.84
CA LEU E 74 38.76 -22.96 3.97
C LEU E 74 39.22 -22.89 5.42
N PHE E 75 38.30 -22.92 6.38
CA PHE E 75 38.66 -23.03 7.80
C PHE E 75 38.41 -24.47 8.28
N PHE E 76 39.07 -25.44 7.63
CA PHE E 76 38.85 -26.85 7.99
C PHE E 76 40.13 -27.68 7.94
N LEU E 77 40.85 -27.76 9.07
CA LEU E 77 41.94 -28.72 9.20
C LEU E 77 41.68 -29.63 10.40
N HIS E 78 41.89 -30.93 10.22
CA HIS E 78 41.92 -31.89 11.30
C HIS E 78 43.09 -32.84 11.07
N THR E 79 43.79 -33.18 12.15
CA THR E 79 45.04 -33.91 12.05
C THR E 79 44.99 -35.17 12.91
N LEU E 80 45.80 -36.15 12.52
CA LEU E 80 46.04 -37.36 13.29
C LEU E 80 47.51 -37.71 13.15
N GLU E 81 48.20 -37.89 14.27
CA GLU E 81 49.61 -38.23 14.27
C GLU E 81 49.79 -39.58 14.94
N VAL E 82 50.52 -40.48 14.27
CA VAL E 82 50.76 -41.83 14.75
C VAL E 82 52.25 -42.13 14.61
N SER E 83 52.92 -42.35 15.73
CA SER E 83 54.30 -42.79 15.70
C SER E 83 54.36 -44.31 15.54
N GLU E 84 55.57 -44.82 15.29
CA GLU E 84 55.76 -46.26 15.16
C GLU E 84 55.44 -46.96 16.47
N GLU E 85 55.77 -46.33 17.60
CA GLU E 85 55.46 -46.90 18.91
C GLU E 85 53.96 -46.99 19.13
N ASP E 86 53.23 -45.91 18.84
CA ASP E 86 51.78 -45.89 18.98
C ASP E 86 51.09 -46.90 18.06
N PHE E 87 51.76 -47.29 16.96
CA PHE E 87 51.17 -48.27 16.04
C PHE E 87 50.96 -49.61 16.71
N GLN E 88 51.86 -50.01 17.60
CA GLN E 88 51.69 -51.27 18.32
C GLN E 88 50.41 -51.26 19.15
N SER E 89 50.19 -50.16 19.89
CA SER E 89 48.99 -50.03 20.71
C SER E 89 47.74 -50.02 19.84
N LEU E 90 47.74 -49.25 18.76
CA LEU E 90 46.56 -49.18 17.90
C LEU E 90 46.27 -50.53 17.24
N LYS E 91 47.32 -51.25 16.84
CA LYS E 91 47.12 -52.56 16.23
C LYS E 91 46.57 -53.55 17.23
N ASN E 92 47.02 -53.48 18.49
CA ASN E 92 46.44 -54.35 19.51
C ASN E 92 45.00 -53.97 19.80
N ASP E 93 44.66 -52.69 19.73
CA ASP E 93 43.30 -52.26 20.06
C ASP E 93 42.30 -52.65 18.97
N GLN E 94 42.63 -52.36 17.71
CA GLN E 94 41.70 -52.63 16.61
C GLN E 94 42.01 -53.90 15.84
N GLY E 95 42.95 -54.71 16.32
CA GLY E 95 43.22 -55.99 15.66
C GLY E 95 43.86 -55.91 14.30
N ILE E 96 44.80 -54.98 14.11
CA ILE E 96 45.51 -54.87 12.84
C ILE E 96 46.44 -56.06 12.66
N LEU E 97 46.68 -56.43 11.40
CA LEU E 97 47.54 -57.55 11.08
C LEU E 97 48.80 -57.15 10.30
N VAL E 98 48.82 -55.96 9.70
CA VAL E 98 49.95 -55.52 8.89
C VAL E 98 51.00 -54.86 9.79
N ASP E 99 52.18 -54.61 9.22
CA ASP E 99 53.24 -53.91 9.93
C ASP E 99 53.05 -52.40 9.78
N PHE E 100 53.93 -51.63 10.42
CA PHE E 100 53.84 -50.18 10.34
C PHE E 100 53.98 -49.69 8.90
N ALA E 101 54.86 -50.32 8.12
CA ALA E 101 55.14 -49.85 6.77
C ALA E 101 53.94 -50.02 5.84
N SER E 102 53.22 -51.13 5.97
CA SER E 102 52.11 -51.44 5.07
C SER E 102 50.78 -50.84 5.51
N PHE E 103 50.73 -50.20 6.68
CA PHE E 103 49.51 -49.55 7.14
C PHE E 103 48.99 -48.50 6.16
N PRO E 104 49.79 -47.52 5.70
CA PRO E 104 49.25 -46.53 4.77
C PRO E 104 48.75 -47.12 3.46
N GLY E 105 49.38 -48.20 2.98
CA GLY E 105 48.89 -48.83 1.76
C GLY E 105 47.47 -49.35 1.91
N LYS E 106 47.20 -50.03 3.02
CA LYS E 106 45.85 -50.54 3.27
C LYS E 106 44.87 -49.40 3.48
N ILE E 107 45.30 -48.33 4.17
CA ILE E 107 44.44 -47.16 4.33
C ILE E 107 44.08 -46.58 2.98
N ILE E 108 45.05 -46.48 2.07
CA ILE E 108 44.80 -45.91 0.76
C ILE E 108 43.88 -46.83 -0.05
N SER E 109 44.03 -48.15 0.13
CA SER E 109 43.12 -49.08 -0.55
C SER E 109 41.69 -48.89 -0.07
N LEU E 110 41.49 -48.73 1.24
CA LEU E 110 40.15 -48.49 1.75
C LEU E 110 39.60 -47.15 1.27
N LEU E 111 40.45 -46.11 1.22
CA LEU E 111 40.00 -44.83 0.71
C LEU E 111 39.62 -44.91 -0.77
N GLU E 112 40.35 -45.73 -1.53
CA GLU E 112 40.00 -45.94 -2.93
C GLU E 112 38.67 -46.66 -3.07
N LYS E 113 38.43 -47.68 -2.23
CA LYS E 113 37.12 -48.32 -2.20
C LYS E 113 36.03 -47.30 -1.88
N CYS E 114 36.33 -46.33 -1.01
CA CYS E 114 35.37 -45.27 -0.72
C CYS E 114 35.12 -44.40 -1.95
N ILE E 115 36.19 -44.07 -2.69
CA ILE E 115 36.06 -43.17 -3.83
C ILE E 115 35.29 -43.85 -4.96
N LEU E 116 35.61 -45.11 -5.24
CA LEU E 116 35.00 -45.88 -6.31
C LEU E 116 33.63 -46.43 -5.95
N ALA E 117 33.02 -45.95 -4.87
CA ALA E 117 31.74 -46.48 -4.43
C ALA E 117 30.65 -46.16 -5.46
N GLN E 118 29.95 -47.21 -5.91
CA GLN E 118 28.82 -47.12 -6.81
C GLN E 118 27.53 -46.93 -6.03
N PRO E 119 26.55 -46.21 -6.57
CA PRO E 119 25.28 -46.04 -5.83
C PRO E 119 24.62 -47.35 -5.46
N GLY E 120 24.61 -48.31 -6.37
CA GLY E 120 24.06 -49.63 -6.13
C GLY E 120 25.12 -50.71 -6.06
N ASP E 121 25.58 -51.07 -4.87
CA ASP E 121 26.64 -52.07 -4.75
C ASP E 121 26.55 -52.77 -3.41
N SER E 122 26.80 -54.08 -3.41
CA SER E 122 26.82 -54.89 -2.20
C SER E 122 28.01 -55.84 -2.24
N PRO E 123 28.96 -55.72 -1.30
CA PRO E 123 28.96 -54.69 -0.26
C PRO E 123 29.47 -53.34 -0.77
N ARG E 124 28.95 -52.26 -0.22
CA ARG E 124 29.32 -50.91 -0.61
C ARG E 124 30.19 -50.29 0.46
N PHE E 125 31.37 -49.81 0.07
CA PHE E 125 32.29 -49.14 1.00
C PHE E 125 31.99 -47.65 1.03
N GLN E 126 31.91 -47.10 2.24
CA GLN E 126 31.62 -45.68 2.42
C GLN E 126 32.48 -45.16 3.57
N ALA E 127 32.69 -43.84 3.57
CA ALA E 127 33.45 -43.18 4.62
C ALA E 127 32.58 -42.15 5.32
N VAL E 128 32.68 -42.10 6.65
CA VAL E 128 31.91 -41.17 7.46
C VAL E 128 32.80 -40.66 8.59
N LEU E 129 32.75 -39.35 8.83
CA LEU E 129 33.51 -38.72 9.90
C LEU E 129 32.57 -37.93 10.79
N THR E 130 32.61 -38.21 12.09
CA THR E 130 31.80 -37.53 13.09
C THR E 130 32.70 -36.59 13.88
N ILE E 131 32.34 -35.30 13.90
CA ILE E 131 33.15 -34.28 14.56
C ILE E 131 32.53 -34.03 15.93
N ARG E 132 33.32 -34.27 16.97
CA ARG E 132 32.86 -34.16 18.36
C ARG E 132 33.65 -33.10 19.13
N GLY E 133 33.11 -31.88 19.14
CA GLY E 133 33.73 -30.78 19.87
C GLY E 133 35.12 -30.38 19.42
N GLY E 134 35.27 -29.95 18.18
CA GLY E 134 36.55 -29.53 17.66
C GLY E 134 37.41 -30.70 17.23
N GLU E 135 37.17 -31.86 17.83
CA GLU E 135 37.88 -33.09 17.53
C GLU E 135 37.00 -33.93 16.62
N SER E 136 37.58 -35.01 16.09
CA SER E 136 36.87 -35.78 15.08
C SER E 136 37.21 -37.25 15.19
N VAL E 137 36.28 -38.08 14.72
CA VAL E 137 36.45 -39.52 14.65
C VAL E 137 36.03 -39.96 13.25
N PHE E 138 36.98 -40.48 12.48
CA PHE E 138 36.73 -40.91 11.12
C PHE E 138 36.69 -42.42 11.06
N LYS E 139 35.67 -42.96 10.38
CA LYS E 139 35.52 -44.40 10.27
C LYS E 139 35.04 -44.74 8.86
N ILE E 140 35.67 -45.75 8.27
CA ILE E 140 35.24 -46.32 7.00
C ILE E 140 34.32 -47.50 7.29
N VAL E 141 33.18 -47.56 6.59
CA VAL E 141 32.15 -48.53 6.89
C VAL E 141 31.88 -49.38 5.66
N GLU E 142 31.41 -50.60 5.90
CA GLU E 142 30.94 -51.49 4.85
C GLU E 142 29.42 -51.63 5.01
N ILE E 143 28.69 -51.30 3.95
CA ILE E 143 27.25 -51.42 3.93
C ILE E 143 26.88 -52.62 3.08
N ASN E 144 26.59 -53.74 3.72
CA ASN E 144 26.11 -54.93 3.03
C ASN E 144 24.59 -54.99 3.15
N ASP E 145 24.00 -56.09 2.70
CA ASP E 145 22.56 -56.27 2.85
C ASP E 145 22.14 -56.36 4.32
N PHE E 146 23.09 -56.55 5.23
CA PHE E 146 22.77 -56.78 6.64
C PHE E 146 22.97 -55.53 7.48
N LYS E 147 24.23 -55.12 7.66
CA LYS E 147 24.55 -54.09 8.64
C LYS E 147 25.61 -53.16 8.07
N GLN E 148 25.75 -51.98 8.70
CA GLN E 148 26.79 -51.00 8.36
C GLN E 148 27.93 -51.19 9.36
N LEU E 149 28.90 -52.01 9.00
CA LEU E 149 29.97 -52.37 9.93
C LEU E 149 31.21 -51.54 9.71
N PRO E 150 31.85 -51.04 10.77
CA PRO E 150 33.06 -50.24 10.60
C PRO E 150 34.28 -51.15 10.44
N HIS E 151 35.05 -50.92 9.38
CA HIS E 151 36.30 -51.65 9.17
C HIS E 151 37.39 -51.08 10.06
N ILE E 152 37.63 -49.77 9.95
CA ILE E 152 38.62 -49.07 10.75
C ILE E 152 38.00 -47.76 11.23
N THR E 153 38.27 -47.41 12.47
CA THR E 153 37.79 -46.16 13.07
C THR E 153 39.00 -45.41 13.61
N LEU E 154 39.12 -44.14 13.26
CA LEU E 154 40.28 -43.34 13.65
C LEU E 154 39.82 -42.04 14.31
N ALA E 155 40.61 -41.59 15.27
CA ALA E 155 40.33 -40.36 16.01
C ALA E 155 41.22 -39.24 15.50
N PHE E 156 40.65 -38.04 15.39
CA PHE E 156 41.35 -36.89 14.86
C PHE E 156 41.25 -35.72 15.84
N ARG E 157 42.26 -34.87 15.79
CA ARG E 157 42.40 -33.71 16.67
C ARG E 157 42.77 -32.50 15.84
N PRO E 158 42.66 -31.28 16.41
CA PRO E 158 43.09 -30.08 15.67
C PRO E 158 44.57 -30.07 15.31
N GLY E 159 45.46 -30.17 16.29
CA GLY E 159 46.88 -30.11 15.97
C GLY E 159 47.68 -29.07 16.72
N ASN E 160 49.00 -29.22 16.71
CA ASN E 160 49.89 -28.24 17.30
C ASN E 160 49.76 -26.90 16.58
N ASP E 161 50.13 -25.83 17.30
CA ASP E 161 50.02 -24.49 16.74
C ASP E 161 50.90 -24.28 15.52
N SER E 162 52.06 -24.97 15.45
CA SER E 162 52.99 -24.77 14.35
C SER E 162 52.41 -25.27 13.02
N VAL E 163 51.86 -26.49 13.01
CA VAL E 163 51.31 -27.02 11.77
C VAL E 163 50.10 -26.21 11.34
N VAL E 164 49.32 -25.70 12.29
CA VAL E 164 48.20 -24.82 11.95
C VAL E 164 48.72 -23.54 11.31
N LYS E 165 49.81 -22.98 11.86
CA LYS E 165 50.42 -21.79 11.27
C LYS E 165 50.82 -22.03 9.82
N GLN E 166 51.53 -23.14 9.58
CA GLN E 166 52.03 -23.40 8.22
C GLN E 166 50.91 -23.74 7.26
N PHE E 167 49.85 -24.41 7.74
CA PHE E 167 48.70 -24.68 6.89
C PHE E 167 47.97 -23.39 6.51
N LEU E 168 47.76 -22.51 7.48
CA LEU E 168 47.13 -21.23 7.18
C LEU E 168 47.98 -20.41 6.23
N ALA E 169 49.31 -20.47 6.38
CA ALA E 169 50.18 -19.72 5.48
C ALA E 169 50.12 -20.25 4.06
N PHE E 170 50.17 -21.58 3.89
CA PHE E 170 50.08 -22.16 2.55
C PHE E 170 48.73 -21.85 1.90
N ARG E 171 47.64 -22.00 2.67
CA ARG E 171 46.32 -21.69 2.13
C ARG E 171 46.22 -20.22 1.77
N LEU E 172 46.82 -19.35 2.58
CA LEU E 172 46.82 -17.92 2.29
C LEU E 172 47.56 -17.63 0.99
N SER E 173 48.70 -18.29 0.78
CA SER E 173 49.43 -18.11 -0.47
C SER E 173 48.60 -18.55 -1.66
N GLU E 174 47.93 -19.70 -1.54
CA GLU E 174 47.07 -20.18 -2.63
C GLU E 174 45.95 -19.19 -2.92
N VAL E 175 45.32 -18.68 -1.86
CA VAL E 175 44.19 -17.76 -2.04
C VAL E 175 44.67 -16.43 -2.62
N LYS E 176 45.85 -15.97 -2.21
CA LYS E 176 46.40 -14.74 -2.78
C LYS E 176 46.68 -14.91 -4.26
N GLY E 177 47.26 -16.04 -4.66
CA GLY E 177 47.49 -16.27 -6.08
C GLY E 177 46.21 -16.34 -6.88
N THR E 178 45.21 -17.05 -6.35
CA THR E 178 43.92 -17.13 -7.05
C THR E 178 43.29 -15.75 -7.17
N CYS E 179 43.35 -14.97 -6.09
CA CYS E 179 42.75 -13.64 -6.08
C CYS E 179 43.46 -12.70 -7.03
N HIS E 180 44.79 -12.83 -7.15
CA HIS E 180 45.53 -11.99 -8.09
C HIS E 180 45.17 -12.34 -9.53
N ASP E 181 45.12 -13.64 -9.85
CA ASP E 181 44.73 -14.03 -11.21
C ASP E 181 43.32 -13.57 -11.55
N LEU E 182 42.38 -13.76 -10.61
CA LEU E 182 41.00 -13.35 -10.88
C LEU E 182 40.88 -11.83 -10.97
N SER E 183 41.63 -11.09 -10.16
CA SER E 183 41.59 -9.64 -10.23
C SER E 183 42.18 -9.11 -11.52
N ASP E 184 43.27 -9.72 -12.01
CA ASP E 184 43.82 -9.34 -13.30
C ASP E 184 42.82 -9.60 -14.42
N ASP E 185 42.22 -10.80 -14.42
CA ASP E 185 41.23 -11.11 -15.45
C ASP E 185 40.01 -10.20 -15.33
N LEU E 186 39.66 -9.78 -14.11
CA LEU E 186 38.54 -8.87 -13.93
C LEU E 186 38.87 -7.46 -14.39
N SER E 187 40.10 -7.00 -14.19
CA SER E 187 40.49 -5.72 -14.75
C SER E 187 40.42 -5.74 -16.27
N ARG E 188 40.93 -6.82 -16.88
CA ARG E 188 40.82 -6.93 -18.34
C ARG E 188 39.37 -7.01 -18.78
N THR E 189 38.52 -7.73 -18.03
CA THR E 189 37.12 -7.85 -18.41
C THR E 189 36.38 -6.52 -18.27
N ARG E 190 36.74 -5.72 -17.26
CA ARG E 190 36.12 -4.41 -17.09
C ARG E 190 36.52 -3.46 -18.20
N ASP E 191 37.81 -3.47 -18.57
CA ASP E 191 38.25 -2.63 -19.68
C ASP E 191 37.63 -3.08 -21.00
N ASP E 192 37.54 -4.39 -21.21
CA ASP E 192 36.91 -4.91 -22.42
C ASP E 192 35.42 -4.59 -22.47
N ARG E 193 34.75 -4.62 -21.31
CA ARG E 193 33.35 -4.23 -21.25
C ARG E 193 33.18 -2.76 -21.61
N ASP E 194 34.05 -1.90 -21.09
CA ASP E 194 34.02 -0.49 -21.47
C ASP E 194 34.27 -0.32 -22.97
N SER E 195 35.20 -1.12 -23.51
CA SER E 195 35.47 -1.08 -24.95
C SER E 195 34.26 -1.51 -25.76
N MET E 196 33.58 -2.57 -25.33
CA MET E 196 32.37 -3.02 -26.02
C MET E 196 31.28 -1.96 -25.94
N VAL E 197 31.20 -1.24 -24.81
CA VAL E 197 30.28 -0.12 -24.69
C VAL E 197 30.63 0.88 -25.78
N ALA E 198 31.72 1.63 -25.59
CA ALA E 198 32.23 2.56 -26.60
C ALA E 198 32.10 2.08 -28.06
N GLN E 199 32.16 0.76 -28.26
CA GLN E 199 32.06 0.23 -29.62
C GLN E 199 30.61 0.21 -30.07
N LEU E 200 29.70 -0.16 -29.16
CA LEU E 200 28.28 -0.07 -29.50
C LEU E 200 27.85 1.37 -29.72
N ALA E 201 28.44 2.29 -28.96
CA ALA E 201 28.15 3.71 -29.17
C ALA E 201 28.57 4.13 -30.57
N GLN E 202 29.79 3.77 -30.97
CA GLN E 202 30.25 4.09 -32.33
C GLN E 202 29.44 3.33 -33.38
N CYS E 203 29.02 2.11 -33.08
CA CYS E 203 28.22 1.31 -34.02
C CYS E 203 26.86 1.97 -34.27
N ARG E 204 26.20 2.41 -33.20
CA ARG E 204 24.93 3.10 -33.34
C ARG E 204 25.10 4.44 -34.05
N GLN E 205 26.17 5.17 -33.75
CA GLN E 205 26.39 6.46 -34.42
C GLN E 205 26.63 6.26 -35.91
N GLN E 206 27.47 5.30 -36.28
CA GLN E 206 27.73 5.01 -37.68
C GLN E 206 26.46 4.53 -38.39
N LEU E 207 25.67 3.70 -37.72
CA LEU E 207 24.43 3.20 -38.31
C LEU E 207 23.44 4.34 -38.56
N ALA E 208 23.30 5.24 -37.60
CA ALA E 208 22.43 6.39 -37.78
C ALA E 208 22.93 7.29 -38.90
N GLN E 209 24.25 7.50 -38.98
CA GLN E 209 24.81 8.30 -40.07
C GLN E 209 24.52 7.68 -41.42
N LEU E 210 24.67 6.35 -41.54
CA LEU E 210 24.39 5.68 -42.80
C LEU E 210 22.91 5.78 -43.17
N ARG E 211 22.03 5.66 -42.18
CA ARG E 211 20.61 5.82 -42.45
C ARG E 211 20.28 7.24 -42.91
N GLU E 212 20.90 8.24 -42.29
CA GLU E 212 20.69 9.63 -42.72
C GLU E 212 21.18 9.83 -44.15
N GLN E 213 22.36 9.29 -44.48
CA GLN E 213 22.88 9.42 -45.83
C GLN E 213 21.97 8.73 -46.85
N TYR E 214 21.43 7.56 -46.50
CA TYR E 214 20.54 6.86 -47.41
C TYR E 214 19.28 7.67 -47.63
N ASP E 215 18.74 8.29 -46.57
CA ASP E 215 17.57 9.15 -46.72
C ASP E 215 17.87 10.35 -47.60
N LYS E 216 19.06 10.94 -47.44
CA LYS E 216 19.44 12.06 -48.30
C LYS E 216 19.52 11.64 -49.75
N HIS E 217 20.10 10.46 -50.01
CA HIS E 217 20.17 9.96 -51.39
C HIS E 217 18.78 9.71 -51.96
N LEU E 218 17.87 9.19 -51.14
CA LEU E 218 16.50 8.97 -51.59
C LEU E 218 15.82 10.30 -51.93
N LEU E 219 16.04 11.33 -51.12
CA LEU E 219 15.49 12.64 -51.43
C LEU E 219 16.10 13.20 -52.72
N GLU E 220 17.38 12.92 -52.96
CA GLU E 220 18.05 13.44 -54.14
C GLU E 220 17.52 12.79 -55.42
N VAL E 221 17.37 11.47 -55.42
CA VAL E 221 17.01 10.75 -56.63
C VAL E 221 15.50 10.53 -56.73
N GLN E 222 14.87 10.00 -55.69
CA GLN E 222 13.46 9.64 -55.74
C GLN E 222 12.64 10.35 -54.68
N GLN F 14 43.96 -19.46 28.43
CA GLN F 14 45.07 -20.31 28.00
C GLN F 14 46.13 -19.49 27.27
N THR F 15 45.74 -18.30 26.81
CA THR F 15 46.66 -17.36 26.20
C THR F 15 46.67 -16.07 27.00
N GLY F 16 47.58 -15.18 26.62
CA GLY F 16 47.72 -13.90 27.28
C GLY F 16 46.49 -13.01 27.14
N PHE F 17 46.29 -12.49 25.94
CA PHE F 17 45.22 -11.52 25.67
C PHE F 17 43.94 -12.21 25.19
N ASP F 18 42.81 -11.82 25.78
CA ASP F 18 41.50 -12.33 25.40
C ASP F 18 40.96 -11.47 24.27
N LEU F 19 41.08 -11.96 23.04
CA LEU F 19 40.64 -11.20 21.88
C LEU F 19 39.13 -11.04 21.80
N SER F 20 38.37 -11.95 22.41
CA SER F 20 36.92 -11.83 22.39
C SER F 20 36.47 -10.56 23.11
N THR F 21 37.08 -10.26 24.27
CA THR F 21 36.76 -9.06 25.03
C THR F 21 37.59 -7.85 24.59
N ALA F 22 38.20 -7.91 23.41
CA ALA F 22 39.03 -6.80 22.95
C ALA F 22 38.17 -5.68 22.39
N THR F 23 38.70 -4.46 22.48
CA THR F 23 38.05 -3.27 21.95
C THR F 23 39.04 -2.55 21.04
N THR F 24 38.71 -2.48 19.75
CA THR F 24 39.61 -1.84 18.80
C THR F 24 39.47 -0.33 18.91
N LEU F 25 40.61 0.36 18.98
CA LEU F 25 40.66 1.80 19.12
C LEU F 25 41.16 2.51 17.88
N PHE F 26 42.07 1.89 17.15
CA PHE F 26 42.70 2.50 15.98
C PHE F 26 43.00 1.38 14.99
N TRP F 27 42.60 1.59 13.73
CA TRP F 27 42.80 0.57 12.69
C TRP F 27 42.71 1.30 11.35
N ARG F 28 43.86 1.71 10.84
CA ARG F 28 43.94 2.47 9.60
C ARG F 28 45.36 2.38 9.07
N PRO F 29 45.56 2.49 7.75
CA PRO F 29 46.92 2.54 7.24
C PRO F 29 47.63 3.81 7.67
N VAL F 30 48.93 3.70 7.90
CA VAL F 30 49.74 4.83 8.35
C VAL F 30 51.00 4.93 7.52
N PRO F 31 51.29 6.11 6.95
CA PRO F 31 52.55 6.28 6.21
C PRO F 31 53.72 6.27 7.17
N VAL F 32 54.66 5.38 6.93
CA VAL F 32 55.82 5.19 7.80
C VAL F 32 57.04 4.90 6.95
N HIS F 33 58.17 5.51 7.33
CA HIS F 33 59.43 5.22 6.68
C HIS F 33 59.99 3.91 7.21
N VAL F 34 60.37 3.01 6.31
CA VAL F 34 60.92 1.71 6.68
C VAL F 34 62.40 1.67 6.35
N LYS F 35 63.20 1.29 7.34
CA LYS F 35 64.65 1.18 7.19
C LYS F 35 65.04 -0.25 7.53
N GLN F 36 65.75 -0.89 6.61
CA GLN F 36 66.17 -2.28 6.72
C GLN F 36 67.68 -2.37 6.60
N GLN F 37 68.20 -3.59 6.74
CA GLN F 37 69.64 -3.79 6.71
C GLN F 37 70.23 -3.40 5.37
N ASP F 38 69.48 -3.58 4.28
CA ASP F 38 69.95 -3.27 2.94
C ASP F 38 70.19 -1.76 2.81
N ARG F 39 69.91 -1.01 3.88
CA ARG F 39 70.02 0.44 4.00
C ARG F 39 69.02 1.18 3.11
N GLU F 40 68.25 0.49 2.29
CA GLU F 40 67.23 1.18 1.51
C GLU F 40 66.15 1.69 2.45
N ASP F 41 65.65 2.89 2.18
CA ASP F 41 64.61 3.49 2.98
C ASP F 41 63.43 3.79 2.07
N VAL F 42 62.30 3.15 2.34
CA VAL F 42 61.12 3.23 1.49
C VAL F 42 59.92 3.63 2.32
N LEU F 43 59.10 4.52 1.79
CA LEU F 43 57.87 4.98 2.46
C LEU F 43 56.74 4.03 2.08
N GLU F 44 56.48 3.05 2.95
CA GLU F 44 55.42 2.08 2.73
C GLU F 44 54.29 2.34 3.73
N GLU F 45 53.05 2.46 3.22
CA GLU F 45 51.88 2.68 4.08
C GLU F 45 51.48 1.39 4.78
N LEU F 46 51.98 1.20 6.00
CA LEU F 46 51.66 0.02 6.81
C LEU F 46 50.37 0.23 7.59
N THR F 47 49.60 -0.85 7.73
CA THR F 47 48.36 -0.80 8.48
C THR F 47 48.64 -1.05 9.96
N PHE F 48 47.98 -0.27 10.82
CA PHE F 48 48.16 -0.37 12.26
C PHE F 48 46.85 -0.82 12.91
N ARG F 49 46.98 -1.42 14.09
CA ARG F 49 45.82 -1.80 14.88
C ARG F 49 46.14 -1.70 16.35
N ILE F 50 45.32 -0.94 17.09
CA ILE F 50 45.47 -0.76 18.53
C ILE F 50 44.18 -1.23 19.18
N LEU F 51 44.29 -2.14 20.15
CA LEU F 51 43.14 -2.72 20.84
C LEU F 51 43.45 -2.82 22.33
N THR F 52 42.43 -2.61 23.16
CA THR F 52 42.52 -2.70 24.61
C THR F 52 41.65 -3.82 25.13
N GLY F 53 42.09 -4.45 26.21
CA GLY F 53 41.35 -5.54 26.80
C GLY F 53 42.01 -6.03 28.06
N VAL F 54 41.65 -7.24 28.47
CA VAL F 54 42.16 -7.87 29.68
C VAL F 54 42.67 -9.27 29.37
N ALA F 55 43.46 -9.80 30.31
CA ALA F 55 44.04 -11.13 30.17
C ALA F 55 43.02 -12.22 30.51
N LYS F 56 43.20 -13.39 29.89
CA LYS F 56 42.33 -14.52 30.19
C LYS F 56 42.48 -14.99 31.63
N GLN F 57 43.70 -14.93 32.17
CA GLN F 57 43.94 -15.39 33.54
C GLN F 57 43.17 -14.54 34.55
N ASN F 58 43.27 -13.21 34.42
CA ASN F 58 42.64 -12.30 35.37
C ASN F 58 41.97 -11.17 34.60
N HIS F 59 40.70 -10.91 34.90
CA HIS F 59 39.95 -9.85 34.24
C HIS F 59 40.22 -8.48 34.82
N ASN F 60 40.83 -8.39 36.00
CA ASN F 60 41.14 -7.12 36.64
C ASN F 60 42.42 -6.47 36.11
N LEU F 61 43.23 -7.21 35.35
CA LEU F 61 44.50 -6.69 34.84
C LEU F 61 44.29 -6.13 33.44
N ARG F 62 44.80 -4.91 33.22
CA ARG F 62 44.61 -4.20 31.97
C ARG F 62 45.78 -4.45 31.04
N ILE F 63 45.49 -4.55 29.74
CA ILE F 63 46.51 -4.85 28.74
C ILE F 63 46.26 -3.99 27.51
N LEU F 64 47.31 -3.38 26.97
CA LEU F 64 47.26 -2.65 25.72
C LEU F 64 48.04 -3.43 24.68
N ARG F 65 47.53 -3.48 23.45
CA ARG F 65 48.13 -4.30 22.41
C ARG F 65 48.14 -3.53 21.09
N ILE F 66 49.28 -3.56 20.40
CA ILE F 66 49.47 -2.85 19.13
C ILE F 66 50.05 -3.82 18.11
N HIS F 67 49.45 -3.86 16.92
CA HIS F 67 49.92 -4.70 15.83
C HIS F 67 50.22 -3.83 14.62
N ILE F 68 51.39 -4.06 14.01
CA ILE F 68 51.74 -3.45 12.72
C ILE F 68 51.73 -4.56 11.69
N SER F 69 50.78 -4.51 10.77
CA SER F 69 50.66 -5.46 9.69
C SER F 69 50.70 -4.73 8.35
N SER F 70 50.91 -5.49 7.27
CA SER F 70 50.95 -4.92 5.93
C SER F 70 50.09 -5.78 5.00
N ASP F 71 48.79 -5.55 5.01
CA ASP F 71 47.91 -6.17 4.02
C ASP F 71 48.17 -5.61 2.63
N SER F 72 49.05 -4.63 2.50
CA SER F 72 49.35 -4.04 1.19
C SER F 72 50.04 -5.05 0.29
N ASP F 73 51.20 -5.57 0.71
CA ASP F 73 51.88 -6.63 -0.04
C ASP F 73 51.81 -7.98 0.64
N LEU F 74 52.54 -8.17 1.75
CA LEU F 74 52.68 -9.45 2.41
C LEU F 74 52.70 -9.22 3.91
N PHE F 75 52.52 -10.29 4.69
CA PHE F 75 52.43 -10.14 6.14
C PHE F 75 53.76 -9.73 6.74
N PHE F 76 53.73 -8.65 7.52
CA PHE F 76 54.90 -8.14 8.23
C PHE F 76 54.48 -7.81 9.67
N LEU F 77 53.79 -8.75 10.32
CA LEU F 77 53.35 -8.53 11.70
C LEU F 77 54.49 -8.23 12.65
N HIS F 78 54.27 -7.23 13.51
CA HIS F 78 55.11 -6.94 14.66
C HIS F 78 54.19 -6.61 15.82
N THR F 79 54.53 -7.07 17.02
CA THR F 79 53.60 -7.01 18.15
C THR F 79 54.21 -6.25 19.32
N LEU F 80 53.35 -5.59 20.09
CA LEU F 80 53.72 -4.95 21.35
C LEU F 80 52.56 -5.07 22.32
N GLU F 81 52.83 -5.61 23.50
CA GLU F 81 51.84 -5.73 24.55
C GLU F 81 52.36 -4.98 25.77
N VAL F 82 51.50 -4.17 26.39
CA VAL F 82 51.88 -3.33 27.52
C VAL F 82 50.87 -3.55 28.64
N SER F 83 51.31 -4.12 29.74
CA SER F 83 50.53 -4.23 30.96
C SER F 83 50.67 -2.94 31.78
N GLU F 84 49.86 -2.84 32.83
CA GLU F 84 49.94 -1.66 33.70
C GLU F 84 51.30 -1.58 34.37
N GLU F 85 51.87 -2.72 34.75
CA GLU F 85 53.21 -2.72 35.36
C GLU F 85 54.25 -2.26 34.36
N ASP F 86 54.23 -2.83 33.16
CA ASP F 86 55.13 -2.39 32.11
C ASP F 86 54.85 -0.94 31.72
N PHE F 87 53.60 -0.49 31.86
CA PHE F 87 53.32 0.91 31.58
C PHE F 87 53.97 1.82 32.60
N GLN F 88 53.97 1.42 33.88
CA GLN F 88 54.68 2.19 34.90
C GLN F 88 56.17 2.24 34.59
N SER F 89 56.74 1.09 34.21
CA SER F 89 58.17 1.06 33.88
C SER F 89 58.49 1.98 32.70
N LEU F 90 57.68 1.90 31.64
CA LEU F 90 57.91 2.74 30.47
C LEU F 90 57.71 4.22 30.79
N LYS F 91 56.73 4.53 31.64
CA LYS F 91 56.48 5.91 32.03
C LYS F 91 57.65 6.48 32.81
N ASN F 92 58.25 5.68 33.70
CA ASN F 92 59.44 6.12 34.40
C ASN F 92 60.63 6.24 33.47
N ASP F 93 60.72 5.37 32.46
CA ASP F 93 61.88 5.37 31.58
C ASP F 93 61.87 6.58 30.64
N GLN F 94 60.74 6.82 29.98
CA GLN F 94 60.66 7.91 29.01
C GLN F 94 60.02 9.18 29.57
N GLY F 95 59.71 9.22 30.86
CA GLY F 95 59.16 10.43 31.44
C GLY F 95 57.77 10.80 30.97
N ILE F 96 56.90 9.80 30.75
CA ILE F 96 55.53 10.08 30.35
C ILE F 96 54.77 10.63 31.56
N LEU F 97 53.74 11.43 31.28
CA LEU F 97 52.94 12.04 32.34
C LEU F 97 51.48 11.59 32.36
N VAL F 98 50.98 10.97 31.29
CA VAL F 98 49.57 10.58 31.24
C VAL F 98 49.41 9.21 31.91
N ASP F 99 48.16 8.82 32.16
CA ASP F 99 47.87 7.52 32.75
C ASP F 99 47.78 6.45 31.65
N PHE F 100 47.58 5.21 32.09
CA PHE F 100 47.48 4.09 31.16
C PHE F 100 46.31 4.24 30.20
N ALA F 101 45.19 4.77 30.70
CA ALA F 101 43.98 4.85 29.88
C ALA F 101 44.14 5.85 28.72
N SER F 102 44.79 6.99 28.98
CA SER F 102 44.94 8.02 27.96
C SER F 102 46.16 7.81 27.08
N PHE F 103 47.01 6.83 27.39
CA PHE F 103 48.17 6.54 26.56
C PHE F 103 47.81 6.25 25.11
N PRO F 104 46.88 5.34 24.79
CA PRO F 104 46.55 5.11 23.38
C PRO F 104 46.00 6.35 22.69
N GLY F 105 45.28 7.21 23.40
CA GLY F 105 44.80 8.44 22.79
C GLY F 105 45.94 9.33 22.32
N LYS F 106 46.96 9.50 23.15
CA LYS F 106 48.12 10.30 22.75
C LYS F 106 48.89 9.63 21.62
N ILE F 107 48.99 8.29 21.66
CA ILE F 107 49.63 7.57 20.57
C ILE F 107 48.90 7.83 19.26
N ILE F 108 47.57 7.79 19.29
CA ILE F 108 46.78 8.02 18.08
C ILE F 108 46.90 9.47 17.62
N SER F 109 47.01 10.40 18.56
CA SER F 109 47.21 11.80 18.18
C SER F 109 48.54 11.97 17.45
N LEU F 110 49.61 11.32 17.95
CA LEU F 110 50.89 11.39 17.27
C LEU F 110 50.83 10.73 15.91
N LEU F 111 50.14 9.59 15.81
CA LEU F 111 49.99 8.91 14.52
C LEU F 111 49.22 9.79 13.53
N GLU F 112 48.21 10.51 14.01
CA GLU F 112 47.47 11.43 13.14
C GLU F 112 48.34 12.58 12.68
N LYS F 113 49.14 13.14 13.58
CA LYS F 113 50.12 14.15 13.15
C LYS F 113 51.04 13.60 12.07
N CYS F 114 51.41 12.31 12.19
CA CYS F 114 52.23 11.68 11.17
C CYS F 114 51.48 11.54 9.83
N ILE F 115 50.20 11.18 9.89
CA ILE F 115 49.46 10.89 8.66
C ILE F 115 49.22 12.17 7.87
N LEU F 116 48.81 13.24 8.54
CA LEU F 116 48.48 14.50 7.88
C LEU F 116 49.70 15.34 7.53
N ALA F 117 50.90 14.77 7.63
CA ALA F 117 52.12 15.53 7.37
C ALA F 117 52.21 15.94 5.90
N GLN F 118 52.36 17.27 5.66
CA GLN F 118 52.60 17.91 4.38
C GLN F 118 54.10 18.01 4.10
N PRO F 119 54.50 17.98 2.82
CA PRO F 119 55.94 18.06 2.51
C PRO F 119 56.64 19.28 3.08
N GLY F 120 55.99 20.44 3.05
CA GLY F 120 56.59 21.63 3.61
C GLY F 120 55.96 22.11 4.90
N ASP F 121 56.52 21.71 6.04
CA ASP F 121 55.97 22.10 7.33
C ASP F 121 57.06 22.05 8.38
N SER F 122 57.02 23.02 9.30
CA SER F 122 57.96 23.11 10.41
C SER F 122 57.18 23.46 11.67
N PRO F 123 57.17 22.59 12.70
CA PRO F 123 57.86 21.29 12.73
C PRO F 123 57.12 20.18 11.98
N ARG F 124 57.88 19.23 11.45
CA ARG F 124 57.33 18.11 10.69
C ARG F 124 57.34 16.85 11.55
N PHE F 125 56.17 16.24 11.70
CA PHE F 125 56.07 14.96 12.38
C PHE F 125 56.12 13.84 11.33
N GLN F 126 56.96 12.85 11.58
CA GLN F 126 57.12 11.72 10.68
C GLN F 126 57.33 10.45 11.49
N ALA F 127 57.05 9.31 10.86
CA ALA F 127 57.25 8.02 11.50
C ALA F 127 58.26 7.19 10.72
N VAL F 128 59.15 6.53 11.44
CA VAL F 128 60.19 5.70 10.84
C VAL F 128 60.35 4.45 11.69
N LEU F 129 60.46 3.29 11.04
CA LEU F 129 60.61 2.00 11.70
C LEU F 129 61.86 1.30 11.20
N THR F 130 62.74 0.94 12.13
CA THR F 130 63.95 0.19 11.82
C THR F 130 63.75 -1.24 12.33
N ILE F 131 63.79 -2.20 11.42
CA ILE F 131 63.52 -3.60 11.72
C ILE F 131 64.84 -4.37 11.76
N ARG F 132 65.08 -5.06 12.87
CA ARG F 132 66.29 -5.85 13.07
C ARG F 132 65.82 -7.30 13.06
N GLY F 133 65.79 -7.91 11.87
CA GLY F 133 65.23 -9.25 11.91
C GLY F 133 63.77 -9.17 12.37
N GLY F 134 63.26 -10.33 12.79
CA GLY F 134 61.93 -10.42 13.35
C GLY F 134 61.54 -9.30 14.31
N GLU F 135 62.51 -8.62 14.90
CA GLU F 135 62.26 -7.57 15.89
C GLU F 135 62.33 -6.20 15.23
N SER F 136 61.85 -5.19 15.95
CA SER F 136 61.71 -3.87 15.35
C SER F 136 61.83 -2.77 16.40
N VAL F 137 62.20 -1.58 15.92
CA VAL F 137 62.24 -0.36 16.73
C VAL F 137 61.53 0.73 15.94
N PHE F 138 60.41 1.20 16.48
CA PHE F 138 59.58 2.23 15.84
C PHE F 138 59.75 3.55 16.56
N LYS F 139 59.96 4.62 15.80
CA LYS F 139 60.12 5.94 16.39
C LYS F 139 59.41 7.00 15.56
N ILE F 140 58.68 7.88 16.25
CA ILE F 140 58.09 9.07 15.66
C ILE F 140 59.06 10.22 15.87
N VAL F 141 59.32 10.99 14.82
CA VAL F 141 60.34 12.03 14.88
C VAL F 141 59.71 13.37 14.55
N GLU F 142 60.31 14.43 15.11
CA GLU F 142 59.96 15.81 14.77
C GLU F 142 61.16 16.42 14.05
N ILE F 143 60.93 16.90 12.83
CA ILE F 143 61.97 17.54 12.04
C ILE F 143 61.68 19.03 12.05
N ASN F 144 62.37 19.78 12.91
CA ASN F 144 62.30 21.22 12.93
C ASN F 144 63.48 21.80 12.18
N ASP F 145 63.65 23.11 12.22
CA ASP F 145 64.81 23.75 11.62
C ASP F 145 66.12 23.35 12.29
N PHE F 146 66.06 22.76 13.49
CA PHE F 146 67.26 22.47 14.26
C PHE F 146 67.68 21.01 14.17
N LYS F 147 66.89 20.11 14.75
CA LYS F 147 67.29 18.72 14.91
C LYS F 147 66.12 17.80 14.57
N GLN F 148 66.44 16.52 14.42
CA GLN F 148 65.42 15.47 14.28
C GLN F 148 65.25 14.85 15.66
N LEU F 149 64.32 15.41 16.43
CA LEU F 149 64.22 14.88 17.78
C LEU F 149 63.12 13.83 17.85
N PRO F 150 63.36 12.70 18.51
CA PRO F 150 62.34 11.65 18.60
C PRO F 150 61.33 11.95 19.69
N HIS F 151 60.05 11.88 19.34
CA HIS F 151 59.00 12.01 20.35
C HIS F 151 58.83 10.72 21.15
N ILE F 152 58.55 9.61 20.49
CA ILE F 152 58.36 8.35 21.18
C ILE F 152 59.05 7.24 20.40
N THR F 153 59.69 6.33 21.11
CA THR F 153 60.39 5.20 20.51
C THR F 153 59.88 3.93 21.17
N LEU F 154 59.41 2.98 20.37
CA LEU F 154 58.89 1.73 20.91
C LEU F 154 59.50 0.55 20.17
N ALA F 155 59.70 -0.54 20.91
CA ALA F 155 60.31 -1.75 20.39
C ALA F 155 59.26 -2.81 20.13
N PHE F 156 59.41 -3.54 19.03
CA PHE F 156 58.46 -4.56 18.62
C PHE F 156 59.21 -5.86 18.37
N ARG F 157 58.51 -6.98 18.59
CA ARG F 157 59.07 -8.31 18.48
C ARG F 157 58.11 -9.19 17.69
N PRO F 158 58.57 -10.34 17.20
CA PRO F 158 57.65 -11.30 16.59
C PRO F 158 56.67 -11.82 17.64
N GLY F 159 55.40 -11.90 17.26
CA GLY F 159 54.39 -12.29 18.21
C GLY F 159 54.53 -13.72 18.69
N ASN F 160 53.88 -14.00 19.81
CA ASN F 160 53.80 -15.34 20.35
C ASN F 160 53.04 -16.24 19.37
N ASP F 161 53.23 -17.55 19.52
CA ASP F 161 52.62 -18.49 18.59
C ASP F 161 51.09 -18.35 18.56
N SER F 162 50.48 -18.03 19.70
CA SER F 162 49.03 -17.87 19.75
C SER F 162 48.58 -16.64 18.98
N VAL F 163 49.20 -15.49 19.25
CA VAL F 163 48.79 -14.25 18.58
C VAL F 163 49.14 -14.32 17.10
N VAL F 164 50.25 -14.96 16.74
CA VAL F 164 50.58 -15.15 15.33
C VAL F 164 49.53 -16.03 14.66
N LYS F 165 49.10 -17.10 15.33
CA LYS F 165 48.02 -17.93 14.81
C LYS F 165 46.77 -17.09 14.56
N GLN F 166 46.39 -16.27 15.54
CA GLN F 166 45.17 -15.47 15.41
C GLN F 166 45.31 -14.41 14.33
N PHE F 167 46.50 -13.87 14.14
CA PHE F 167 46.75 -12.92 13.05
C PHE F 167 46.65 -13.60 11.70
N LEU F 168 47.22 -14.80 11.57
CA LEU F 168 47.08 -15.54 10.32
C LEU F 168 45.60 -15.84 10.04
N ALA F 169 44.84 -16.14 11.09
CA ALA F 169 43.40 -16.37 10.91
C ALA F 169 42.69 -15.11 10.44
N PHE F 170 43.02 -13.97 11.05
CA PHE F 170 42.43 -12.70 10.62
C PHE F 170 42.79 -12.38 9.18
N ARG F 171 44.06 -12.57 8.81
CA ARG F 171 44.47 -12.34 7.43
C ARG F 171 43.74 -13.26 6.47
N LEU F 172 43.59 -14.54 6.84
CA LEU F 172 42.90 -15.47 5.95
C LEU F 172 41.45 -15.05 5.77
N SER F 173 40.79 -14.65 6.86
CA SER F 173 39.40 -14.18 6.75
C SER F 173 39.30 -12.93 5.89
N GLU F 174 40.21 -11.97 6.10
CA GLU F 174 40.18 -10.74 5.31
C GLU F 174 40.42 -11.02 3.84
N VAL F 175 41.37 -11.90 3.52
CA VAL F 175 41.68 -12.19 2.12
C VAL F 175 40.52 -12.96 1.48
N LYS F 176 39.88 -13.84 2.25
CA LYS F 176 38.70 -14.53 1.74
C LYS F 176 37.58 -13.54 1.45
N GLY F 177 37.38 -12.57 2.34
CA GLY F 177 36.38 -11.56 2.09
C GLY F 177 36.69 -10.71 0.86
N THR F 178 37.96 -10.33 0.70
CA THR F 178 38.35 -9.53 -0.46
C THR F 178 38.13 -10.31 -1.75
N CYS F 179 38.51 -11.59 -1.76
CA CYS F 179 38.33 -12.39 -2.97
C CYS F 179 36.85 -12.65 -3.24
N HIS F 180 36.03 -12.76 -2.19
CA HIS F 180 34.60 -12.90 -2.38
C HIS F 180 33.99 -11.64 -2.98
N ASP F 181 34.39 -10.46 -2.47
CA ASP F 181 33.93 -9.20 -3.05
C ASP F 181 34.37 -9.08 -4.50
N LEU F 182 35.61 -9.48 -4.81
CA LEU F 182 36.09 -9.43 -6.19
C LEU F 182 35.32 -10.40 -7.07
N SER F 183 34.95 -11.56 -6.54
CA SER F 183 34.14 -12.51 -7.31
C SER F 183 32.74 -11.96 -7.57
N ASP F 184 32.16 -11.27 -6.57
CA ASP F 184 30.87 -10.62 -6.78
C ASP F 184 30.97 -9.56 -7.88
N ASP F 185 32.02 -8.74 -7.82
CA ASP F 185 32.22 -7.72 -8.85
C ASP F 185 32.48 -8.36 -10.21
N LEU F 186 33.13 -9.51 -10.24
CA LEU F 186 33.38 -10.21 -11.49
C LEU F 186 32.09 -10.77 -12.07
N SER F 187 31.21 -11.28 -11.21
CA SER F 187 29.89 -11.70 -11.67
C SER F 187 29.10 -10.53 -12.24
N ARG F 188 29.12 -9.38 -11.55
CA ARG F 188 28.41 -8.22 -12.05
C ARG F 188 28.96 -7.76 -13.40
N THR F 189 30.29 -7.72 -13.53
CA THR F 189 30.90 -7.25 -14.76
C THR F 189 30.68 -8.24 -15.91
N ARG F 190 30.68 -9.54 -15.63
CA ARG F 190 30.43 -10.51 -16.69
C ARG F 190 28.97 -10.48 -17.12
N ASP F 191 28.04 -10.24 -16.19
CA ASP F 191 26.65 -10.06 -16.59
C ASP F 191 26.49 -8.81 -17.46
N ASP F 192 27.20 -7.73 -17.10
CA ASP F 192 27.15 -6.54 -17.94
C ASP F 192 27.78 -6.81 -19.30
N ARG F 193 28.83 -7.63 -19.33
CA ARG F 193 29.44 -8.05 -20.59
C ARG F 193 28.45 -8.81 -21.46
N ASP F 194 27.69 -9.73 -20.85
CA ASP F 194 26.66 -10.45 -21.59
C ASP F 194 25.60 -9.49 -22.13
N SER F 195 25.23 -8.49 -21.34
CA SER F 195 24.27 -7.49 -21.83
C SER F 195 24.83 -6.72 -23.02
N MET F 196 26.11 -6.33 -22.94
CA MET F 196 26.74 -5.64 -24.05
C MET F 196 26.83 -6.53 -25.28
N VAL F 197 27.05 -7.84 -25.08
CA VAL F 197 27.02 -8.77 -26.20
C VAL F 197 25.63 -8.81 -26.83
N ALA F 198 24.59 -8.84 -26.00
CA ALA F 198 23.22 -8.85 -26.52
C ALA F 198 22.89 -7.57 -27.26
N GLN F 199 23.56 -6.47 -26.92
CA GLN F 199 23.34 -5.21 -27.64
C GLN F 199 24.16 -5.16 -28.94
N LEU F 200 25.39 -5.68 -28.88
CA LEU F 200 26.25 -5.75 -30.05
C LEU F 200 25.65 -6.65 -31.13
N ALA F 201 25.00 -7.73 -30.72
CA ALA F 201 24.34 -8.59 -31.69
C ALA F 201 23.27 -7.83 -32.45
N GLN F 202 22.46 -7.04 -31.75
CA GLN F 202 21.42 -6.26 -32.41
C GLN F 202 22.02 -5.19 -33.32
N CYS F 203 23.13 -4.56 -32.91
CA CYS F 203 23.72 -3.56 -33.79
C CYS F 203 24.26 -4.21 -35.06
N ARG F 204 24.89 -5.38 -34.92
CA ARG F 204 25.38 -6.11 -36.08
C ARG F 204 24.24 -6.51 -36.99
N GLN F 205 23.10 -6.93 -36.41
CA GLN F 205 21.94 -7.31 -37.22
C GLN F 205 21.40 -6.11 -38.00
N GLN F 206 21.27 -4.97 -37.33
CA GLN F 206 20.76 -3.77 -37.99
C GLN F 206 21.70 -3.30 -39.10
N LEU F 207 23.00 -3.32 -38.84
CA LEU F 207 23.96 -2.90 -39.86
C LEU F 207 23.94 -3.86 -41.05
N ALA F 208 23.84 -5.16 -40.81
CA ALA F 208 23.75 -6.12 -41.91
C ALA F 208 22.50 -5.91 -42.73
N GLN F 209 21.36 -5.63 -42.08
CA GLN F 209 20.14 -5.37 -42.82
C GLN F 209 20.28 -4.12 -43.70
N LEU F 210 20.85 -3.05 -43.15
CA LEU F 210 21.06 -1.84 -43.96
C LEU F 210 22.04 -2.10 -45.10
N ARG F 211 23.07 -2.91 -44.85
CA ARG F 211 24.01 -3.27 -45.90
C ARG F 211 23.30 -4.01 -47.03
N GLU F 212 22.42 -4.94 -46.68
CA GLU F 212 21.67 -5.67 -47.70
C GLU F 212 20.77 -4.73 -48.50
N GLN F 213 20.12 -3.78 -47.81
CA GLN F 213 19.30 -2.81 -48.54
C GLN F 213 20.13 -1.97 -49.49
N TYR F 214 21.32 -1.54 -49.07
CA TYR F 214 22.19 -0.77 -49.96
C TYR F 214 22.65 -1.60 -51.16
N ASP F 215 22.97 -2.88 -50.93
CA ASP F 215 23.35 -3.75 -52.03
C ASP F 215 22.18 -3.94 -53.00
N LYS F 216 20.97 -4.06 -52.47
CA LYS F 216 19.79 -4.15 -53.32
C LYS F 216 19.63 -2.89 -54.16
N HIS F 217 19.87 -1.73 -53.55
CA HIS F 217 19.83 -0.47 -54.31
C HIS F 217 20.88 -0.44 -55.40
N LEU F 218 22.09 -0.92 -55.10
CA LEU F 218 23.14 -0.95 -56.11
C LEU F 218 22.78 -1.88 -57.26
N LEU F 219 22.13 -3.01 -56.95
CA LEU F 219 21.66 -3.90 -58.01
C LEU F 219 20.57 -3.23 -58.85
N GLU F 220 19.70 -2.47 -58.20
CA GLU F 220 18.65 -1.75 -58.94
C GLU F 220 19.25 -0.71 -59.87
N VAL F 221 20.29 -0.01 -59.42
CA VAL F 221 20.93 1.00 -60.26
C VAL F 221 21.59 0.35 -61.47
N GLN F 222 22.21 -0.82 -61.27
CA GLN F 222 22.87 -1.53 -62.36
C GLN F 222 21.87 -2.03 -63.38
N GLY G 1 -52.88 41.04 -2.20
CA GLY G 1 -52.36 41.24 -3.53
C GLY G 1 -51.52 40.09 -4.03
N SER G 2 -52.19 39.00 -4.43
CA SER G 2 -51.51 37.80 -4.90
C SER G 2 -51.32 37.90 -6.40
N VAL G 3 -50.10 38.23 -6.84
CA VAL G 3 -49.80 38.20 -8.26
C VAL G 3 -49.69 36.74 -8.70
N SER G 4 -50.09 36.47 -9.95
CA SER G 4 -49.82 35.16 -10.53
C SER G 4 -48.34 34.82 -10.38
N SER G 5 -47.50 35.84 -10.29
CA SER G 5 -46.05 35.72 -10.17
C SER G 5 -45.43 34.75 -11.15
N VAL G 6 -45.50 35.08 -12.42
CA VAL G 6 -44.78 34.34 -13.45
C VAL G 6 -43.38 34.92 -13.41
N PRO G 7 -42.36 34.24 -13.92
CA PRO G 7 -41.03 34.85 -13.92
C PRO G 7 -40.92 35.95 -14.97
N THR G 8 -40.20 37.00 -14.62
CA THR G 8 -40.04 38.13 -15.52
C THR G 8 -38.57 38.23 -15.90
N LYS G 9 -38.32 38.91 -17.01
CA LYS G 9 -36.95 39.24 -17.45
C LYS G 9 -36.18 37.99 -17.86
N LEU G 10 -36.88 37.01 -18.44
CA LEU G 10 -36.20 35.80 -18.88
C LEU G 10 -35.27 36.15 -20.04
N GLU G 11 -33.97 35.97 -19.83
CA GLU G 11 -32.99 36.35 -20.84
C GLU G 11 -31.77 35.44 -20.75
N VAL G 12 -31.08 35.32 -21.88
CA VAL G 12 -29.79 34.63 -21.93
C VAL G 12 -28.70 35.68 -21.74
N VAL G 13 -27.99 35.60 -20.61
CA VAL G 13 -26.99 36.62 -20.33
C VAL G 13 -25.68 36.30 -21.03
N ALA G 14 -25.26 35.03 -21.01
CA ALA G 14 -24.04 34.58 -21.67
C ALA G 14 -24.33 33.33 -22.48
N ALA G 15 -23.69 33.21 -23.64
CA ALA G 15 -23.98 32.13 -24.56
C ALA G 15 -22.72 31.71 -25.30
N THR G 16 -22.50 30.40 -25.38
CA THR G 16 -21.48 29.78 -26.19
C THR G 16 -22.17 28.82 -27.17
N PRO G 17 -21.53 28.49 -28.30
CA PRO G 17 -22.22 27.67 -29.31
C PRO G 17 -22.86 26.39 -28.80
N THR G 18 -22.34 25.79 -27.71
CA THR G 18 -22.91 24.55 -27.20
C THR G 18 -23.69 24.71 -25.90
N SER G 19 -23.54 25.81 -25.18
CA SER G 19 -24.21 25.97 -23.90
C SER G 19 -24.55 27.42 -23.66
N LEU G 20 -25.63 27.65 -22.90
CA LEU G 20 -26.09 28.98 -22.55
C LEU G 20 -26.47 29.00 -21.08
N LEU G 21 -26.44 30.19 -20.50
CA LEU G 21 -26.87 30.42 -19.13
C LEU G 21 -27.94 31.49 -19.11
N ILE G 22 -29.07 31.19 -18.48
CA ILE G 22 -30.22 32.09 -18.45
C ILE G 22 -30.37 32.63 -17.04
N SER G 23 -30.86 33.86 -16.94
CA SER G 23 -31.11 34.50 -15.66
C SER G 23 -32.47 35.19 -15.70
N TRP G 24 -33.19 35.11 -14.59
CA TRP G 24 -34.51 35.70 -14.47
C TRP G 24 -34.64 36.33 -13.09
N ASP G 25 -35.30 37.48 -13.03
CA ASP G 25 -35.64 38.06 -11.74
C ASP G 25 -36.79 37.28 -11.13
N ALA G 26 -36.72 37.06 -9.83
CA ALA G 26 -37.65 36.12 -9.23
C ALA G 26 -39.01 36.77 -8.99
N PRO G 27 -40.09 35.99 -9.11
CA PRO G 27 -41.42 36.51 -8.78
C PRO G 27 -41.55 36.80 -7.29
N ALA G 28 -42.50 37.70 -6.98
CA ALA G 28 -42.64 38.19 -5.61
C ALA G 28 -43.06 37.08 -4.64
N VAL G 29 -43.86 36.10 -5.09
CA VAL G 29 -44.26 35.03 -4.18
C VAL G 29 -43.07 34.13 -3.88
N THR G 30 -43.17 33.42 -2.77
CA THR G 30 -42.16 32.42 -2.43
C THR G 30 -42.22 31.28 -3.44
N VAL G 31 -41.11 31.04 -4.14
CA VAL G 31 -41.09 30.04 -5.20
C VAL G 31 -40.58 28.73 -4.60
N TYR G 32 -41.37 27.67 -4.77
CA TYR G 32 -40.97 26.36 -4.26
C TYR G 32 -39.85 25.77 -5.09
N LEU G 33 -40.02 25.76 -6.42
CA LEU G 33 -38.99 25.26 -7.32
C LEU G 33 -39.28 25.80 -8.72
N TYR G 34 -38.29 25.67 -9.59
CA TYR G 34 -38.41 26.06 -10.98
C TYR G 34 -38.24 24.84 -11.86
N VAL G 35 -39.07 24.73 -12.90
CA VAL G 35 -38.93 23.69 -13.90
C VAL G 35 -38.62 24.38 -15.21
N ILE G 36 -37.40 24.22 -15.70
CA ILE G 36 -36.96 24.83 -16.96
C ILE G 36 -37.01 23.76 -18.04
N THR G 37 -37.71 24.06 -19.13
CA THR G 37 -37.87 23.12 -20.23
C THR G 37 -37.27 23.74 -21.48
N TYR G 38 -36.22 23.12 -22.00
CA TYR G 38 -35.57 23.55 -23.23
C TYR G 38 -35.83 22.52 -24.32
N GLY G 39 -36.20 23.02 -25.50
CA GLY G 39 -36.44 22.16 -26.65
C GLY G 39 -36.18 22.94 -27.92
N GLU G 40 -35.96 22.20 -28.99
CA GLU G 40 -35.79 22.84 -30.29
C GLU G 40 -37.15 23.28 -30.84
N THR G 41 -37.13 24.38 -31.59
CA THR G 41 -38.37 24.92 -32.17
C THR G 41 -38.80 24.00 -33.29
N GLY G 42 -39.99 23.44 -33.17
CA GLY G 42 -40.49 22.45 -34.10
C GLY G 42 -39.57 21.24 -34.17
N GLY G 43 -39.75 20.47 -35.25
CA GLY G 43 -38.96 19.28 -35.46
C GLY G 43 -39.31 18.18 -34.47
N ASN G 44 -38.48 17.13 -34.49
CA ASN G 44 -38.67 15.94 -33.67
C ASN G 44 -37.82 15.96 -32.40
N SER G 45 -37.51 17.13 -31.86
CA SER G 45 -36.76 17.23 -30.62
C SER G 45 -37.71 17.09 -29.45
N PRO G 46 -37.50 16.14 -28.54
CA PRO G 46 -38.35 16.04 -27.36
C PRO G 46 -38.06 17.19 -26.41
N VAL G 47 -39.10 17.59 -25.68
CA VAL G 47 -38.93 18.68 -24.72
C VAL G 47 -38.23 18.13 -23.49
N GLN G 48 -37.18 18.81 -23.06
CA GLN G 48 -36.32 18.37 -21.97
C GLN G 48 -36.53 19.27 -20.76
N GLU G 49 -36.81 18.67 -19.61
CA GLU G 49 -37.07 19.41 -18.38
C GLU G 49 -36.02 19.05 -17.35
N PHE G 50 -35.53 20.06 -16.64
CA PHE G 50 -34.69 19.85 -15.47
C PHE G 50 -35.09 20.86 -14.41
N GLU G 51 -34.98 20.44 -13.15
CA GLU G 51 -35.49 21.23 -12.04
C GLU G 51 -34.35 21.94 -11.32
N VAL G 52 -34.63 23.16 -10.89
CA VAL G 52 -33.64 24.00 -10.19
C VAL G 52 -34.32 24.53 -8.94
N PRO G 53 -33.61 24.67 -7.82
CA PRO G 53 -34.25 25.20 -6.61
C PRO G 53 -34.79 26.60 -6.81
N GLY G 54 -35.77 26.95 -5.97
CA GLY G 54 -36.41 28.24 -6.10
C GLY G 54 -35.51 29.41 -5.77
N SER G 55 -34.55 29.20 -4.87
CA SER G 55 -33.65 30.29 -4.48
C SER G 55 -32.77 30.74 -5.64
N LYS G 56 -32.54 29.88 -6.63
CA LYS G 56 -31.68 30.23 -7.75
C LYS G 56 -32.46 31.03 -8.78
N SER G 57 -31.86 32.14 -9.24
CA SER G 57 -32.40 32.95 -10.32
C SER G 57 -31.73 32.67 -11.65
N THR G 58 -30.73 31.78 -11.67
CA THR G 58 -29.99 31.46 -12.88
C THR G 58 -29.97 29.96 -13.11
N ALA G 59 -29.61 29.58 -14.33
CA ALA G 59 -29.50 28.18 -14.72
C ALA G 59 -28.62 28.09 -15.95
N THR G 60 -28.18 26.88 -16.25
CA THR G 60 -27.31 26.61 -17.40
C THR G 60 -27.85 25.43 -18.18
N ILE G 61 -27.85 25.56 -19.51
CA ILE G 61 -28.32 24.52 -20.40
C ILE G 61 -27.18 24.14 -21.34
N SER G 62 -26.94 22.83 -21.48
CA SER G 62 -25.87 22.30 -22.30
C SER G 62 -26.43 21.24 -23.24
N GLY G 63 -25.59 20.78 -24.16
CA GLY G 63 -26.03 19.78 -25.12
C GLY G 63 -26.77 20.34 -26.30
N LEU G 64 -26.63 21.63 -26.58
CA LEU G 64 -27.37 22.29 -27.65
C LEU G 64 -26.70 22.09 -28.99
N LYS G 65 -27.52 22.15 -30.05
CA LYS G 65 -27.05 22.09 -31.43
C LYS G 65 -26.71 23.49 -31.92
N PRO G 66 -25.57 23.69 -32.56
CA PRO G 66 -25.19 25.04 -32.98
C PRO G 66 -26.06 25.56 -34.11
N GLY G 67 -26.35 26.86 -34.06
CA GLY G 67 -27.09 27.52 -35.11
C GLY G 67 -28.57 27.18 -35.19
N VAL G 68 -29.14 26.57 -34.16
CA VAL G 68 -30.53 26.14 -34.15
C VAL G 68 -31.31 26.98 -33.14
N ASP G 69 -32.48 27.45 -33.56
CA ASP G 69 -33.36 28.24 -32.69
C ASP G 69 -34.09 27.31 -31.71
N TYR G 70 -33.91 27.58 -30.41
CA TYR G 70 -34.53 26.80 -29.35
C TYR G 70 -35.59 27.62 -28.62
N THR G 71 -36.55 26.92 -28.04
CA THR G 71 -37.58 27.52 -27.19
C THR G 71 -37.34 27.09 -25.74
N ILE G 72 -37.18 28.07 -24.85
CA ILE G 72 -36.91 27.84 -23.43
C ILE G 72 -38.10 28.35 -22.63
N THR G 73 -38.62 27.52 -21.74
CA THR G 73 -39.78 27.85 -20.93
C THR G 73 -39.46 27.67 -19.46
N VAL G 74 -39.85 28.64 -18.64
CA VAL G 74 -39.65 28.57 -17.19
C VAL G 74 -41.02 28.43 -16.53
N TYR G 75 -41.26 27.30 -15.89
CA TYR G 75 -42.45 27.08 -15.10
C TYR G 75 -42.15 27.38 -13.63
N ALA G 76 -43.05 28.11 -12.97
CA ALA G 76 -42.87 28.50 -11.58
C ALA G 76 -43.83 27.72 -10.69
N SER G 77 -43.32 27.29 -9.52
CA SER G 77 -44.08 26.55 -8.53
C SER G 77 -44.38 27.45 -7.32
N SER G 78 -45.54 28.11 -7.36
CA SER G 78 -45.96 28.95 -6.26
C SER G 78 -46.92 28.20 -5.35
N LYS G 79 -47.47 28.90 -4.36
CA LYS G 79 -48.45 28.30 -3.47
C LYS G 79 -49.75 28.00 -4.22
N HIS G 80 -50.34 29.02 -4.84
CA HIS G 80 -51.61 28.91 -5.55
C HIS G 80 -51.42 28.60 -7.03
N SER G 81 -50.35 27.90 -7.41
CA SER G 81 -50.13 27.53 -8.79
C SER G 81 -49.59 26.11 -8.88
N SER G 82 -49.59 25.59 -10.09
CA SER G 82 -49.14 24.23 -10.41
C SER G 82 -47.76 24.30 -11.01
N ARG G 83 -46.93 23.29 -10.73
CA ARG G 83 -45.53 23.38 -11.12
C ARG G 83 -45.33 23.34 -12.62
N TYR G 84 -46.39 23.06 -13.38
CA TYR G 84 -46.41 23.26 -14.83
C TYR G 84 -47.38 24.37 -15.23
N ALA G 85 -47.79 25.20 -14.28
CA ALA G 85 -48.62 26.35 -14.55
C ALA G 85 -47.80 27.63 -14.48
N SER G 86 -48.43 28.73 -14.89
CA SER G 86 -47.82 30.05 -14.96
C SER G 86 -46.46 30.04 -15.68
N PRO G 87 -46.41 29.63 -16.94
CA PRO G 87 -45.15 29.61 -17.68
C PRO G 87 -44.90 30.90 -18.44
N ILE G 88 -43.62 31.21 -18.63
CA ILE G 88 -43.19 32.27 -19.54
C ILE G 88 -42.06 31.75 -20.41
N SER G 89 -42.11 32.06 -21.70
CA SER G 89 -41.27 31.45 -22.70
C SER G 89 -40.48 32.50 -23.46
N ILE G 90 -39.28 32.11 -23.91
CA ILE G 90 -38.46 32.92 -24.81
C ILE G 90 -37.92 32.02 -25.91
N ASN G 91 -37.43 32.65 -26.97
CA ASN G 91 -36.85 31.95 -28.10
C ASN G 91 -35.44 32.48 -28.35
N TYR G 92 -34.50 31.57 -28.54
CA TYR G 92 -33.09 31.91 -28.75
C TYR G 92 -32.46 30.93 -29.72
N ARG G 93 -31.61 31.46 -30.59
CA ARG G 93 -30.92 30.67 -31.63
C ARG G 93 -29.42 30.64 -31.33
N THR G 94 -28.98 29.58 -30.67
CA THR G 94 -27.59 29.38 -30.26
C THR G 94 -26.58 29.78 -31.33
N SER H 2 21.00 2.58 -2.86
CA SER H 2 21.56 3.51 -3.83
C SER H 2 20.70 4.77 -3.94
N VAL H 3 19.55 4.76 -3.28
CA VAL H 3 18.64 5.90 -3.26
C VAL H 3 18.17 6.12 -1.82
N SER H 4 17.87 7.38 -1.50
CA SER H 4 17.35 7.76 -0.19
C SER H 4 16.17 6.89 0.22
N SER H 5 15.15 6.79 -0.64
CA SER H 5 13.89 6.11 -0.33
C SER H 5 13.13 6.80 0.79
N VAL H 6 13.53 8.04 1.11
CA VAL H 6 12.87 8.88 2.11
C VAL H 6 12.41 10.16 1.41
N PRO H 7 11.41 10.86 1.97
CA PRO H 7 11.07 12.18 1.44
C PRO H 7 12.14 13.22 1.79
N THR H 8 12.27 14.22 0.92
CA THR H 8 13.39 15.17 0.97
C THR H 8 13.02 16.55 1.50
N LYS H 9 12.15 17.28 0.80
CA LYS H 9 11.80 18.66 1.14
C LYS H 9 10.40 18.75 1.72
N LEU H 10 10.30 18.95 3.04
CA LEU H 10 9.00 19.09 3.71
C LEU H 10 8.90 20.49 4.29
N GLU H 11 7.92 21.25 3.82
CA GLU H 11 7.73 22.63 4.23
C GLU H 11 6.23 22.94 4.22
N VAL H 12 5.85 23.96 5.00
CA VAL H 12 4.47 24.42 5.05
C VAL H 12 4.27 25.54 4.02
N VAL H 13 3.46 25.27 3.00
CA VAL H 13 3.24 26.26 1.95
C VAL H 13 2.13 27.23 2.36
N ALA H 14 1.03 26.74 2.94
CA ALA H 14 -0.09 27.56 3.35
C ALA H 14 -0.52 27.19 4.77
N ALA H 15 -0.94 28.19 5.54
CA ALA H 15 -1.27 27.99 6.94
C ALA H 15 -2.43 28.89 7.35
N THR H 16 -3.40 28.31 8.05
CA THR H 16 -4.48 29.03 8.70
C THR H 16 -4.46 28.68 10.19
N PRO H 17 -4.98 29.56 11.05
CA PRO H 17 -4.90 29.31 12.50
C PRO H 17 -5.42 27.95 12.97
N THR H 18 -6.36 27.33 12.26
CA THR H 18 -6.92 26.06 12.70
C THR H 18 -6.48 24.86 11.87
N SER H 19 -5.88 25.08 10.70
CA SER H 19 -5.51 24.00 9.80
C SER H 19 -4.23 24.37 9.08
N LEU H 20 -3.51 23.35 8.63
CA LEU H 20 -2.24 23.57 7.94
C LEU H 20 -2.20 22.71 6.68
N LEU H 21 -1.44 23.18 5.69
CA LEU H 21 -1.22 22.45 4.46
C LEU H 21 0.27 22.29 4.23
N ILE H 22 0.71 21.04 4.06
CA ILE H 22 2.12 20.71 3.90
C ILE H 22 2.34 20.16 2.49
N SER H 23 3.55 20.39 1.98
CA SER H 23 3.96 19.89 0.67
C SER H 23 5.34 19.28 0.80
N TRP H 24 5.55 18.15 0.11
CA TRP H 24 6.85 17.48 0.17
C TRP H 24 7.26 17.00 -1.21
N ASP H 25 8.56 17.14 -1.50
CA ASP H 25 9.12 16.56 -2.71
C ASP H 25 9.29 15.06 -2.53
N ALA H 26 8.96 14.31 -3.58
CA ALA H 26 8.90 12.86 -3.47
C ALA H 26 10.27 12.23 -3.69
N PRO H 27 10.54 11.09 -3.04
CA PRO H 27 11.77 10.35 -3.32
C PRO H 27 11.76 9.76 -4.72
N ALA H 28 12.96 9.51 -5.25
CA ALA H 28 13.09 9.02 -6.62
C ALA H 28 12.46 7.66 -6.80
N VAL H 29 12.43 6.82 -5.77
CA VAL H 29 11.84 5.50 -5.89
C VAL H 29 10.33 5.61 -6.08
N THR H 30 9.74 4.56 -6.64
CA THR H 30 8.29 4.50 -6.81
C THR H 30 7.63 4.42 -5.44
N VAL H 31 6.77 5.39 -5.15
CA VAL H 31 6.11 5.48 -3.85
C VAL H 31 4.76 4.79 -3.93
N TYR H 32 4.54 3.82 -3.04
CA TYR H 32 3.25 3.14 -3.01
C TYR H 32 2.19 4.03 -2.41
N LEU H 33 2.46 4.60 -1.24
CA LEU H 33 1.52 5.50 -0.57
C LEU H 33 2.29 6.29 0.49
N TYR H 34 1.64 7.32 1.01
CA TYR H 34 2.20 8.09 2.11
C TYR H 34 1.27 8.00 3.30
N VAL H 35 1.85 7.85 4.50
CA VAL H 35 1.11 7.84 5.75
C VAL H 35 1.55 9.09 6.51
N ILE H 36 0.62 10.03 6.70
CA ILE H 36 0.91 11.29 7.36
C ILE H 36 0.45 11.15 8.80
N THR H 37 1.34 11.39 9.76
CA THR H 37 1.03 11.28 11.17
C THR H 37 1.27 12.62 11.83
N TYR H 38 0.21 13.22 12.35
CA TYR H 38 0.32 14.48 13.08
C TYR H 38 0.02 14.24 14.55
N GLY H 39 0.82 14.88 15.41
CA GLY H 39 0.63 14.79 16.85
C GLY H 39 1.10 16.06 17.51
N GLU H 40 0.65 16.26 18.75
CA GLU H 40 1.14 17.39 19.53
C GLU H 40 2.55 17.09 20.00
N THR H 41 3.37 18.13 20.14
CA THR H 41 4.76 17.92 20.49
C THR H 41 4.86 17.43 21.94
N GLY H 42 5.54 16.30 22.12
CA GLY H 42 5.74 15.66 23.41
C GLY H 42 4.55 15.63 24.35
N GLY H 43 3.34 15.89 23.83
CA GLY H 43 2.14 15.89 24.63
C GLY H 43 1.37 14.60 24.50
N ASN H 44 0.47 14.37 25.46
CA ASN H 44 -0.33 13.15 25.50
C ASN H 44 -1.57 13.28 24.62
N SER H 45 -1.31 13.57 23.36
CA SER H 45 -2.29 13.57 22.30
C SER H 45 -2.03 12.34 21.46
N PRO H 46 -3.04 11.50 21.19
CA PRO H 46 -2.76 10.33 20.36
C PRO H 46 -2.36 10.76 18.96
N VAL H 47 -1.42 10.02 18.38
CA VAL H 47 -0.92 10.39 17.06
C VAL H 47 -1.95 9.94 16.04
N GLN H 48 -2.29 10.85 15.12
CA GLN H 48 -3.33 10.58 14.15
C GLN H 48 -2.69 10.36 12.79
N GLU H 49 -3.05 9.25 12.15
CA GLU H 49 -2.49 8.87 10.88
C GLU H 49 -3.60 8.85 9.84
N PHE H 50 -3.29 9.40 8.67
CA PHE H 50 -4.18 9.33 7.52
C PHE H 50 -3.36 9.05 6.27
N GLU H 51 -3.98 8.33 5.34
CA GLU H 51 -3.29 7.79 4.18
C GLU H 51 -3.58 8.62 2.94
N VAL H 52 -2.55 8.82 2.12
CA VAL H 52 -2.68 9.61 0.90
C VAL H 52 -2.02 8.83 -0.22
N PRO H 53 -2.54 8.88 -1.46
CA PRO H 53 -1.90 8.14 -2.55
C PRO H 53 -0.48 8.61 -2.83
N GLY H 54 0.28 7.71 -3.47
CA GLY H 54 1.67 8.01 -3.77
C GLY H 54 1.84 9.14 -4.76
N SER H 55 0.87 9.31 -5.66
CA SER H 55 0.96 10.38 -6.65
C SER H 55 0.94 11.77 -6.01
N LYS H 56 0.40 11.88 -4.80
CA LYS H 56 0.32 13.17 -4.12
C LYS H 56 1.66 13.56 -3.51
N SER H 57 2.08 14.79 -3.76
CA SER H 57 3.24 15.38 -3.10
C SER H 57 2.83 16.36 -2.01
N THR H 58 1.54 16.61 -1.85
CA THR H 58 1.02 17.56 -0.86
C THR H 58 -0.08 16.89 -0.05
N ALA H 59 -0.41 17.52 1.07
CA ALA H 59 -1.49 17.04 1.94
C ALA H 59 -1.94 18.20 2.83
N THR H 60 -3.09 18.00 3.46
CA THR H 60 -3.69 19.01 4.32
C THR H 60 -4.11 18.36 5.63
N ILE H 61 -3.83 19.06 6.74
CA ILE H 61 -4.17 18.60 8.07
C ILE H 61 -5.10 19.63 8.70
N SER H 62 -6.20 19.16 9.29
CA SER H 62 -7.20 20.01 9.89
C SER H 62 -7.49 19.53 11.31
N GLY H 63 -8.25 20.31 12.05
CA GLY H 63 -8.58 19.97 13.42
C GLY H 63 -7.51 20.31 14.41
N LEU H 64 -6.58 21.19 14.06
CA LEU H 64 -5.47 21.53 14.94
C LEU H 64 -5.88 22.61 15.93
N LYS H 65 -5.19 22.62 17.07
CA LYS H 65 -5.42 23.66 18.06
C LYS H 65 -4.56 24.88 17.74
N PRO H 66 -5.12 26.09 17.77
CA PRO H 66 -4.33 27.26 17.39
C PRO H 66 -3.25 27.57 18.42
N GLY H 67 -2.10 28.04 17.91
CA GLY H 67 -1.00 28.44 18.76
C GLY H 67 -0.26 27.31 19.44
N VAL H 68 -0.47 26.08 19.00
CA VAL H 68 0.19 24.91 19.60
C VAL H 68 1.18 24.35 18.59
N ASP H 69 2.39 24.07 19.06
CA ASP H 69 3.42 23.48 18.22
C ASP H 69 3.15 22.00 18.05
N TYR H 70 2.96 21.57 16.81
CA TYR H 70 2.72 20.18 16.46
C TYR H 70 3.91 19.60 15.73
N THR H 71 4.04 18.28 15.83
CA THR H 71 5.04 17.51 15.10
C THR H 71 4.31 16.73 14.02
N ILE H 72 4.72 16.96 12.77
CA ILE H 72 4.12 16.32 11.61
C ILE H 72 5.19 15.45 10.97
N THR H 73 4.89 14.18 10.77
CA THR H 73 5.84 13.26 10.20
C THR H 73 5.18 12.56 9.02
N VAL H 74 5.92 12.45 7.92
CA VAL H 74 5.43 11.70 6.76
C VAL H 74 6.26 10.44 6.67
N TYR H 75 5.58 9.30 6.80
CA TYR H 75 6.13 7.99 6.58
C TYR H 75 5.84 7.63 5.12
N ALA H 76 6.84 7.11 4.44
CA ALA H 76 6.70 6.74 3.05
C ALA H 76 6.64 5.22 2.94
N SER H 77 5.73 4.72 2.10
CA SER H 77 5.65 3.31 1.82
C SER H 77 6.30 3.22 0.45
N SER H 78 7.61 3.05 0.46
CA SER H 78 8.40 3.03 -0.75
C SER H 78 8.59 1.59 -1.19
N LYS H 79 9.42 1.38 -2.22
CA LYS H 79 9.69 0.04 -2.68
C LYS H 79 10.44 -0.73 -1.59
N HIS H 80 10.52 -2.05 -1.77
CA HIS H 80 11.15 -2.97 -0.84
C HIS H 80 10.27 -3.19 0.39
N SER H 81 8.96 -3.07 0.19
CA SER H 81 7.95 -3.38 1.22
C SER H 81 8.19 -2.64 2.54
N SER H 82 8.69 -1.42 2.50
CA SER H 82 8.98 -0.71 3.74
C SER H 82 7.78 0.14 4.10
N ARG H 83 7.41 0.13 5.38
CA ARG H 83 6.15 0.71 5.82
C ARG H 83 6.33 1.33 7.20
N TYR H 84 5.76 2.52 7.37
CA TYR H 84 5.98 3.34 8.56
C TYR H 84 7.48 3.52 8.82
N ALA H 85 8.26 3.47 7.75
CA ALA H 85 9.70 3.53 7.77
C ALA H 85 10.18 4.67 6.87
N SER H 86 11.46 5.00 7.00
CA SER H 86 12.08 6.09 6.27
C SER H 86 11.25 7.39 6.43
N PRO H 87 11.15 7.91 7.64
CA PRO H 87 10.30 9.09 7.88
C PRO H 87 11.04 10.40 7.69
N ILE H 88 10.28 11.45 7.39
CA ILE H 88 10.81 12.81 7.49
C ILE H 88 9.83 13.64 8.31
N SER H 89 10.38 14.40 9.26
CA SER H 89 9.62 15.07 10.30
C SER H 89 9.90 16.56 10.31
N ILE H 90 8.87 17.34 10.67
CA ILE H 90 9.02 18.76 10.95
C ILE H 90 8.19 19.08 12.19
N ASN H 91 8.49 20.24 12.77
CA ASN H 91 7.74 20.79 13.89
C ASN H 91 7.32 22.20 13.51
N TYR H 92 6.04 22.50 13.69
CA TYR H 92 5.52 23.80 13.28
C TYR H 92 4.43 24.23 14.24
N ARG H 93 4.42 25.51 14.58
CA ARG H 93 3.44 26.08 15.49
C ARG H 93 2.56 27.08 14.74
N THR H 94 1.27 27.06 15.02
CA THR H 94 0.36 27.97 14.34
C THR H 94 0.16 29.24 15.16
N SER I 2 -64.10 51.24 20.08
CA SER I 2 -64.78 50.06 19.57
C SER I 2 -65.04 49.05 20.69
N VAL I 3 -64.75 49.47 21.93
CA VAL I 3 -64.92 48.59 23.09
C VAL I 3 -65.87 49.26 24.08
N SER I 4 -66.57 48.43 24.83
CA SER I 4 -67.44 48.90 25.91
C SER I 4 -66.66 48.88 27.22
N SER I 5 -66.49 50.05 27.81
CA SER I 5 -65.63 50.16 29.00
C SER I 5 -66.33 49.70 30.26
N VAL I 6 -67.39 50.39 30.66
CA VAL I 6 -68.14 50.05 31.88
C VAL I 6 -69.54 49.58 31.53
N PRO I 7 -70.17 48.74 32.35
CA PRO I 7 -71.59 48.40 32.14
C PRO I 7 -72.53 49.49 32.60
N THR I 8 -73.65 49.63 31.87
CA THR I 8 -74.61 50.68 32.12
C THR I 8 -75.91 50.08 32.65
N LYS I 9 -76.94 50.93 32.71
CA LYS I 9 -78.30 50.58 33.14
C LYS I 9 -78.26 49.85 34.49
N LEU I 10 -77.89 50.59 35.52
CA LEU I 10 -77.82 50.04 36.87
C LEU I 10 -79.01 50.61 37.63
N GLU I 11 -79.92 49.74 38.04
CA GLU I 11 -81.15 50.15 38.68
C GLU I 11 -81.55 49.09 39.68
N VAL I 12 -82.31 49.51 40.69
CA VAL I 12 -82.87 48.60 41.69
C VAL I 12 -84.25 48.17 41.22
N VAL I 13 -84.40 46.90 40.87
CA VAL I 13 -85.68 46.42 40.36
C VAL I 13 -86.63 46.10 41.51
N ALA I 14 -86.12 45.50 42.59
CA ALA I 14 -86.92 45.15 43.75
C ALA I 14 -86.21 45.63 45.00
N ALA I 15 -86.97 46.08 45.99
CA ALA I 15 -86.42 46.71 47.18
C ALA I 15 -87.23 46.35 48.40
N THR I 16 -86.53 45.98 49.48
CA THR I 16 -87.09 45.77 50.80
C THR I 16 -86.41 46.73 51.76
N PRO I 17 -87.07 47.07 52.88
CA PRO I 17 -86.48 48.08 53.79
C PRO I 17 -85.04 47.78 54.22
N THR I 18 -84.65 46.51 54.27
CA THR I 18 -83.30 46.15 54.68
C THR I 18 -82.43 45.62 53.54
N SER I 19 -83.02 45.25 52.40
CA SER I 19 -82.25 44.64 51.33
C SER I 19 -82.80 45.08 49.98
N LEU I 20 -81.93 45.10 48.97
CA LEU I 20 -82.29 45.50 47.62
C LEU I 20 -81.66 44.55 46.62
N LEU I 21 -82.25 44.51 45.43
CA LEU I 21 -81.75 43.71 44.31
C LEU I 21 -81.48 44.63 43.13
N ILE I 22 -80.27 44.56 42.59
CA ILE I 22 -79.84 45.42 41.50
C ILE I 22 -79.67 44.62 40.23
N SER I 23 -79.89 45.27 39.09
CA SER I 23 -79.71 44.68 37.79
C SER I 23 -78.98 45.66 36.89
N TRP I 24 -78.06 45.14 36.07
CA TRP I 24 -77.26 45.96 35.18
C TRP I 24 -77.11 45.28 33.83
N ASP I 25 -77.16 46.06 32.76
CA ASP I 25 -76.86 45.54 31.44
C ASP I 25 -75.36 45.36 31.27
N ALA I 26 -74.95 44.26 30.64
CA ALA I 26 -73.56 43.90 30.58
C ALA I 26 -72.85 44.61 29.43
N PRO I 27 -71.57 44.94 29.59
CA PRO I 27 -70.81 45.51 28.48
C PRO I 27 -70.59 44.49 27.38
N ALA I 28 -70.39 44.99 26.16
CA ALA I 28 -70.24 44.09 25.02
C ALA I 28 -69.00 43.22 25.15
N VAL I 29 -67.95 43.73 25.79
CA VAL I 29 -66.74 42.94 25.99
C VAL I 29 -66.99 41.83 26.98
N THR I 30 -66.18 40.78 26.89
CA THR I 30 -66.27 39.67 27.83
C THR I 30 -65.83 40.10 29.22
N VAL I 31 -66.74 39.97 30.19
CA VAL I 31 -66.48 40.35 31.56
C VAL I 31 -66.02 39.11 32.33
N TYR I 32 -64.86 39.21 32.97
CA TYR I 32 -64.35 38.07 33.73
C TYR I 32 -65.17 37.86 35.01
N LEU I 33 -65.37 38.93 35.78
CA LEU I 33 -66.16 38.87 37.00
C LEU I 33 -66.56 40.29 37.36
N TYR I 34 -67.53 40.40 38.28
CA TYR I 34 -67.98 41.68 38.80
C TYR I 34 -67.70 41.76 40.29
N VAL I 35 -67.22 42.92 40.73
CA VAL I 35 -67.00 43.22 42.13
C VAL I 35 -67.96 44.33 42.50
N ILE I 36 -68.95 44.03 43.33
CA ILE I 36 -69.95 45.00 43.74
C ILE I 36 -69.57 45.52 45.12
N THR I 37 -69.50 46.83 45.24
CA THR I 37 -69.08 47.49 46.46
C THR I 37 -70.21 48.41 46.94
N TYR I 38 -70.78 48.09 48.09
CA TYR I 38 -71.81 48.92 48.70
C TYR I 38 -71.26 49.57 49.96
N GLY I 39 -71.55 50.86 50.13
CA GLY I 39 -71.12 51.60 51.29
C GLY I 39 -72.10 52.70 51.59
N GLU I 40 -72.06 53.19 52.83
CA GLU I 40 -72.92 54.30 53.21
C GLU I 40 -72.39 55.60 52.63
N THR I 41 -73.32 56.48 52.25
CA THR I 41 -72.98 57.78 51.68
C THR I 41 -72.53 58.75 52.79
N GLY I 42 -71.44 58.39 53.45
CA GLY I 42 -70.94 59.23 54.53
C GLY I 42 -69.50 58.94 54.88
N GLY I 43 -68.89 59.93 55.54
CA GLY I 43 -67.50 59.80 55.98
C GLY I 43 -67.21 58.50 56.72
N ASN I 44 -68.00 58.19 57.74
CA ASN I 44 -67.77 57.04 58.60
C ASN I 44 -68.48 55.80 58.08
N SER I 45 -67.86 55.15 57.08
CA SER I 45 -68.36 53.87 56.61
C SER I 45 -67.35 53.17 55.71
N PRO I 46 -66.89 51.98 56.08
CA PRO I 46 -66.04 51.20 55.17
C PRO I 46 -66.88 50.58 54.06
N VAL I 47 -66.28 50.50 52.87
CA VAL I 47 -66.97 49.94 51.72
C VAL I 47 -66.88 48.42 51.76
N GLN I 48 -68.00 47.75 51.55
CA GLN I 48 -68.08 46.30 51.60
C GLN I 48 -68.25 45.75 50.19
N GLU I 49 -67.39 44.80 49.81
CA GLU I 49 -67.38 44.26 48.46
C GLU I 49 -67.67 42.76 48.48
N PHE I 50 -68.47 42.32 47.50
CA PHE I 50 -68.70 40.89 47.25
C PHE I 50 -68.68 40.65 45.75
N GLU I 51 -68.21 39.47 45.37
CA GLU I 51 -67.94 39.14 43.97
C GLU I 51 -69.04 38.26 43.39
N VAL I 52 -69.39 38.53 42.14
CA VAL I 52 -70.41 37.77 41.41
C VAL I 52 -69.88 37.41 40.03
N PRO I 53 -70.26 36.27 39.46
CA PRO I 53 -69.74 35.89 38.14
C PRO I 53 -70.12 36.89 37.06
N GLY I 54 -69.33 36.88 35.99
CA GLY I 54 -69.57 37.82 34.90
C GLY I 54 -70.84 37.54 34.14
N SER I 55 -71.25 36.27 34.06
CA SER I 55 -72.47 35.92 33.33
C SER I 55 -73.72 36.49 33.99
N LYS I 56 -73.68 36.78 35.28
CA LYS I 56 -74.85 37.31 35.97
C LYS I 56 -74.98 38.81 35.74
N SER I 57 -76.20 39.25 35.42
CA SER I 57 -76.52 40.66 35.30
C SER I 57 -77.24 41.21 36.51
N THR I 58 -77.51 40.38 37.52
CA THR I 58 -78.23 40.80 38.72
C THR I 58 -77.45 40.42 39.96
N ALA I 59 -77.82 41.04 41.07
CA ALA I 59 -77.21 40.75 42.36
C ALA I 59 -78.14 41.24 43.47
N THR I 60 -77.84 40.82 44.69
CA THR I 60 -78.63 41.18 45.87
C THR I 60 -77.71 41.65 46.98
N ILE I 61 -78.11 42.73 47.66
CA ILE I 61 -77.37 43.28 48.78
C ILE I 61 -78.27 43.26 50.00
N SER I 62 -77.75 42.76 51.11
CA SER I 62 -78.49 42.64 52.36
C SER I 62 -77.68 43.23 53.50
N GLY I 63 -78.33 43.36 54.66
CA GLY I 63 -77.68 43.91 55.82
C GLY I 63 -77.63 45.42 55.86
N LEU I 64 -78.45 46.08 55.05
CA LEU I 64 -78.45 47.53 54.94
C LEU I 64 -79.33 48.15 56.02
N LYS I 65 -79.01 49.39 56.37
CA LYS I 65 -79.84 50.11 57.35
C LYS I 65 -81.00 50.80 56.63
N PRO I 66 -82.22 50.67 57.12
CA PRO I 66 -83.35 51.29 56.42
C PRO I 66 -83.29 52.81 56.53
N GLY I 67 -83.69 53.48 55.45
CA GLY I 67 -83.74 54.93 55.45
C GLY I 67 -82.40 55.61 55.42
N VAL I 68 -81.32 54.88 55.11
CA VAL I 68 -79.97 55.41 55.10
C VAL I 68 -79.47 55.44 53.67
N ASP I 69 -78.82 56.55 53.30
CA ASP I 69 -78.30 56.69 51.95
C ASP I 69 -77.05 55.85 51.75
N TYR I 70 -77.12 54.90 50.83
CA TYR I 70 -75.99 54.04 50.48
C TYR I 70 -75.52 54.36 49.07
N THR I 71 -74.24 54.13 48.83
CA THR I 71 -73.66 54.25 47.51
C THR I 71 -73.32 52.85 47.02
N ILE I 72 -73.87 52.47 45.88
CA ILE I 72 -73.66 51.15 45.30
C ILE I 72 -72.89 51.31 44.01
N THR I 73 -71.77 50.60 43.92
CA THR I 73 -70.89 50.70 42.77
C THR I 73 -70.62 49.30 42.23
N VAL I 74 -70.70 49.15 40.92
CA VAL I 74 -70.37 47.88 40.27
C VAL I 74 -69.08 48.11 39.50
N TYR I 75 -68.01 47.46 39.95
CA TYR I 75 -66.75 47.49 39.21
C TYR I 75 -66.70 46.24 38.35
N ALA I 76 -66.35 46.40 37.07
CA ALA I 76 -66.26 45.28 36.15
C ALA I 76 -64.80 45.03 35.82
N SER I 77 -64.39 43.77 35.86
CA SER I 77 -63.03 43.37 35.48
C SER I 77 -63.12 42.60 34.17
N SER I 78 -63.11 43.33 33.06
CA SER I 78 -63.12 42.72 31.75
C SER I 78 -61.71 42.78 31.16
N LYS I 79 -61.58 42.36 29.91
CA LYS I 79 -60.31 42.53 29.22
C LYS I 79 -60.09 44.02 28.98
N HIS I 80 -58.82 44.43 29.03
CA HIS I 80 -58.44 45.84 28.86
C HIS I 80 -59.01 46.72 29.97
N SER I 81 -59.18 46.15 31.16
CA SER I 81 -59.65 46.88 32.32
C SER I 81 -59.33 46.07 33.56
N SER I 82 -59.19 46.74 34.69
CA SER I 82 -58.81 46.10 35.94
C SER I 82 -60.04 45.91 36.82
N ARG I 83 -59.84 45.27 37.97
CA ARG I 83 -60.97 44.91 38.81
C ARG I 83 -61.56 46.13 39.49
N TYR I 84 -60.75 47.16 39.73
CA TYR I 84 -61.19 48.42 40.29
CA TYR I 84 -61.22 48.41 40.29
C TYR I 84 -61.32 49.52 39.24
N ALA I 85 -61.23 49.16 37.96
CA ALA I 85 -61.36 50.09 36.86
C ALA I 85 -62.73 49.93 36.20
N SER I 86 -63.07 50.92 35.37
CA SER I 86 -64.35 50.99 34.68
C SER I 86 -65.54 50.80 35.63
N PRO I 87 -65.72 51.70 36.59
CA PRO I 87 -66.82 51.58 37.55
C PRO I 87 -68.09 52.25 37.07
N ILE I 88 -69.22 51.76 37.60
CA ILE I 88 -70.51 52.43 37.45
C ILE I 88 -71.11 52.57 38.83
N SER I 89 -71.60 53.77 39.15
CA SER I 89 -72.03 54.10 40.49
C SER I 89 -73.46 54.61 40.46
N ILE I 90 -74.20 54.26 41.51
CA ILE I 90 -75.53 54.82 41.77
C ILE I 90 -75.63 55.09 43.26
N ASN I 91 -76.63 55.88 43.63
CA ASN I 91 -76.93 56.16 45.03
C ASN I 91 -78.38 55.80 45.28
N TYR I 92 -78.63 55.06 46.35
CA TYR I 92 -79.97 54.60 46.68
C TYR I 92 -80.11 54.62 48.19
N ARG I 93 -81.28 55.04 48.64
CA ARG I 93 -81.57 55.21 50.06
C ARG I 93 -82.64 54.20 50.45
N THR I 94 -82.20 53.02 50.89
CA THR I 94 -83.05 51.91 51.33
C THR I 94 -84.20 52.24 52.30
N VAL J 3 33.24 -18.34 -24.76
CA VAL J 3 32.17 -17.54 -25.35
C VAL J 3 32.49 -17.29 -26.82
N SER J 4 31.44 -17.18 -27.64
CA SER J 4 31.57 -16.86 -29.07
C SER J 4 32.58 -17.78 -29.74
N SER J 5 32.58 -19.05 -29.33
CA SER J 5 33.58 -20.00 -29.78
C SER J 5 33.00 -21.06 -30.70
N VAL J 6 33.91 -21.74 -31.38
CA VAL J 6 33.64 -22.87 -32.27
C VAL J 6 34.29 -24.08 -31.58
N PRO J 7 34.25 -25.29 -32.16
CA PRO J 7 34.96 -26.40 -31.50
C PRO J 7 36.46 -26.19 -31.54
N THR J 8 37.12 -26.67 -30.49
CA THR J 8 38.54 -26.40 -30.28
C THR J 8 39.43 -27.11 -31.31
N LYS J 9 39.50 -28.43 -31.24
CA LYS J 9 40.33 -29.21 -32.14
C LYS J 9 39.48 -30.32 -32.77
N LEU J 10 40.13 -31.12 -33.61
CA LEU J 10 39.47 -32.23 -34.28
C LEU J 10 40.51 -33.20 -34.84
N GLU J 11 40.45 -34.47 -34.45
CA GLU J 11 41.42 -35.46 -34.88
C GLU J 11 40.70 -36.79 -35.10
N VAL J 12 41.33 -37.64 -35.92
CA VAL J 12 40.82 -38.97 -36.20
C VAL J 12 41.40 -39.95 -35.19
N VAL J 13 40.50 -40.54 -34.38
CA VAL J 13 40.91 -41.41 -33.30
C VAL J 13 41.18 -42.83 -33.80
N ALA J 14 40.35 -43.35 -34.70
CA ALA J 14 40.49 -44.69 -35.22
C ALA J 14 40.40 -44.67 -36.74
N ALA J 15 41.14 -45.57 -37.39
CA ALA J 15 41.22 -45.57 -38.83
C ALA J 15 41.23 -46.98 -39.38
N THR J 16 40.33 -47.24 -40.32
CA THR J 16 40.25 -48.45 -41.12
C THR J 16 40.28 -48.05 -42.58
N PRO J 17 40.72 -48.95 -43.48
CA PRO J 17 40.79 -48.60 -44.91
C PRO J 17 39.49 -48.08 -45.49
N THR J 18 38.34 -48.47 -44.94
CA THR J 18 37.04 -48.07 -45.48
C THR J 18 36.29 -47.07 -44.61
N SER J 19 36.69 -46.88 -43.36
CA SER J 19 35.93 -46.02 -42.46
C SER J 19 36.88 -45.30 -41.50
N LEU J 20 36.43 -44.14 -41.02
CA LEU J 20 37.19 -43.31 -40.11
C LEU J 20 36.29 -42.85 -38.97
N LEU J 21 36.89 -42.61 -37.81
CA LEU J 21 36.18 -42.08 -36.65
C LEU J 21 36.90 -40.84 -36.13
N ILE J 22 36.19 -39.72 -36.03
CA ILE J 22 36.75 -38.44 -35.60
C ILE J 22 36.14 -38.05 -34.27
N SER J 23 36.94 -37.34 -33.47
CA SER J 23 36.49 -36.82 -32.17
C SER J 23 36.95 -35.37 -32.04
N TRP J 24 36.09 -34.54 -31.46
CA TRP J 24 36.36 -33.12 -31.29
C TRP J 24 35.90 -32.66 -29.91
N ASP J 25 36.68 -31.78 -29.29
CA ASP J 25 36.24 -31.13 -28.07
C ASP J 25 35.22 -30.04 -28.40
N ALA J 26 34.15 -29.95 -27.59
CA ALA J 26 32.99 -29.12 -27.86
C ALA J 26 33.23 -27.68 -27.42
N PRO J 27 32.64 -26.73 -28.14
CA PRO J 27 32.68 -25.33 -27.69
C PRO J 27 31.85 -25.14 -26.44
N ALA J 28 32.18 -24.08 -25.70
CA ALA J 28 31.52 -23.81 -24.42
C ALA J 28 30.03 -23.55 -24.58
N VAL J 29 29.62 -22.98 -25.72
CA VAL J 29 28.20 -22.70 -25.93
C VAL J 29 27.42 -24.01 -26.10
N THR J 30 26.13 -23.93 -25.83
CA THR J 30 25.24 -25.09 -25.99
C THR J 30 25.12 -25.43 -27.47
N VAL J 31 25.48 -26.66 -27.84
CA VAL J 31 25.48 -27.08 -29.22
C VAL J 31 24.15 -27.77 -29.54
N TYR J 32 23.44 -27.25 -30.54
CA TYR J 32 22.17 -27.84 -30.95
C TYR J 32 22.40 -29.12 -31.74
N LEU J 33 23.26 -29.06 -32.75
CA LEU J 33 23.57 -30.23 -33.57
C LEU J 33 24.87 -29.97 -34.31
N TYR J 34 25.47 -31.05 -34.82
CA TYR J 34 26.67 -30.99 -35.62
C TYR J 34 26.38 -31.54 -37.02
N VAL J 35 26.93 -30.89 -38.04
CA VAL J 35 26.81 -31.33 -39.42
C VAL J 35 28.20 -31.72 -39.89
N ILE J 36 28.40 -33.01 -40.16
CA ILE J 36 29.68 -33.54 -40.60
C ILE J 36 29.64 -33.71 -42.10
N THR J 37 30.60 -33.11 -42.79
CA THR J 37 30.68 -33.14 -44.24
C THR J 37 32.03 -33.72 -44.65
N TYR J 38 32.01 -34.87 -45.33
CA TYR J 38 33.22 -35.47 -45.85
C TYR J 38 33.22 -35.35 -47.37
N GLY J 39 34.36 -34.96 -47.92
CA GLY J 39 34.49 -34.78 -49.35
C GLY J 39 35.92 -35.04 -49.80
N GLU J 40 36.07 -35.27 -51.09
CA GLU J 40 37.39 -35.45 -51.67
C GLU J 40 38.12 -34.12 -51.72
N THR J 41 39.45 -34.18 -51.64
CA THR J 41 40.25 -32.97 -51.57
C THR J 41 40.23 -32.19 -52.87
N GLY J 42 40.06 -32.87 -54.00
CA GLY J 42 40.06 -32.19 -55.29
C GLY J 42 38.67 -31.74 -55.70
N GLY J 43 38.60 -30.53 -56.24
CA GLY J 43 37.37 -29.97 -56.74
C GLY J 43 36.57 -30.85 -57.67
N ASN J 44 35.40 -30.34 -58.03
CA ASN J 44 34.38 -30.92 -58.89
C ASN J 44 33.79 -32.20 -58.35
N SER J 45 33.91 -32.45 -57.03
CA SER J 45 33.28 -33.56 -56.35
C SER J 45 32.26 -33.04 -55.36
N PRO J 46 31.00 -33.46 -55.41
CA PRO J 46 30.07 -33.01 -54.39
C PRO J 46 30.37 -33.67 -53.05
N VAL J 47 30.30 -32.86 -52.00
CA VAL J 47 30.56 -33.27 -50.62
C VAL J 47 29.30 -33.87 -49.99
N GLN J 48 29.48 -34.95 -49.24
CA GLN J 48 28.38 -35.67 -48.62
C GLN J 48 28.35 -35.36 -47.13
N GLU J 49 27.18 -34.95 -46.64
CA GLU J 49 26.98 -34.52 -45.26
C GLU J 49 25.95 -35.40 -44.56
N PHE J 50 26.23 -35.71 -43.29
CA PHE J 50 25.26 -36.37 -42.43
C PHE J 50 25.32 -35.69 -41.07
N GLU J 51 24.17 -35.66 -40.39
CA GLU J 51 24.01 -34.89 -39.16
C GLU J 51 24.09 -35.80 -37.93
N VAL J 52 24.71 -35.28 -36.88
CA VAL J 52 24.93 -36.00 -35.62
C VAL J 52 24.48 -35.10 -34.49
N PRO J 53 23.92 -35.63 -33.40
CA PRO J 53 23.48 -34.76 -32.30
C PRO J 53 24.62 -33.98 -31.67
N GLY J 54 24.27 -32.86 -31.03
CA GLY J 54 25.25 -31.99 -30.42
C GLY J 54 25.94 -32.59 -29.21
N SER J 55 25.25 -33.46 -28.48
CA SER J 55 25.85 -34.04 -27.27
C SER J 55 27.05 -34.92 -27.59
N LYS J 56 27.16 -35.43 -28.82
CA LYS J 56 28.25 -36.31 -29.18
C LYS J 56 29.51 -35.50 -29.48
N SER J 57 30.64 -35.95 -28.94
CA SER J 57 31.94 -35.39 -29.26
C SER J 57 32.70 -36.25 -30.26
N THR J 58 32.13 -37.40 -30.65
CA THR J 58 32.73 -38.32 -31.59
C THR J 58 31.74 -38.63 -32.70
N ALA J 59 32.25 -39.21 -33.79
CA ALA J 59 31.39 -39.59 -34.89
C ALA J 59 32.11 -40.63 -35.74
N THR J 60 31.35 -41.25 -36.65
CA THR J 60 31.86 -42.30 -37.51
C THR J 60 31.46 -42.02 -38.95
N ILE J 61 32.40 -42.18 -39.87
CA ILE J 61 32.18 -42.00 -41.30
C ILE J 61 32.54 -43.31 -41.98
N SER J 62 31.67 -43.78 -42.87
CA SER J 62 31.89 -45.04 -43.57
C SER J 62 31.74 -44.84 -45.06
N GLY J 63 32.10 -45.87 -45.82
CA GLY J 63 32.02 -45.80 -47.26
C GLY J 63 33.17 -45.10 -47.92
N LEU J 64 34.31 -44.94 -47.24
CA LEU J 64 35.42 -44.20 -47.80
C LEU J 64 36.25 -45.08 -48.71
N LYS J 65 36.87 -44.44 -49.71
CA LYS J 65 37.77 -45.16 -50.61
C LYS J 65 39.20 -45.13 -50.09
N PRO J 66 39.91 -46.26 -50.09
CA PRO J 66 41.27 -46.28 -49.54
C PRO J 66 42.26 -45.50 -50.40
N GLY J 67 43.22 -44.88 -49.72
CA GLY J 67 44.28 -44.17 -50.41
C GLY J 67 43.88 -42.85 -51.04
N VAL J 68 42.74 -42.29 -50.66
CA VAL J 68 42.25 -41.02 -51.19
C VAL J 68 42.30 -39.98 -50.10
N ASP J 69 42.82 -38.80 -50.42
CA ASP J 69 42.89 -37.71 -49.46
C ASP J 69 41.50 -37.07 -49.33
N TYR J 70 40.94 -37.12 -48.13
CA TYR J 70 39.62 -36.56 -47.87
C TYR J 70 39.72 -35.36 -46.95
N THR J 71 38.77 -34.44 -47.12
CA THR J 71 38.61 -33.28 -46.25
C THR J 71 37.32 -33.45 -45.47
N ILE J 72 37.41 -33.44 -44.15
CA ILE J 72 36.26 -33.61 -43.27
C ILE J 72 36.07 -32.33 -42.47
N THR J 73 34.85 -31.81 -42.49
CA THR J 73 34.52 -30.56 -41.80
C THR J 73 33.33 -30.77 -40.90
N VAL J 74 33.40 -30.23 -39.68
CA VAL J 74 32.32 -30.30 -38.70
C VAL J 74 31.75 -28.90 -38.50
N TYR J 75 30.49 -28.74 -38.86
CA TYR J 75 29.77 -27.49 -38.61
C TYR J 75 28.99 -27.57 -37.31
N ALA J 76 29.08 -26.51 -36.50
CA ALA J 76 28.39 -26.44 -35.22
C ALA J 76 27.22 -25.48 -35.31
N SER J 77 26.08 -25.90 -34.75
CA SER J 77 24.85 -25.10 -34.72
C SER J 77 24.57 -24.60 -33.31
N SER J 78 25.07 -23.41 -33.00
CA SER J 78 24.81 -22.78 -31.71
C SER J 78 23.68 -21.77 -31.87
N LYS J 79 23.41 -20.99 -30.82
CA LYS J 79 22.41 -19.93 -30.94
C LYS J 79 22.85 -18.84 -31.90
N HIS J 80 24.03 -18.27 -31.68
CA HIS J 80 24.57 -17.21 -32.54
C HIS J 80 25.46 -17.77 -33.65
N SER J 81 25.18 -18.99 -34.09
CA SER J 81 25.91 -19.62 -35.19
C SER J 81 24.95 -20.58 -35.85
N SER J 82 24.65 -20.34 -37.13
CA SER J 82 23.66 -21.16 -37.80
C SER J 82 24.36 -22.30 -38.53
N ARG J 83 23.59 -23.11 -39.24
CA ARG J 83 24.15 -24.31 -39.83
C ARG J 83 25.06 -23.93 -40.99
N TYR J 84 26.25 -24.53 -41.02
CA TYR J 84 27.35 -24.22 -41.93
C TYR J 84 28.09 -22.94 -41.56
N ALA J 85 28.03 -22.49 -40.30
CA ALA J 85 28.65 -21.23 -39.92
C ALA J 85 29.79 -21.36 -38.90
N SER J 86 30.05 -22.55 -38.37
CA SER J 86 31.10 -22.77 -37.38
C SER J 86 31.93 -23.97 -37.79
N PRO J 87 32.68 -23.87 -38.89
CA PRO J 87 33.39 -25.03 -39.40
C PRO J 87 34.78 -25.25 -38.79
N ILE J 88 35.14 -26.53 -38.71
CA ILE J 88 36.50 -26.96 -38.42
C ILE J 88 36.83 -28.10 -39.37
N SER J 89 37.98 -28.03 -40.04
CA SER J 89 38.30 -28.96 -41.12
C SER J 89 39.68 -29.57 -40.92
N ILE J 90 39.82 -30.83 -41.36
CA ILE J 90 41.11 -31.51 -41.44
C ILE J 90 41.17 -32.28 -42.75
N ASN J 91 42.37 -32.70 -43.12
CA ASN J 91 42.59 -33.54 -44.29
C ASN J 91 43.38 -34.77 -43.87
N TYR J 92 42.88 -35.96 -44.22
CA TYR J 92 43.51 -37.21 -43.82
C TYR J 92 43.21 -38.29 -44.85
N ARG J 93 44.17 -39.22 -45.02
CA ARG J 93 44.01 -40.34 -45.93
C ARG J 93 43.85 -41.62 -45.13
N THR J 94 42.81 -42.38 -45.46
CA THR J 94 42.50 -43.63 -44.77
C THR J 94 43.13 -44.82 -45.49
N VAL K 3 44.94 -49.81 -18.65
CA VAL K 3 45.21 -50.33 -17.32
C VAL K 3 46.71 -50.40 -17.06
N SER K 4 47.48 -49.68 -17.88
CA SER K 4 48.92 -49.58 -17.69
C SER K 4 49.32 -48.39 -16.84
N SER K 5 48.36 -47.73 -16.19
CA SER K 5 48.56 -46.51 -15.41
C SER K 5 49.55 -45.56 -16.04
N VAL K 6 49.24 -45.04 -17.23
CA VAL K 6 50.10 -44.06 -17.88
C VAL K 6 49.32 -42.76 -18.07
N PRO K 7 49.98 -41.59 -18.07
CA PRO K 7 49.29 -40.33 -18.41
C PRO K 7 49.50 -39.94 -19.86
N THR K 8 48.54 -39.25 -20.50
CA THR K 8 48.68 -38.90 -21.90
C THR K 8 48.15 -37.49 -22.13
N LYS K 9 48.26 -37.01 -23.37
CA LYS K 9 47.84 -35.66 -23.77
C LYS K 9 48.42 -34.60 -22.85
N LEU K 10 49.75 -34.48 -22.87
CA LEU K 10 50.44 -33.49 -22.05
C LEU K 10 51.17 -32.52 -22.96
N GLU K 11 50.80 -31.26 -22.86
CA GLU K 11 51.37 -30.19 -23.67
C GLU K 11 51.35 -28.92 -22.85
N VAL K 12 52.17 -27.96 -23.24
CA VAL K 12 52.13 -26.63 -22.63
C VAL K 12 51.09 -25.83 -23.40
N VAL K 13 49.99 -25.52 -22.71
CA VAL K 13 48.86 -24.85 -23.36
C VAL K 13 49.11 -23.35 -23.46
N ALA K 14 49.68 -22.77 -22.42
CA ALA K 14 50.02 -21.35 -22.38
C ALA K 14 51.45 -21.24 -21.88
N ALA K 15 52.18 -20.27 -22.44
CA ALA K 15 53.61 -20.13 -22.17
C ALA K 15 53.96 -18.66 -22.09
N THR K 16 54.70 -18.31 -21.05
CA THR K 16 55.25 -16.98 -20.84
C THR K 16 56.77 -17.08 -20.76
N PRO K 17 57.51 -16.02 -21.15
CA PRO K 17 58.98 -16.08 -21.04
C PRO K 17 59.48 -16.45 -19.66
N THR K 18 58.69 -16.22 -18.61
CA THR K 18 59.08 -16.52 -17.25
C THR K 18 58.31 -17.69 -16.64
N SER K 19 57.19 -18.10 -17.22
CA SER K 19 56.35 -19.15 -16.64
C SER K 19 55.67 -19.96 -17.73
N LEU K 20 55.34 -21.21 -17.40
CA LEU K 20 54.66 -22.09 -18.34
C LEU K 20 53.49 -22.75 -17.62
N LEU K 21 52.48 -23.14 -18.40
CA LEU K 21 51.32 -23.87 -17.87
C LEU K 21 51.16 -25.14 -18.68
N ILE K 22 51.19 -26.29 -17.99
CA ILE K 22 51.08 -27.58 -18.65
C ILE K 22 49.78 -28.24 -18.23
N SER K 23 49.20 -29.01 -19.14
CA SER K 23 47.99 -29.76 -18.88
C SER K 23 48.15 -31.17 -19.44
N TRP K 24 47.65 -32.16 -18.70
CA TRP K 24 47.73 -33.55 -19.11
C TRP K 24 46.41 -34.23 -18.81
N ASP K 25 45.97 -35.09 -19.73
CA ASP K 25 44.80 -35.92 -19.48
C ASP K 25 45.17 -37.08 -18.56
N ALA K 26 44.27 -37.36 -17.63
CA ALA K 26 44.53 -38.32 -16.56
C ALA K 26 44.27 -39.74 -17.03
N PRO K 27 45.00 -40.72 -16.50
CA PRO K 27 44.70 -42.12 -16.81
C PRO K 27 43.35 -42.53 -16.22
N ALA K 28 42.78 -43.57 -16.82
CA ALA K 28 41.45 -44.02 -16.43
C ALA K 28 41.42 -44.49 -14.98
N VAL K 29 42.54 -45.01 -14.48
CA VAL K 29 42.59 -45.45 -13.10
C VAL K 29 42.53 -44.24 -12.16
N THR K 30 42.12 -44.49 -10.93
CA THR K 30 42.06 -43.44 -9.92
C THR K 30 43.48 -43.00 -9.57
N VAL K 31 43.73 -41.71 -9.73
CA VAL K 31 45.06 -41.13 -9.52
C VAL K 31 45.17 -40.64 -8.08
N TYR K 32 46.18 -41.13 -7.37
CA TYR K 32 46.42 -40.69 -6.00
C TYR K 32 47.03 -39.29 -5.98
N LEU K 33 48.12 -39.10 -6.72
CA LEU K 33 48.77 -37.80 -6.82
C LEU K 33 49.70 -37.82 -8.03
N TYR K 34 50.15 -36.63 -8.43
CA TYR K 34 51.10 -36.47 -9.52
C TYR K 34 52.38 -35.82 -9.01
N VAL K 35 53.51 -36.32 -9.49
CA VAL K 35 54.83 -35.74 -9.21
C VAL K 35 55.41 -35.24 -10.52
N ILE K 36 55.54 -33.91 -10.64
CA ILE K 36 56.07 -33.27 -11.84
C ILE K 36 57.52 -32.89 -11.61
N THR K 37 58.39 -33.31 -12.52
CA THR K 37 59.82 -33.04 -12.46
C THR K 37 60.21 -32.24 -13.69
N TYR K 38 60.66 -31.00 -13.47
CA TYR K 38 61.11 -30.10 -14.52
C TYR K 38 62.62 -29.93 -14.44
N GLY K 39 63.28 -29.95 -15.59
CA GLY K 39 64.71 -29.76 -15.61
C GLY K 39 65.21 -29.13 -16.89
N GLU K 40 66.38 -28.52 -16.77
CA GLU K 40 67.13 -27.92 -17.86
C GLU K 40 67.84 -29.00 -18.68
N THR K 41 68.16 -28.64 -19.93
CA THR K 41 68.81 -29.60 -20.81
C THR K 41 70.21 -29.95 -20.33
N GLY K 42 70.88 -29.01 -19.65
CA GLY K 42 72.22 -29.27 -19.15
C GLY K 42 72.18 -30.04 -17.85
N GLY K 43 72.99 -31.11 -17.77
CA GLY K 43 73.04 -31.94 -16.57
C GLY K 43 73.22 -31.16 -15.29
N ASN K 44 74.00 -30.08 -15.31
CA ASN K 44 74.28 -29.24 -14.13
C ASN K 44 73.10 -29.05 -13.17
N SER K 45 71.90 -28.91 -13.71
CA SER K 45 70.72 -28.77 -12.88
C SER K 45 70.45 -30.06 -12.12
N PRO K 46 70.32 -30.00 -10.78
CA PRO K 46 69.97 -31.22 -10.02
C PRO K 46 68.52 -31.63 -10.22
N VAL K 47 68.04 -32.56 -9.41
CA VAL K 47 66.68 -33.06 -9.55
C VAL K 47 65.70 -32.09 -8.88
N GLN K 48 64.67 -31.70 -9.63
CA GLN K 48 63.65 -30.76 -9.15
C GLN K 48 62.32 -31.51 -9.08
N GLU K 49 61.69 -31.48 -7.91
CA GLU K 49 60.42 -32.18 -7.70
C GLU K 49 59.36 -31.18 -7.25
N PHE K 50 58.16 -31.30 -7.82
CA PHE K 50 57.00 -30.57 -7.32
C PHE K 50 55.78 -31.48 -7.37
N GLU K 51 54.94 -31.38 -6.34
CA GLU K 51 53.80 -32.27 -6.16
C GLU K 51 52.49 -31.52 -6.42
N VAL K 52 51.56 -32.18 -7.09
CA VAL K 52 50.23 -31.62 -7.38
C VAL K 52 49.20 -32.69 -7.08
N PRO K 53 47.99 -32.32 -6.64
CA PRO K 53 46.98 -33.33 -6.32
C PRO K 53 46.60 -34.16 -7.54
N GLY K 54 46.12 -35.38 -7.28
CA GLY K 54 45.76 -36.27 -8.36
C GLY K 54 44.53 -35.80 -9.13
N SER K 55 43.59 -35.15 -8.45
CA SER K 55 42.37 -34.69 -9.12
C SER K 55 42.66 -33.61 -10.15
N LYS K 56 43.78 -32.91 -10.04
CA LYS K 56 44.09 -31.82 -10.95
C LYS K 56 44.69 -32.37 -12.23
N SER K 57 44.23 -31.86 -13.37
CA SER K 57 44.79 -32.23 -14.67
C SER K 57 45.76 -31.20 -15.22
N THR K 58 45.97 -30.08 -14.52
CA THR K 58 46.86 -29.03 -14.97
C THR K 58 47.84 -28.67 -13.87
N ALA K 59 48.90 -27.95 -14.25
CA ALA K 59 49.89 -27.47 -13.31
C ALA K 59 50.63 -26.29 -13.93
N THR K 60 51.34 -25.56 -13.10
CA THR K 60 52.08 -24.38 -13.51
C THR K 60 53.50 -24.41 -12.94
N ILE K 61 54.47 -24.09 -13.78
CA ILE K 61 55.87 -24.02 -13.39
C ILE K 61 56.37 -22.61 -13.68
N SER K 62 57.06 -22.01 -12.73
CA SER K 62 57.52 -20.63 -12.85
C SER K 62 59.02 -20.55 -12.58
N GLY K 63 59.58 -19.37 -12.84
CA GLY K 63 60.99 -19.12 -12.65
C GLY K 63 61.88 -19.60 -13.79
N LEU K 64 61.31 -19.87 -14.96
CA LEU K 64 62.06 -20.40 -16.08
C LEU K 64 62.68 -19.27 -16.90
N LYS K 65 63.78 -19.59 -17.57
CA LYS K 65 64.44 -18.65 -18.48
C LYS K 65 63.88 -18.80 -19.89
N PRO K 66 63.56 -17.70 -20.58
CA PRO K 66 63.01 -17.81 -21.94
C PRO K 66 64.05 -18.30 -22.93
N GLY K 67 63.58 -19.02 -23.94
CA GLY K 67 64.44 -19.50 -25.01
C GLY K 67 65.32 -20.68 -24.66
N VAL K 68 65.03 -21.39 -23.57
CA VAL K 68 65.81 -22.56 -23.16
C VAL K 68 64.95 -23.79 -23.32
N ASP K 69 65.49 -24.83 -23.95
CA ASP K 69 64.74 -26.08 -24.12
C ASP K 69 64.75 -26.87 -22.82
N TYR K 70 63.57 -27.13 -22.29
CA TYR K 70 63.44 -27.85 -21.01
C TYR K 70 62.88 -29.24 -21.24
N THR K 71 63.24 -30.15 -20.36
CA THR K 71 62.64 -31.48 -20.30
C THR K 71 61.80 -31.61 -19.04
N ILE K 72 60.51 -31.85 -19.21
CA ILE K 72 59.56 -31.97 -18.12
C ILE K 72 58.93 -33.35 -18.19
N THR K 73 58.93 -34.06 -17.05
CA THR K 73 58.38 -35.40 -16.95
C THR K 73 57.35 -35.43 -15.83
N VAL K 74 56.22 -36.09 -16.09
CA VAL K 74 55.12 -36.19 -15.12
C VAL K 74 55.03 -37.64 -14.63
N TYR K 75 55.24 -37.82 -13.33
CA TYR K 75 55.08 -39.11 -12.67
C TYR K 75 53.69 -39.26 -12.06
N ALA K 76 53.09 -40.43 -12.26
CA ALA K 76 51.76 -40.76 -11.76
C ALA K 76 51.87 -41.77 -10.62
N SER K 77 51.06 -41.57 -9.58
CA SER K 77 50.99 -42.45 -8.41
C SER K 77 49.68 -43.24 -8.47
N SER K 78 49.73 -44.42 -9.07
CA SER K 78 48.55 -45.28 -9.18
C SER K 78 48.57 -46.34 -8.08
N LYS K 79 47.61 -47.27 -8.14
CA LYS K 79 47.58 -48.38 -7.19
C LYS K 79 48.77 -49.30 -7.38
N HIS K 80 48.92 -49.85 -8.59
CA HIS K 80 50.01 -50.75 -8.92
C HIS K 80 51.26 -50.00 -9.36
N SER K 81 51.47 -48.81 -8.81
CA SER K 81 52.63 -47.99 -9.13
C SER K 81 53.31 -47.55 -7.84
N SER K 82 54.51 -46.97 -8.01
CA SER K 82 55.33 -46.55 -6.88
C SER K 82 55.99 -45.21 -7.23
N ARG K 83 55.16 -44.18 -7.40
CA ARG K 83 55.57 -42.86 -7.85
C ARG K 83 56.06 -42.83 -9.31
N TYR K 84 56.47 -43.97 -9.85
CA TYR K 84 57.04 -43.97 -11.19
C TYR K 84 56.18 -44.76 -12.18
N ALA K 85 54.94 -44.35 -12.39
CA ALA K 85 54.02 -45.05 -13.27
C ALA K 85 54.16 -44.50 -14.68
N SER K 86 54.86 -45.24 -15.55
CA SER K 86 55.11 -44.91 -16.95
C SER K 86 55.11 -43.40 -17.17
N PRO K 87 56.09 -42.66 -16.67
CA PRO K 87 56.04 -41.21 -16.79
C PRO K 87 56.29 -40.79 -18.22
N ILE K 88 55.76 -39.62 -18.58
CA ILE K 88 55.82 -39.12 -19.94
C ILE K 88 56.44 -37.74 -19.95
N SER K 89 57.37 -37.52 -20.87
CA SER K 89 58.22 -36.34 -20.89
C SER K 89 58.13 -35.66 -22.25
N ILE K 90 58.31 -34.34 -22.25
CA ILE K 90 58.41 -33.57 -23.48
C ILE K 90 59.57 -32.58 -23.35
N ASN K 91 59.97 -32.05 -24.51
CA ASN K 91 61.02 -31.06 -24.60
C ASN K 91 60.49 -29.86 -25.36
N TYR K 92 60.69 -28.67 -24.81
CA TYR K 92 60.20 -27.43 -25.40
C TYR K 92 61.20 -26.33 -25.12
N ARG K 93 61.36 -25.43 -26.10
CA ARG K 93 62.28 -24.31 -26.02
C ARG K 93 61.43 -23.06 -25.88
N THR K 94 61.23 -22.64 -24.63
CA THR K 94 60.37 -21.52 -24.25
C THR K 94 60.40 -20.31 -25.21
N VAL L 3 34.50 22.56 9.93
CA VAL L 3 35.66 21.71 10.13
C VAL L 3 35.25 20.30 10.55
N SER L 4 34.65 20.19 11.74
CA SER L 4 34.10 18.94 12.23
C SER L 4 33.19 18.31 11.18
N SER L 5 33.42 17.03 10.90
CA SER L 5 32.68 16.34 9.84
C SER L 5 32.22 14.98 10.31
N VAL L 6 31.00 14.63 9.92
CA VAL L 6 30.38 13.33 10.16
C VAL L 6 30.26 12.71 8.77
N PRO L 7 29.99 11.41 8.65
CA PRO L 7 29.76 10.86 7.30
C PRO L 7 28.67 11.63 6.58
N THR L 8 28.78 11.69 5.25
CA THR L 8 27.92 12.59 4.50
C THR L 8 26.71 11.86 3.94
N LYS L 9 26.89 10.64 3.45
CA LYS L 9 25.79 9.86 2.92
C LYS L 9 26.00 8.41 3.30
N LEU L 10 24.93 7.63 3.15
CA LEU L 10 24.97 6.20 3.44
C LEU L 10 23.95 5.53 2.52
N GLU L 11 24.42 4.59 1.69
CA GLU L 11 23.55 3.95 0.73
C GLU L 11 23.95 2.49 0.58
N VAL L 12 23.00 1.68 0.14
CA VAL L 12 23.24 0.31 -0.22
C VAL L 12 23.51 0.29 -1.72
N VAL L 13 24.74 -0.02 -2.11
CA VAL L 13 25.11 0.03 -3.52
C VAL L 13 24.61 -1.21 -4.26
N ALA L 14 24.74 -2.38 -3.64
CA ALA L 14 24.26 -3.62 -4.21
C ALA L 14 23.47 -4.38 -3.15
N ALA L 15 22.39 -5.03 -3.56
CA ALA L 15 21.53 -5.69 -2.59
C ALA L 15 20.95 -6.97 -3.17
N THR L 16 21.07 -8.05 -2.40
CA THR L 16 20.41 -9.33 -2.64
C THR L 16 19.62 -9.65 -1.38
N PRO L 17 18.58 -10.48 -1.48
CA PRO L 17 17.72 -10.74 -0.30
C PRO L 17 18.45 -11.17 0.96
N THR L 18 19.62 -11.80 0.87
CA THR L 18 20.32 -12.26 2.06
C THR L 18 21.55 -11.44 2.41
N SER L 19 22.06 -10.61 1.50
CA SER L 19 23.28 -9.86 1.78
C SER L 19 23.21 -8.50 1.10
N LEU L 20 23.87 -7.52 1.70
CA LEU L 20 23.89 -6.16 1.19
C LEU L 20 25.31 -5.62 1.24
N LEU L 21 25.56 -4.63 0.40
CA LEU L 21 26.81 -3.88 0.40
C LEU L 21 26.48 -2.41 0.59
N ILE L 22 27.09 -1.81 1.60
CA ILE L 22 26.80 -0.43 1.96
C ILE L 22 28.00 0.44 1.63
N SER L 23 27.72 1.70 1.31
CA SER L 23 28.74 2.68 1.01
C SER L 23 28.40 3.97 1.74
N TRP L 24 29.44 4.64 2.23
CA TRP L 24 29.27 5.89 2.96
C TRP L 24 30.32 6.87 2.51
N ASP L 25 29.91 8.13 2.39
CA ASP L 25 30.84 9.20 2.05
C ASP L 25 31.73 9.52 3.26
N ALA L 26 33.00 9.74 3.01
CA ALA L 26 33.90 9.86 4.14
C ALA L 26 33.87 11.27 4.71
N PRO L 27 33.98 11.41 6.03
CA PRO L 27 34.10 12.75 6.62
C PRO L 27 35.46 13.36 6.28
N ALA L 28 35.48 14.70 6.31
CA ALA L 28 36.70 15.42 5.96
C ALA L 28 37.83 15.13 6.95
N VAL L 29 37.48 14.88 8.22
CA VAL L 29 38.48 14.57 9.22
C VAL L 29 39.06 13.17 8.96
N THR L 30 40.27 12.95 9.47
CA THR L 30 40.89 11.63 9.37
C THR L 30 40.13 10.63 10.22
N VAL L 31 39.67 9.56 9.60
CA VAL L 31 38.85 8.55 10.28
C VAL L 31 39.75 7.44 10.79
N TYR L 32 39.67 7.17 12.10
CA TYR L 32 40.47 6.10 12.67
C TYR L 32 39.92 4.73 12.28
N LEU L 33 38.62 4.52 12.48
CA LEU L 33 37.98 3.27 12.10
C LEU L 33 36.47 3.50 12.04
N TYR L 34 35.77 2.54 11.44
CA TYR L 34 34.32 2.57 11.35
C TYR L 34 33.74 1.36 12.07
N VAL L 35 32.65 1.58 12.80
CA VAL L 35 31.90 0.51 13.45
C VAL L 35 30.51 0.49 12.82
N ILE L 36 30.22 -0.56 12.05
CA ILE L 36 28.94 -0.70 11.37
C ILE L 36 28.10 -1.71 12.16
N THR L 37 26.91 -1.29 12.56
CA THR L 37 26.00 -2.14 13.33
C THR L 37 24.65 -2.22 12.62
N TYR L 38 24.27 -3.43 12.24
CA TYR L 38 22.98 -3.68 11.62
C TYR L 38 22.09 -4.44 12.60
N GLY L 39 20.81 -4.06 12.66
CA GLY L 39 19.88 -4.70 13.55
C GLY L 39 18.46 -4.67 13.02
N GLU L 40 17.63 -5.56 13.56
CA GLU L 40 16.23 -5.61 13.19
C GLU L 40 15.45 -4.45 13.81
N THR L 41 14.41 -4.03 13.11
CA THR L 41 13.60 -2.91 13.57
C THR L 41 12.76 -3.31 14.77
N GLY L 42 12.83 -2.52 15.84
CA GLY L 42 12.06 -2.80 17.04
C GLY L 42 12.88 -3.41 18.16
N GLY L 43 12.16 -4.02 19.10
CA GLY L 43 12.76 -4.66 20.25
C GLY L 43 12.93 -6.17 20.07
N ASN L 44 13.56 -6.78 21.08
CA ASN L 44 13.87 -8.21 21.09
C ASN L 44 14.68 -8.62 19.86
N SER L 45 15.46 -7.67 19.33
CA SER L 45 16.35 -7.90 18.20
C SER L 45 17.80 -7.88 18.64
N PRO L 46 18.57 -8.94 18.39
CA PRO L 46 20.01 -8.90 18.70
C PRO L 46 20.76 -8.01 17.73
N VAL L 47 21.34 -6.94 18.24
CA VAL L 47 22.08 -5.99 17.40
C VAL L 47 23.49 -6.52 17.16
N GLN L 48 23.92 -6.51 15.90
CA GLN L 48 25.21 -7.05 15.49
C GLN L 48 26.15 -5.95 15.03
N GLU L 49 27.38 -5.94 15.57
CA GLU L 49 28.40 -4.95 15.27
C GLU L 49 29.61 -5.62 14.64
N PHE L 50 30.16 -5.01 13.59
CA PHE L 50 31.45 -5.43 13.05
C PHE L 50 32.26 -4.20 12.67
N GLU L 51 33.58 -4.31 12.79
CA GLU L 51 34.50 -3.19 12.65
C GLU L 51 35.18 -3.21 11.29
N VAL L 52 35.39 -2.02 10.73
CA VAL L 52 36.00 -1.85 9.40
C VAL L 52 37.12 -0.81 9.49
N PRO L 53 38.22 -0.97 8.74
CA PRO L 53 39.29 0.03 8.79
C PRO L 53 38.82 1.40 8.30
N GLY L 54 39.55 2.43 8.74
CA GLY L 54 39.18 3.79 8.39
C GLY L 54 39.34 4.10 6.91
N SER L 55 40.28 3.45 6.23
CA SER L 55 40.51 3.70 4.82
C SER L 55 39.33 3.29 3.95
N LYS L 56 38.50 2.36 4.42
CA LYS L 56 37.38 1.88 3.63
C LYS L 56 36.18 2.81 3.74
N SER L 57 35.58 3.13 2.59
CA SER L 57 34.32 3.85 2.52
C SER L 57 33.15 2.92 2.24
N THR L 58 33.42 1.63 2.06
CA THR L 58 32.40 0.63 1.75
C THR L 58 32.50 -0.53 2.72
N ALA L 59 31.45 -1.34 2.75
CA ALA L 59 31.41 -2.52 3.61
C ALA L 59 30.36 -3.47 3.07
N THR L 60 30.37 -4.69 3.60
CA THR L 60 29.46 -5.74 3.18
C THR L 60 28.81 -6.38 4.40
N ILE L 61 27.49 -6.58 4.32
CA ILE L 61 26.71 -7.18 5.39
C ILE L 61 26.02 -8.43 4.84
N SER L 62 26.11 -9.53 5.58
CA SER L 62 25.52 -10.79 5.18
C SER L 62 24.69 -11.37 6.33
N GLY L 63 23.94 -12.43 6.02
CA GLY L 63 23.12 -13.09 7.01
C GLY L 63 21.79 -12.45 7.30
N LEU L 64 21.31 -11.57 6.44
CA LEU L 64 20.06 -10.87 6.71
C LEU L 64 18.86 -11.70 6.25
N LYS L 65 17.70 -11.45 6.87
CA LYS L 65 16.48 -12.13 6.48
C LYS L 65 15.80 -11.36 5.35
N PRO L 66 15.37 -12.04 4.29
CA PRO L 66 14.74 -11.33 3.18
C PRO L 66 13.37 -10.78 3.55
N GLY L 67 13.07 -9.60 3.02
CA GLY L 67 11.76 -8.99 3.24
C GLY L 67 11.52 -8.44 4.63
N VAL L 68 12.55 -8.30 5.45
CA VAL L 68 12.42 -7.77 6.80
C VAL L 68 13.13 -6.43 6.85
N ASP L 69 12.48 -5.42 7.44
CA ASP L 69 13.07 -4.09 7.53
C ASP L 69 14.12 -4.05 8.62
N TYR L 70 15.36 -3.76 8.22
CA TYR L 70 16.47 -3.61 9.16
C TYR L 70 16.92 -2.16 9.17
N THR L 71 17.49 -1.74 10.30
CA THR L 71 18.10 -0.43 10.43
C THR L 71 19.61 -0.59 10.50
N ILE L 72 20.32 0.08 9.59
CA ILE L 72 21.77 0.00 9.51
C ILE L 72 22.32 1.38 9.81
N THR L 73 23.20 1.48 10.80
CA THR L 73 23.80 2.74 11.17
C THR L 73 25.32 2.56 11.27
N VAL L 74 26.05 3.55 10.78
CA VAL L 74 27.52 3.53 10.79
C VAL L 74 28.01 4.57 11.79
N TYR L 75 28.69 4.10 12.83
CA TYR L 75 29.36 4.98 13.78
C TYR L 75 30.80 5.17 13.32
N ALA L 76 31.27 6.41 13.34
CA ALA L 76 32.61 6.76 12.91
C ALA L 76 33.48 7.13 14.10
N SER L 77 34.72 6.66 14.09
CA SER L 77 35.71 6.98 15.10
C SER L 77 36.68 7.97 14.45
N SER L 78 36.34 9.25 14.57
CA SER L 78 37.07 10.37 13.99
C SER L 78 37.98 11.03 15.01
N LYS L 79 38.49 12.21 14.62
CA LYS L 79 39.32 13.04 15.48
C LYS L 79 38.54 13.47 16.72
N HIS L 80 39.29 13.96 17.72
CA HIS L 80 38.78 14.40 19.00
C HIS L 80 38.30 13.22 19.84
N SER L 81 38.91 12.06 19.63
CA SER L 81 38.62 10.84 20.38
C SER L 81 37.14 10.48 20.27
N SER L 82 36.63 10.39 19.05
CA SER L 82 35.23 10.10 18.84
C SER L 82 35.08 8.61 18.67
N ARG L 83 34.06 8.04 19.32
CA ARG L 83 33.96 6.60 19.47
C ARG L 83 32.51 6.21 19.64
N TYR L 84 31.99 5.41 18.70
CA TYR L 84 30.66 4.81 18.80
C TYR L 84 29.55 5.84 19.02
N ALA L 85 29.76 7.10 18.62
CA ALA L 85 28.78 8.13 18.90
C ALA L 85 28.69 9.16 17.78
N SER L 86 29.04 8.78 16.56
CA SER L 86 28.94 9.65 15.38
C SER L 86 28.21 8.88 14.29
N PRO L 87 26.93 8.56 14.52
CA PRO L 87 26.22 7.69 13.58
C PRO L 87 25.55 8.39 12.41
N ILE L 88 25.42 7.62 11.33
CA ILE L 88 24.56 7.94 10.20
C ILE L 88 23.72 6.71 9.93
N SER L 89 22.41 6.89 9.78
CA SER L 89 21.52 5.75 9.78
C SER L 89 20.62 5.71 8.55
N ILE L 90 20.36 4.48 8.07
CA ILE L 90 19.35 4.22 7.07
C ILE L 90 18.63 2.93 7.46
N ASN L 91 17.46 2.71 6.87
CA ASN L 91 16.72 1.48 7.07
C ASN L 91 16.33 0.89 5.73
N TYR L 92 16.51 -0.41 5.58
CA TYR L 92 16.26 -1.09 4.31
C TYR L 92 15.69 -2.47 4.59
N ARG L 93 14.72 -2.87 3.77
CA ARG L 93 13.98 -4.11 3.94
C ARG L 93 14.27 -5.15 2.87
N THR L 94 15.09 -4.81 1.87
CA THR L 94 15.44 -5.71 0.77
C THR L 94 14.20 -6.12 -0.03
#